data_2HD7
#
_entry.id   2HD7
#
_cell.length_a   1.000
_cell.length_b   1.000
_cell.length_c   1.000
_cell.angle_alpha   90.00
_cell.angle_beta   90.00
_cell.angle_gamma   90.00
#
_symmetry.space_group_name_H-M   'P 1'
#
_entity_poly.entity_id   1
_entity_poly.type   'polypeptide(L)'
_entity_poly.pdbx_seq_one_letter_code
;AQGVAFPISRDAFQALEKLSKKQLNYVQLEIDIKNETIILANTENTELRDLPKRIPKDSARYHFFLYKHSHEGDYLESVV
FIYSMPGYTCSIRERMLYSSCKSPLLEIVERQLQMDVIRKIEIDNGDELTADFLYDEVHPKQ
;
_entity_poly.pdbx_strand_id   A
#
# COMPACT_ATOMS: atom_id res chain seq x y z
N ALA A 1 9.35 -11.36 20.37
CA ALA A 1 8.41 -11.08 19.26
C ALA A 1 7.52 -12.31 18.95
N GLN A 2 6.29 -12.07 18.48
CA GLN A 2 5.32 -13.12 18.13
C GLN A 2 5.74 -13.97 16.91
N GLY A 3 6.56 -13.41 16.00
CA GLY A 3 7.07 -14.07 14.80
C GLY A 3 8.10 -13.22 14.03
N VAL A 4 8.54 -13.72 12.87
CA VAL A 4 9.44 -13.01 11.93
C VAL A 4 8.85 -11.66 11.48
N ALA A 5 9.69 -10.62 11.50
CA ALA A 5 9.34 -9.24 11.15
C ALA A 5 10.58 -8.40 10.80
N PHE A 6 10.38 -7.27 10.12
CA PHE A 6 11.44 -6.35 9.68
C PHE A 6 10.98 -4.88 9.80
N PRO A 7 11.90 -3.93 10.07
CA PRO A 7 11.61 -2.50 10.11
C PRO A 7 11.44 -1.88 8.72
N ILE A 8 10.87 -0.68 8.69
CA ILE A 8 10.83 0.22 7.53
C ILE A 8 12.11 1.06 7.42
N SER A 9 12.50 1.48 6.20
CA SER A 9 13.59 2.44 5.99
C SER A 9 13.12 3.89 6.17
N ARG A 10 14.07 4.81 6.38
CA ARG A 10 13.84 6.24 6.67
C ARG A 10 13.00 6.91 5.57
N ASP A 11 13.39 6.79 4.30
CA ASP A 11 12.72 7.49 3.20
C ASP A 11 11.27 7.04 3.01
N ALA A 12 11.00 5.73 3.16
CA ALA A 12 9.64 5.20 3.07
C ALA A 12 8.76 5.75 4.21
N PHE A 13 9.29 5.79 5.44
CA PHE A 13 8.60 6.35 6.58
C PHE A 13 8.39 7.86 6.47
N GLN A 14 9.35 8.59 5.90
CA GLN A 14 9.32 10.04 5.65
C GLN A 14 8.21 10.49 4.69
N ALA A 15 7.65 9.54 3.94
CA ALA A 15 6.49 9.73 3.07
C ALA A 15 5.18 9.24 3.73
N LEU A 16 5.16 8.05 4.35
CA LEU A 16 3.99 7.54 5.10
C LEU A 16 3.55 8.45 6.26
N GLU A 17 4.51 9.09 6.93
CA GLU A 17 4.24 10.05 7.99
C GLU A 17 3.43 11.27 7.49
N LYS A 18 3.64 11.72 6.25
CA LYS A 18 2.93 12.85 5.59
C LYS A 18 1.60 12.40 4.97
N LEU A 19 1.56 11.19 4.42
CA LEU A 19 0.33 10.53 3.98
C LEU A 19 -0.70 10.39 5.12
N SER A 20 -0.24 10.29 6.37
CA SER A 20 -1.11 10.21 7.56
C SER A 20 -1.83 11.55 7.87
N LYS A 21 -1.59 12.60 7.08
CA LYS A 21 -2.21 13.93 7.18
C LYS A 21 -2.69 14.43 5.80
N LYS A 22 -2.95 13.51 4.86
CA LYS A 22 -3.48 13.77 3.50
C LYS A 22 -2.60 14.69 2.63
N GLN A 23 -1.30 14.80 2.93
CA GLN A 23 -0.41 15.77 2.26
C GLN A 23 0.03 15.31 0.86
N LEU A 24 0.12 13.97 0.66
CA LEU A 24 0.66 13.36 -0.55
C LEU A 24 -0.45 12.63 -1.31
N ASN A 25 -1.08 11.65 -0.68
CA ASN A 25 -2.08 10.72 -1.26
C ASN A 25 -1.57 9.80 -2.40
N TYR A 26 -0.27 9.77 -2.69
CA TYR A 26 0.33 9.05 -3.82
C TYR A 26 1.76 8.50 -3.59
N VAL A 27 1.97 7.76 -2.49
CA VAL A 27 3.30 7.20 -2.14
C VAL A 27 3.50 5.83 -2.80
N GLN A 28 4.72 5.60 -3.30
CA GLN A 28 5.16 4.41 -4.02
C GLN A 28 6.46 3.89 -3.38
N LEU A 29 6.48 2.60 -3.04
CA LEU A 29 7.55 1.93 -2.30
C LEU A 29 8.06 0.69 -3.06
N GLU A 30 9.19 0.14 -2.61
CA GLU A 30 9.67 -1.20 -2.95
C GLU A 30 10.57 -1.78 -1.83
N ILE A 31 10.72 -3.10 -1.77
CA ILE A 31 11.71 -3.76 -0.91
C ILE A 31 13.16 -3.49 -1.36
N ASP A 32 14.10 -3.61 -0.42
CA ASP A 32 15.55 -3.54 -0.61
C ASP A 32 16.19 -4.79 0.01
N ILE A 33 16.25 -5.88 -0.76
CA ILE A 33 16.73 -7.20 -0.34
C ILE A 33 18.15 -7.13 0.28
N LYS A 34 18.96 -6.15 -0.13
CA LYS A 34 20.29 -5.85 0.42
C LYS A 34 20.28 -5.56 1.94
N ASN A 35 19.14 -5.10 2.47
CA ASN A 35 18.90 -4.80 3.89
C ASN A 35 17.56 -5.38 4.42
N GLU A 36 16.87 -6.20 3.62
CA GLU A 36 15.57 -6.84 3.95
C GLU A 36 14.51 -5.84 4.49
N THR A 37 14.35 -4.67 3.84
CA THR A 37 13.50 -3.57 4.35
C THR A 37 12.74 -2.85 3.23
N ILE A 38 11.63 -2.18 3.53
CA ILE A 38 10.89 -1.34 2.58
C ILE A 38 11.58 0.03 2.45
N ILE A 39 11.86 0.45 1.22
CA ILE A 39 12.43 1.77 0.85
C ILE A 39 11.45 2.56 -0.02
N LEU A 40 11.64 3.88 -0.08
CA LEU A 40 10.90 4.76 -0.98
C LEU A 40 11.29 4.49 -2.43
N ALA A 41 10.33 4.69 -3.34
CA ALA A 41 10.52 4.54 -4.78
C ALA A 41 10.02 5.76 -5.58
N ASN A 42 8.86 6.34 -5.22
CA ASN A 42 8.39 7.60 -5.79
C ASN A 42 7.32 8.31 -4.92
N THR A 43 7.08 9.59 -5.20
CA THR A 43 6.02 10.42 -4.60
C THR A 43 5.45 11.43 -5.63
N GLU A 44 5.53 11.14 -6.94
CA GLU A 44 4.92 11.96 -7.99
C GLU A 44 3.38 11.84 -8.00
N ASN A 45 2.72 12.88 -8.50
CA ASN A 45 1.26 13.01 -8.45
C ASN A 45 0.52 11.84 -9.13
N THR A 46 -0.48 11.29 -8.44
CA THR A 46 -1.32 10.18 -8.93
C THR A 46 -2.74 10.27 -8.36
N GLU A 47 -3.73 9.93 -9.17
CA GLU A 47 -5.14 9.75 -8.78
C GLU A 47 -5.60 8.33 -9.12
N LEU A 48 -6.77 7.89 -8.64
CA LEU A 48 -7.23 6.49 -8.83
C LEU A 48 -7.49 6.11 -10.31
N ARG A 49 -7.54 7.10 -11.20
CA ARG A 49 -7.56 6.97 -12.68
C ARG A 49 -6.18 6.83 -13.34
N ASP A 50 -5.11 7.15 -12.63
CA ASP A 50 -3.71 7.08 -13.07
C ASP A 50 -2.86 6.07 -12.26
N LEU A 51 -3.40 5.54 -11.15
CA LEU A 51 -2.81 4.52 -10.29
C LEU A 51 -2.44 3.23 -11.02
N PRO A 52 -3.26 2.70 -11.97
CA PRO A 52 -2.96 1.46 -12.72
C PRO A 52 -1.63 1.48 -13.48
N LYS A 53 -1.13 2.69 -13.79
CA LYS A 53 0.13 2.93 -14.54
C LYS A 53 1.36 3.01 -13.62
N ARG A 54 1.15 3.23 -12.31
CA ARG A 54 2.20 3.17 -11.26
C ARG A 54 2.50 1.72 -10.87
N ILE A 55 1.45 0.88 -10.81
CA ILE A 55 1.58 -0.54 -10.48
C ILE A 55 2.43 -1.30 -11.54
N PRO A 56 3.43 -2.11 -11.14
CA PRO A 56 4.25 -2.92 -12.07
C PRO A 56 3.52 -4.19 -12.56
N LYS A 57 4.17 -4.91 -13.50
CA LYS A 57 3.69 -6.18 -14.08
C LYS A 57 4.74 -7.31 -14.11
N ASP A 58 5.95 -7.09 -13.60
CA ASP A 58 7.08 -8.03 -13.61
C ASP A 58 7.77 -8.20 -12.24
N SER A 59 7.25 -7.56 -11.19
CA SER A 59 7.82 -7.56 -9.82
C SER A 59 6.75 -7.25 -8.76
N ALA A 60 6.97 -7.66 -7.51
CA ALA A 60 6.21 -7.15 -6.37
C ALA A 60 6.59 -5.68 -6.06
N ARG A 61 5.63 -4.88 -5.60
CA ARG A 61 5.80 -3.51 -5.05
C ARG A 61 4.67 -3.14 -4.08
N TYR A 62 4.89 -2.11 -3.26
CA TYR A 62 3.92 -1.57 -2.29
C TYR A 62 3.53 -0.12 -2.62
N HIS A 63 2.29 0.25 -2.31
CA HIS A 63 1.66 1.50 -2.74
C HIS A 63 0.66 1.95 -1.68
N PHE A 64 0.45 3.27 -1.54
CA PHE A 64 -0.60 3.81 -0.68
C PHE A 64 -1.36 4.95 -1.38
N PHE A 65 -2.67 4.98 -1.13
CA PHE A 65 -3.60 5.98 -1.66
C PHE A 65 -4.42 6.59 -0.50
N LEU A 66 -5.16 7.68 -0.75
CA LEU A 66 -6.20 8.17 0.14
C LEU A 66 -7.56 8.08 -0.57
N TYR A 67 -8.39 7.10 -0.21
CA TYR A 67 -9.71 6.91 -0.83
C TYR A 67 -10.79 7.77 -0.16
N LYS A 68 -11.76 8.21 -0.95
CA LYS A 68 -12.88 9.07 -0.55
C LYS A 68 -14.21 8.36 -0.82
N HIS A 69 -15.09 8.35 0.17
CA HIS A 69 -16.41 7.69 0.10
C HIS A 69 -17.47 8.38 0.99
N SER A 70 -18.68 7.84 1.03
CA SER A 70 -19.76 8.33 1.90
C SER A 70 -20.65 7.20 2.43
N HIS A 71 -21.05 7.29 3.70
CA HIS A 71 -22.05 6.40 4.30
C HIS A 71 -22.82 7.05 5.46
N GLU A 72 -24.02 6.52 5.74
CA GLU A 72 -24.99 6.99 6.75
C GLU A 72 -25.29 8.51 6.72
N GLY A 73 -25.16 9.14 5.55
CA GLY A 73 -25.44 10.56 5.31
C GLY A 73 -24.24 11.50 5.47
N ASP A 74 -23.01 10.98 5.52
CA ASP A 74 -21.77 11.75 5.70
C ASP A 74 -20.67 11.26 4.77
N TYR A 75 -19.70 12.14 4.53
CA TYR A 75 -18.61 11.98 3.58
C TYR A 75 -17.27 11.92 4.33
N LEU A 76 -16.42 10.99 3.89
CA LEU A 76 -15.26 10.49 4.63
C LEU A 76 -14.09 10.21 3.66
N GLU A 77 -12.87 10.35 4.18
CA GLU A 77 -11.63 10.21 3.38
C GLU A 77 -10.45 9.77 4.27
N SER A 78 -9.79 8.65 3.90
CA SER A 78 -8.64 8.12 4.66
C SER A 78 -7.72 7.18 3.85
N VAL A 79 -6.60 6.74 4.46
CA VAL A 79 -5.51 5.96 3.84
C VAL A 79 -5.95 4.56 3.42
N VAL A 80 -5.47 4.08 2.26
CA VAL A 80 -5.60 2.71 1.77
C VAL A 80 -4.21 2.10 1.60
N PHE A 81 -4.02 0.88 2.11
CA PHE A 81 -2.85 0.06 1.80
C PHE A 81 -3.13 -0.79 0.55
N ILE A 82 -2.25 -0.72 -0.44
CA ILE A 82 -2.34 -1.47 -1.71
C ILE A 82 -1.03 -2.27 -1.94
N TYR A 83 -1.18 -3.53 -2.36
CA TYR A 83 -0.06 -4.42 -2.71
C TYR A 83 -0.25 -5.02 -4.11
N SER A 84 0.86 -5.20 -4.83
CA SER A 84 0.93 -5.86 -6.13
C SER A 84 2.04 -6.91 -6.16
N MET A 85 1.76 -8.05 -6.78
CA MET A 85 2.77 -9.01 -7.27
C MET A 85 2.23 -9.87 -8.44
N PRO A 86 3.08 -10.26 -9.41
CA PRO A 86 2.65 -11.09 -10.54
C PRO A 86 2.54 -12.58 -10.20
N GLY A 87 3.47 -13.10 -9.40
CA GLY A 87 3.64 -14.53 -9.12
C GLY A 87 4.32 -15.32 -10.26
N TYR A 88 3.96 -15.04 -11.52
CA TYR A 88 4.46 -15.73 -12.72
C TYR A 88 5.91 -15.42 -13.11
N THR A 89 6.50 -14.30 -12.63
CA THR A 89 7.88 -13.89 -13.00
C THR A 89 8.70 -13.17 -11.91
N CYS A 90 8.14 -12.88 -10.73
CA CYS A 90 8.94 -12.34 -9.62
C CYS A 90 9.88 -13.41 -9.02
N SER A 91 10.98 -12.98 -8.40
CA SER A 91 11.93 -13.90 -7.74
C SER A 91 11.35 -14.44 -6.44
N ILE A 92 11.72 -15.68 -6.08
CA ILE A 92 11.20 -16.36 -4.88
C ILE A 92 11.53 -15.58 -3.60
N ARG A 93 12.75 -15.03 -3.52
CA ARG A 93 13.26 -14.25 -2.38
C ARG A 93 12.68 -12.85 -2.31
N GLU A 94 12.21 -12.32 -3.44
CA GLU A 94 11.48 -11.05 -3.48
C GLU A 94 10.11 -11.21 -2.83
N ARG A 95 9.25 -12.05 -3.42
CA ARG A 95 7.83 -12.17 -3.00
C ARG A 95 7.66 -12.56 -1.52
N MET A 96 8.54 -13.40 -0.98
CA MET A 96 8.45 -13.83 0.41
C MET A 96 9.05 -12.82 1.41
N LEU A 97 9.88 -11.88 0.95
CA LEU A 97 10.27 -10.72 1.76
C LEU A 97 9.13 -9.70 1.85
N TYR A 98 8.45 -9.37 0.75
CA TYR A 98 7.24 -8.54 0.78
C TYR A 98 6.21 -9.09 1.78
N SER A 99 5.76 -10.34 1.58
CA SER A 99 4.69 -10.95 2.41
C SER A 99 5.04 -11.05 3.90
N SER A 100 6.33 -11.21 4.22
CA SER A 100 6.86 -11.27 5.59
C SER A 100 6.90 -9.89 6.30
N CYS A 101 6.99 -8.79 5.55
CA CYS A 101 6.99 -7.44 6.12
C CYS A 101 5.57 -6.86 6.16
N LYS A 102 4.61 -7.45 5.43
CA LYS A 102 3.22 -6.99 5.28
C LYS A 102 2.49 -6.72 6.61
N SER A 103 2.76 -7.53 7.65
CA SER A 103 2.18 -7.36 8.98
C SER A 103 2.83 -6.22 9.78
N PRO A 104 4.16 -6.18 10.01
CA PRO A 104 4.79 -5.07 10.74
C PRO A 104 4.68 -3.73 10.00
N LEU A 105 4.74 -3.69 8.67
CA LEU A 105 4.58 -2.44 7.90
C LEU A 105 3.18 -1.81 8.08
N LEU A 106 2.15 -2.62 8.36
CA LEU A 106 0.81 -2.13 8.70
C LEU A 106 0.73 -1.63 10.15
N GLU A 107 1.40 -2.28 11.10
CA GLU A 107 1.50 -1.81 12.49
C GLU A 107 2.28 -0.49 12.60
N ILE A 108 3.25 -0.25 11.72
CA ILE A 108 3.96 1.03 11.66
C ILE A 108 3.02 2.19 11.23
N VAL A 109 1.97 1.93 10.43
CA VAL A 109 0.91 2.92 10.19
C VAL A 109 -0.08 2.95 11.36
N GLU A 110 -0.60 1.80 11.79
CA GLU A 110 -1.72 1.74 12.71
C GLU A 110 -1.36 2.03 14.18
N ARG A 111 -0.10 1.81 14.58
CA ARG A 111 0.40 1.90 15.97
C ARG A 111 1.59 2.84 16.17
N GLN A 112 2.53 2.93 15.21
CA GLN A 112 3.67 3.88 15.30
C GLN A 112 3.30 5.28 14.76
N LEU A 113 2.57 5.36 13.65
CA LEU A 113 1.93 6.59 13.15
C LEU A 113 0.52 6.83 13.71
N GLN A 114 -0.04 5.85 14.45
CA GLN A 114 -1.37 5.90 15.08
C GLN A 114 -2.51 6.30 14.12
N MET A 115 -2.40 5.92 12.84
CA MET A 115 -3.27 6.36 11.74
C MET A 115 -4.21 5.21 11.30
N ASP A 116 -5.49 5.53 11.15
CA ASP A 116 -6.50 4.57 10.64
C ASP A 116 -6.30 4.25 9.14
N VAL A 117 -6.82 3.10 8.71
CA VAL A 117 -6.70 2.58 7.34
C VAL A 117 -8.07 2.07 6.86
N ILE A 118 -8.50 2.60 5.70
CA ILE A 118 -9.74 2.24 4.99
C ILE A 118 -9.80 0.73 4.72
N ARG A 119 -8.80 0.19 4.02
CA ARG A 119 -8.66 -1.24 3.64
C ARG A 119 -7.22 -1.63 3.29
N LYS A 120 -7.03 -2.94 3.12
CA LYS A 120 -5.76 -3.65 2.87
C LYS A 120 -5.87 -4.41 1.54
N ILE A 121 -6.11 -3.64 0.49
CA ILE A 121 -6.43 -4.09 -0.88
C ILE A 121 -5.20 -4.74 -1.55
N GLU A 122 -5.43 -5.73 -2.40
CA GLU A 122 -4.39 -6.49 -3.11
C GLU A 122 -4.81 -6.78 -4.56
N ILE A 123 -3.91 -6.57 -5.52
CA ILE A 123 -4.15 -6.75 -6.97
C ILE A 123 -3.03 -7.53 -7.67
N ASP A 124 -3.35 -8.07 -8.85
CA ASP A 124 -2.46 -8.86 -9.72
C ASP A 124 -1.68 -8.00 -10.74
N ASN A 125 -2.27 -6.85 -11.14
CA ASN A 125 -1.87 -6.08 -12.32
C ASN A 125 -2.10 -4.54 -12.20
N GLY A 126 -2.89 -4.09 -11.23
CA GLY A 126 -3.27 -2.69 -11.00
C GLY A 126 -4.37 -2.13 -11.91
N ASP A 127 -4.70 -2.79 -13.02
CA ASP A 127 -5.82 -2.44 -13.92
C ASP A 127 -7.17 -2.47 -13.18
N GLU A 128 -7.27 -3.31 -12.15
CA GLU A 128 -8.45 -3.42 -11.28
C GLU A 128 -8.58 -2.22 -10.32
N LEU A 129 -7.58 -1.36 -10.14
CA LEU A 129 -7.70 -0.19 -9.26
C LEU A 129 -8.55 0.91 -9.93
N THR A 130 -9.78 1.06 -9.45
CA THR A 130 -10.80 2.02 -9.93
C THR A 130 -11.77 2.34 -8.80
N ALA A 131 -12.46 3.48 -8.86
CA ALA A 131 -13.41 3.91 -7.83
C ALA A 131 -14.53 2.88 -7.56
N ASP A 132 -14.83 2.01 -8.53
CA ASP A 132 -15.81 0.93 -8.38
C ASP A 132 -15.24 -0.25 -7.56
N PHE A 133 -13.97 -0.59 -7.80
CA PHE A 133 -13.27 -1.65 -7.08
C PHE A 133 -12.91 -1.23 -5.66
N LEU A 134 -12.42 0.00 -5.48
CA LEU A 134 -12.13 0.58 -4.17
C LEU A 134 -13.39 0.67 -3.31
N TYR A 135 -14.57 0.93 -3.88
CA TYR A 135 -15.83 0.84 -3.14
C TYR A 135 -16.16 -0.62 -2.77
N ASP A 136 -16.12 -1.54 -3.73
CA ASP A 136 -16.47 -2.96 -3.50
C ASP A 136 -15.53 -3.67 -2.50
N GLU A 137 -14.26 -3.27 -2.43
CA GLU A 137 -13.28 -3.76 -1.47
C GLU A 137 -13.57 -3.27 -0.05
N VAL A 138 -14.11 -2.05 0.09
CA VAL A 138 -14.34 -1.40 1.39
C VAL A 138 -15.76 -1.66 1.91
N HIS A 139 -16.72 -1.88 1.01
CA HIS A 139 -18.12 -2.26 1.29
C HIS A 139 -18.49 -3.65 0.71
N PRO A 140 -17.84 -4.75 1.16
CA PRO A 140 -18.17 -6.12 0.75
C PRO A 140 -19.53 -6.59 1.30
N LYS A 141 -20.01 -7.75 0.82
CA LYS A 141 -21.25 -8.43 1.26
C LYS A 141 -21.20 -9.10 2.65
N GLN A 142 -20.11 -8.90 3.38
CA GLN A 142 -19.81 -9.47 4.72
C GLN A 142 -20.90 -9.14 5.76
N ALA A 1 6.85 -15.37 22.89
CA ALA A 1 5.98 -15.31 21.68
C ALA A 1 6.54 -14.32 20.66
N GLN A 2 6.79 -14.79 19.43
CA GLN A 2 7.44 -14.02 18.36
C GLN A 2 7.10 -14.57 16.95
N GLY A 3 7.47 -13.82 15.89
CA GLY A 3 7.30 -14.20 14.49
C GLY A 3 8.14 -13.34 13.53
N VAL A 4 8.19 -13.73 12.25
CA VAL A 4 8.98 -13.04 11.21
C VAL A 4 8.45 -11.63 10.93
N ALA A 5 9.36 -10.65 10.93
CA ALA A 5 9.11 -9.23 10.68
C ALA A 5 10.43 -8.49 10.36
N PHE A 6 10.32 -7.32 9.73
CA PHE A 6 11.46 -6.48 9.29
C PHE A 6 11.13 -4.98 9.42
N PRO A 7 12.13 -4.11 9.66
CA PRO A 7 11.94 -2.66 9.77
C PRO A 7 11.77 -1.98 8.40
N ILE A 8 11.13 -0.81 8.42
CA ILE A 8 11.08 0.13 7.29
C ILE A 8 12.39 0.95 7.20
N SER A 9 12.76 1.39 5.99
CA SER A 9 13.87 2.33 5.79
C SER A 9 13.45 3.79 6.03
N ARG A 10 14.44 4.68 6.15
CA ARG A 10 14.25 6.12 6.40
C ARG A 10 13.32 6.76 5.37
N ASP A 11 13.67 6.68 4.09
CA ASP A 11 13.00 7.44 3.03
C ASP A 11 11.53 6.99 2.84
N ALA A 12 11.28 5.68 2.97
CA ALA A 12 9.93 5.13 2.92
C ALA A 12 9.06 5.69 4.06
N PHE A 13 9.60 5.71 5.28
CA PHE A 13 8.91 6.27 6.44
C PHE A 13 8.75 7.79 6.36
N GLN A 14 9.73 8.51 5.80
CA GLN A 14 9.73 9.98 5.62
C GLN A 14 8.60 10.48 4.71
N ALA A 15 8.09 9.61 3.83
CA ALA A 15 6.89 9.87 3.04
C ALA A 15 5.61 9.47 3.80
N LEU A 16 5.58 8.28 4.41
CA LEU A 16 4.42 7.77 5.17
C LEU A 16 4.04 8.65 6.37
N GLU A 17 5.01 9.26 7.06
CA GLU A 17 4.78 10.21 8.16
C GLU A 17 4.07 11.51 7.73
N LYS A 18 3.98 11.79 6.43
CA LYS A 18 3.23 12.92 5.83
C LYS A 18 1.93 12.46 5.16
N LEU A 19 1.90 11.22 4.65
CA LEU A 19 0.67 10.55 4.20
C LEU A 19 -0.36 10.37 5.34
N SER A 20 0.09 10.19 6.59
CA SER A 20 -0.78 10.12 7.78
C SER A 20 -1.48 11.47 8.10
N LYS A 21 -1.19 12.53 7.32
CA LYS A 21 -1.81 13.86 7.39
C LYS A 21 -2.31 14.33 6.01
N LYS A 22 -2.50 13.41 5.05
CA LYS A 22 -3.04 13.66 3.70
C LYS A 22 -2.23 14.68 2.88
N GLN A 23 -0.93 14.84 3.16
CA GLN A 23 -0.07 15.84 2.52
C GLN A 23 0.43 15.40 1.13
N LEU A 24 0.60 14.08 0.95
CA LEU A 24 1.09 13.48 -0.29
C LEU A 24 -0.05 12.77 -1.02
N ASN A 25 -0.71 11.82 -0.35
CA ASN A 25 -1.82 11.01 -0.86
C ASN A 25 -1.45 10.03 -2.02
N TYR A 26 -0.17 9.95 -2.41
CA TYR A 26 0.30 9.14 -3.55
C TYR A 26 1.74 8.58 -3.40
N VAL A 27 2.03 7.84 -2.32
CA VAL A 27 3.38 7.27 -2.07
C VAL A 27 3.51 5.89 -2.73
N GLN A 28 4.69 5.62 -3.30
CA GLN A 28 5.06 4.40 -4.00
C GLN A 28 6.40 3.91 -3.43
N LEU A 29 6.45 2.62 -3.09
CA LEU A 29 7.53 1.99 -2.33
C LEU A 29 7.93 0.64 -2.96
N GLU A 30 9.11 0.14 -2.59
CA GLU A 30 9.58 -1.21 -2.94
C GLU A 30 10.60 -1.75 -1.93
N ILE A 31 10.66 -3.08 -1.78
CA ILE A 31 11.68 -3.77 -1.00
C ILE A 31 13.10 -3.56 -1.58
N ASP A 32 14.11 -3.71 -0.72
CA ASP A 32 15.54 -3.64 -1.00
C ASP A 32 16.20 -4.89 -0.38
N ILE A 33 16.15 -6.01 -1.09
CA ILE A 33 16.58 -7.34 -0.63
C ILE A 33 18.01 -7.34 -0.07
N LYS A 34 18.87 -6.44 -0.57
CA LYS A 34 20.25 -6.22 -0.13
C LYS A 34 20.36 -5.86 1.37
N ASN A 35 19.31 -5.25 1.91
CA ASN A 35 19.16 -4.83 3.30
C ASN A 35 17.84 -5.31 3.95
N GLU A 36 17.09 -6.19 3.27
CA GLU A 36 15.82 -6.77 3.73
C GLU A 36 14.80 -5.73 4.27
N THR A 37 14.61 -4.61 3.57
CA THR A 37 13.81 -3.46 4.07
C THR A 37 13.05 -2.74 2.96
N ILE A 38 11.98 -2.00 3.29
CA ILE A 38 11.20 -1.20 2.32
C ILE A 38 11.86 0.17 2.16
N ILE A 39 12.11 0.58 0.91
CA ILE A 39 12.66 1.88 0.52
C ILE A 39 11.66 2.69 -0.32
N LEU A 40 11.87 4.01 -0.37
CA LEU A 40 11.08 4.90 -1.21
C LEU A 40 11.37 4.66 -2.71
N ALA A 41 10.37 4.92 -3.54
CA ALA A 41 10.47 4.74 -5.00
C ALA A 41 9.90 5.92 -5.81
N ASN A 42 8.73 6.45 -5.44
CA ASN A 42 8.17 7.67 -6.06
C ASN A 42 7.14 8.37 -5.13
N THR A 43 6.97 9.69 -5.32
CA THR A 43 5.99 10.52 -4.60
C THR A 43 5.37 11.60 -5.51
N GLU A 44 5.39 11.39 -6.83
CA GLU A 44 4.73 12.28 -7.80
C GLU A 44 3.21 12.02 -7.85
N ASN A 45 2.44 13.02 -8.29
CA ASN A 45 0.98 12.96 -8.28
C ASN A 45 0.39 11.70 -8.96
N THR A 46 -0.57 11.07 -8.28
CA THR A 46 -1.33 9.91 -8.75
C THR A 46 -2.78 10.02 -8.27
N GLU A 47 -3.72 9.50 -9.06
CA GLU A 47 -5.15 9.43 -8.74
C GLU A 47 -5.65 7.99 -8.94
N LEU A 48 -6.84 7.64 -8.43
CA LEU A 48 -7.41 6.29 -8.55
C LEU A 48 -7.64 5.80 -10.01
N ARG A 49 -7.58 6.70 -11.00
CA ARG A 49 -7.62 6.45 -12.45
C ARG A 49 -6.24 6.26 -13.09
N ASP A 50 -5.17 6.53 -12.34
CA ASP A 50 -3.77 6.57 -12.78
C ASP A 50 -2.85 5.66 -11.94
N LEU A 51 -3.38 5.06 -10.86
CA LEU A 51 -2.74 3.96 -10.12
C LEU A 51 -2.26 2.81 -11.02
N PRO A 52 -3.04 2.34 -12.03
CA PRO A 52 -2.69 1.17 -12.85
C PRO A 52 -1.35 1.27 -13.57
N LYS A 53 -0.82 2.49 -13.75
CA LYS A 53 0.48 2.76 -14.37
C LYS A 53 1.65 2.87 -13.38
N ARG A 54 1.37 3.02 -12.08
CA ARG A 54 2.37 2.92 -10.98
C ARG A 54 2.68 1.46 -10.62
N ILE A 55 1.66 0.61 -10.69
CA ILE A 55 1.77 -0.84 -10.44
C ILE A 55 2.81 -1.49 -11.40
N PRO A 56 3.74 -2.33 -10.89
CA PRO A 56 4.80 -2.96 -11.69
C PRO A 56 4.29 -4.06 -12.65
N LYS A 57 5.20 -4.53 -13.50
CA LYS A 57 5.00 -5.63 -14.48
C LYS A 57 6.09 -6.72 -14.45
N ASP A 58 6.97 -6.69 -13.44
CA ASP A 58 8.17 -7.53 -13.31
C ASP A 58 8.51 -7.97 -11.86
N SER A 59 7.70 -7.56 -10.87
CA SER A 59 7.98 -7.67 -9.43
C SER A 59 6.73 -7.39 -8.58
N ALA A 60 6.77 -7.72 -7.28
CA ALA A 60 5.89 -7.11 -6.29
C ALA A 60 6.36 -5.68 -5.94
N ARG A 61 5.44 -4.80 -5.51
CA ARG A 61 5.68 -3.47 -4.92
C ARG A 61 4.57 -3.08 -3.92
N TYR A 62 4.77 -1.97 -3.20
CA TYR A 62 3.88 -1.43 -2.17
C TYR A 62 3.39 -0.01 -2.52
N HIS A 63 2.14 0.31 -2.17
CA HIS A 63 1.48 1.54 -2.60
C HIS A 63 0.44 2.03 -1.56
N PHE A 64 0.30 3.35 -1.41
CA PHE A 64 -0.66 3.99 -0.50
C PHE A 64 -1.41 5.13 -1.19
N PHE A 65 -2.74 5.17 -1.03
CA PHE A 65 -3.63 6.16 -1.65
C PHE A 65 -4.72 6.65 -0.68
N LEU A 66 -5.03 7.94 -0.66
CA LEU A 66 -6.15 8.53 0.08
C LEU A 66 -7.48 8.30 -0.68
N TYR A 67 -8.30 7.35 -0.21
CA TYR A 67 -9.63 7.13 -0.76
C TYR A 67 -10.72 7.89 0.04
N LYS A 68 -11.83 8.18 -0.64
CA LYS A 68 -12.95 9.00 -0.17
C LYS A 68 -14.27 8.29 -0.48
N HIS A 69 -15.12 8.12 0.53
CA HIS A 69 -16.39 7.41 0.42
C HIS A 69 -17.46 7.93 1.40
N SER A 70 -18.67 7.36 1.35
CA SER A 70 -19.80 7.75 2.22
C SER A 70 -20.67 6.56 2.63
N HIS A 71 -21.15 6.61 3.88
CA HIS A 71 -22.13 5.67 4.45
C HIS A 71 -22.88 6.29 5.64
N GLU A 72 -24.06 5.77 5.95
CA GLU A 72 -24.93 6.14 7.09
C GLU A 72 -25.21 7.66 7.25
N GLY A 73 -25.22 8.38 6.13
CA GLY A 73 -25.45 9.84 6.10
C GLY A 73 -24.20 10.69 6.44
N ASP A 74 -23.00 10.15 6.20
CA ASP A 74 -21.70 10.77 6.50
C ASP A 74 -20.71 10.52 5.35
N TYR A 75 -19.56 11.19 5.41
CA TYR A 75 -18.54 11.24 4.37
C TYR A 75 -17.17 11.16 5.04
N LEU A 76 -16.39 10.18 4.60
CA LEU A 76 -15.15 9.73 5.23
C LEU A 76 -14.00 9.74 4.21
N GLU A 77 -12.79 10.06 4.67
CA GLU A 77 -11.58 10.17 3.86
C GLU A 77 -10.35 9.72 4.67
N SER A 78 -9.68 8.68 4.21
CA SER A 78 -8.49 8.09 4.85
C SER A 78 -7.72 7.16 3.91
N VAL A 79 -6.50 6.76 4.31
CA VAL A 79 -5.60 6.05 3.40
C VAL A 79 -5.99 4.59 3.18
N VAL A 80 -5.56 4.00 2.08
CA VAL A 80 -5.76 2.60 1.68
C VAL A 80 -4.38 1.95 1.57
N PHE A 81 -4.25 0.71 2.05
CA PHE A 81 -3.09 -0.13 1.75
C PHE A 81 -3.36 -0.91 0.46
N ILE A 82 -2.59 -0.64 -0.60
CA ILE A 82 -2.58 -1.43 -1.83
C ILE A 82 -1.26 -2.22 -1.92
N TYR A 83 -1.35 -3.47 -2.38
CA TYR A 83 -0.21 -4.35 -2.66
C TYR A 83 -0.30 -4.89 -4.09
N SER A 84 0.85 -5.13 -4.72
CA SER A 84 0.96 -5.79 -6.02
C SER A 84 1.78 -7.08 -5.95
N MET A 85 1.25 -8.16 -6.54
CA MET A 85 1.85 -9.49 -6.54
C MET A 85 1.49 -10.24 -7.84
N PRO A 86 2.35 -10.23 -8.87
CA PRO A 86 2.00 -10.71 -10.20
C PRO A 86 1.90 -12.24 -10.31
N GLY A 87 2.77 -12.97 -9.60
CA GLY A 87 2.87 -14.43 -9.60
C GLY A 87 3.62 -15.02 -10.80
N TYR A 88 3.42 -14.46 -11.99
CA TYR A 88 4.07 -14.92 -13.24
C TYR A 88 5.55 -14.51 -13.39
N THR A 89 6.02 -13.53 -12.61
CA THR A 89 7.36 -12.91 -12.77
C THR A 89 8.07 -12.52 -11.47
N CYS A 90 7.44 -12.65 -10.29
CA CYS A 90 8.10 -12.47 -9.00
C CYS A 90 9.01 -13.69 -8.65
N SER A 91 9.72 -13.62 -7.53
CA SER A 91 10.70 -14.65 -7.10
C SER A 91 10.59 -14.96 -5.61
N ILE A 92 11.01 -16.16 -5.19
CA ILE A 92 10.89 -16.70 -3.81
C ILE A 92 11.36 -15.70 -2.75
N ARG A 93 12.56 -15.14 -2.96
CA ARG A 93 13.28 -14.33 -1.96
C ARG A 93 12.81 -12.88 -1.94
N GLU A 94 12.18 -12.44 -3.04
CA GLU A 94 11.44 -11.19 -3.07
C GLU A 94 10.10 -11.32 -2.34
N ARG A 95 9.27 -12.29 -2.74
CA ARG A 95 7.87 -12.41 -2.26
C ARG A 95 7.78 -12.82 -0.78
N MET A 96 8.77 -13.53 -0.25
CA MET A 96 8.81 -13.81 1.19
C MET A 96 9.04 -12.56 2.05
N LEU A 97 9.80 -11.58 1.53
CA LEU A 97 10.04 -10.31 2.23
C LEU A 97 8.77 -9.45 2.25
N TYR A 98 8.09 -9.26 1.12
CA TYR A 98 6.79 -8.58 1.08
C TYR A 98 5.75 -9.27 1.98
N SER A 99 5.60 -10.58 1.88
CA SER A 99 4.62 -11.30 2.72
C SER A 99 4.95 -11.29 4.23
N SER A 100 6.24 -11.16 4.59
CA SER A 100 6.68 -10.96 5.98
C SER A 100 6.48 -9.51 6.47
N CYS A 101 6.75 -8.50 5.64
CA CYS A 101 6.63 -7.09 6.01
C CYS A 101 5.16 -6.61 6.07
N LYS A 102 4.27 -7.27 5.34
CA LYS A 102 2.81 -7.02 5.29
C LYS A 102 2.09 -6.95 6.65
N SER A 103 2.72 -7.46 7.71
CA SER A 103 2.20 -7.40 9.09
C SER A 103 2.74 -6.20 9.89
N PRO A 104 4.07 -6.00 10.04
CA PRO A 104 4.63 -4.82 10.74
C PRO A 104 4.35 -3.49 10.04
N LEU A 105 4.29 -3.45 8.69
CA LEU A 105 3.95 -2.22 7.96
C LEU A 105 2.59 -1.64 8.35
N LEU A 106 1.62 -2.51 8.59
CA LEU A 106 0.28 -2.11 9.01
C LEU A 106 0.27 -1.58 10.45
N GLU A 107 1.09 -2.13 11.35
CA GLU A 107 1.28 -1.60 12.70
C GLU A 107 2.00 -0.24 12.69
N ILE A 108 2.95 -0.03 11.77
CA ILE A 108 3.62 1.26 11.60
C ILE A 108 2.60 2.35 11.20
N VAL A 109 1.77 2.14 10.17
CA VAL A 109 0.75 3.15 9.81
C VAL A 109 -0.38 3.27 10.85
N GLU A 110 -0.87 2.17 11.43
CA GLU A 110 -1.98 2.19 12.39
C GLU A 110 -1.59 2.65 13.82
N ARG A 111 -0.33 2.46 14.26
CA ARG A 111 0.09 2.72 15.66
C ARG A 111 1.36 3.57 15.82
N GLN A 112 2.35 3.45 14.94
CA GLN A 112 3.52 4.34 14.92
C GLN A 112 3.20 5.71 14.29
N LEU A 113 2.20 5.77 13.38
CA LEU A 113 1.71 6.96 12.69
C LEU A 113 0.22 7.29 12.96
N GLN A 114 -0.49 6.41 13.66
CA GLN A 114 -1.86 6.61 14.19
C GLN A 114 -2.91 6.96 13.12
N MET A 115 -2.75 6.40 11.91
CA MET A 115 -3.66 6.56 10.78
C MET A 115 -4.48 5.29 10.57
N ASP A 116 -5.80 5.44 10.54
CA ASP A 116 -6.76 4.34 10.37
C ASP A 116 -6.97 4.01 8.88
N VAL A 117 -6.09 3.14 8.39
CA VAL A 117 -6.16 2.56 7.05
C VAL A 117 -7.56 1.99 6.76
N ILE A 118 -8.18 2.45 5.67
CA ILE A 118 -9.55 2.12 5.26
C ILE A 118 -9.70 0.61 5.01
N ARG A 119 -8.80 0.04 4.19
CA ARG A 119 -8.87 -1.35 3.69
C ARG A 119 -7.51 -1.85 3.18
N LYS A 120 -7.41 -3.17 3.04
CA LYS A 120 -6.27 -3.92 2.48
C LYS A 120 -6.68 -4.50 1.12
N ILE A 121 -6.19 -3.90 0.04
CA ILE A 121 -6.53 -4.24 -1.35
C ILE A 121 -5.29 -4.80 -2.07
N GLU A 122 -5.47 -5.81 -2.91
CA GLU A 122 -4.37 -6.58 -3.51
C GLU A 122 -4.69 -6.97 -4.96
N ILE A 123 -3.76 -6.68 -5.88
CA ILE A 123 -3.90 -6.87 -7.33
C ILE A 123 -2.65 -7.51 -7.97
N ASP A 124 -2.77 -7.97 -9.22
CA ASP A 124 -1.68 -8.68 -9.94
C ASP A 124 -1.00 -7.84 -11.03
N ASN A 125 -1.75 -6.91 -11.64
CA ASN A 125 -1.28 -6.04 -12.73
C ASN A 125 -1.83 -4.60 -12.65
N GLY A 126 -2.70 -4.31 -11.67
CA GLY A 126 -3.18 -2.95 -11.33
C GLY A 126 -4.29 -2.39 -12.21
N ASP A 127 -4.63 -3.06 -13.32
CA ASP A 127 -5.72 -2.65 -14.22
C ASP A 127 -7.07 -2.55 -13.51
N GLU A 128 -7.23 -3.29 -12.40
CA GLU A 128 -8.43 -3.32 -11.58
C GLU A 128 -8.55 -2.10 -10.64
N LEU A 129 -7.50 -1.28 -10.45
CA LEU A 129 -7.56 -0.11 -9.58
C LEU A 129 -8.39 1.01 -10.26
N THR A 130 -9.56 1.31 -9.68
CA THR A 130 -10.55 2.29 -10.15
C THR A 130 -11.54 2.62 -9.03
N ALA A 131 -12.23 3.76 -9.09
CA ALA A 131 -13.26 4.14 -8.12
C ALA A 131 -14.39 3.10 -7.99
N ASP A 132 -14.65 2.33 -9.05
CA ASP A 132 -15.65 1.25 -9.02
C ASP A 132 -15.19 0.06 -8.15
N PHE A 133 -13.89 -0.23 -8.21
CA PHE A 133 -13.26 -1.33 -7.47
C PHE A 133 -12.93 -0.93 -6.02
N LEU A 134 -12.42 0.28 -5.79
CA LEU A 134 -12.12 0.78 -4.45
C LEU A 134 -13.39 0.84 -3.59
N TYR A 135 -14.54 1.27 -4.13
CA TYR A 135 -15.80 1.18 -3.39
C TYR A 135 -16.19 -0.28 -3.10
N ASP A 136 -16.18 -1.15 -4.11
CA ASP A 136 -16.55 -2.56 -3.98
C ASP A 136 -15.63 -3.37 -3.03
N GLU A 137 -14.37 -2.96 -2.88
CA GLU A 137 -13.42 -3.59 -1.95
C GLU A 137 -13.59 -3.09 -0.51
N VAL A 138 -13.98 -1.82 -0.31
CA VAL A 138 -14.21 -1.24 1.03
C VAL A 138 -15.62 -1.55 1.55
N HIS A 139 -16.60 -1.63 0.65
CA HIS A 139 -18.01 -2.02 0.89
C HIS A 139 -18.40 -3.25 0.04
N PRO A 140 -17.90 -4.46 0.39
CA PRO A 140 -18.24 -5.71 -0.29
C PRO A 140 -19.70 -6.14 -0.07
N LYS A 141 -20.18 -7.05 -0.92
CA LYS A 141 -21.58 -7.54 -0.96
C LYS A 141 -22.01 -8.49 0.18
N GLN A 142 -21.12 -8.73 1.14
CA GLN A 142 -21.29 -9.61 2.30
C GLN A 142 -20.48 -9.11 3.51
N ALA A 1 -0.94 -17.58 10.59
CA ALA A 1 0.09 -17.18 11.58
C ALA A 1 1.44 -16.88 10.91
N GLN A 2 2.29 -16.08 11.58
CA GLN A 2 3.66 -15.72 11.15
C GLN A 2 4.65 -15.74 12.34
N GLY A 3 5.95 -15.73 12.02
CA GLY A 3 7.05 -15.73 13.00
C GLY A 3 8.30 -14.98 12.53
N VAL A 4 8.09 -13.92 11.72
CA VAL A 4 9.14 -13.08 11.13
C VAL A 4 8.63 -11.65 10.89
N ALA A 5 9.51 -10.67 11.01
CA ALA A 5 9.25 -9.24 10.75
C ALA A 5 10.55 -8.46 10.44
N PHE A 6 10.41 -7.28 9.83
CA PHE A 6 11.53 -6.42 9.40
C PHE A 6 11.21 -4.93 9.61
N PRO A 7 12.22 -4.06 9.78
CA PRO A 7 12.05 -2.61 9.89
C PRO A 7 11.69 -1.96 8.56
N ILE A 8 11.37 -0.65 8.61
CA ILE A 8 11.16 0.22 7.45
C ILE A 8 12.33 1.22 7.28
N SER A 9 12.62 1.60 6.04
CA SER A 9 13.62 2.65 5.74
C SER A 9 13.17 4.04 6.19
N ARG A 10 14.14 4.92 6.46
CA ARG A 10 13.92 6.34 6.77
C ARG A 10 13.13 7.05 5.66
N ASP A 11 13.55 6.94 4.40
CA ASP A 11 12.86 7.55 3.25
C ASP A 11 11.39 7.12 3.11
N ALA A 12 11.13 5.83 3.25
CA ALA A 12 9.78 5.27 3.14
C ALA A 12 8.88 5.80 4.28
N PHE A 13 9.41 5.82 5.51
CA PHE A 13 8.70 6.36 6.67
C PHE A 13 8.49 7.89 6.56
N GLN A 14 9.46 8.62 5.99
CA GLN A 14 9.38 10.07 5.72
C GLN A 14 8.29 10.49 4.73
N ALA A 15 7.71 9.53 4.02
CA ALA A 15 6.56 9.71 3.13
C ALA A 15 5.24 9.26 3.80
N LEU A 16 5.23 8.08 4.44
CA LEU A 16 4.07 7.57 5.18
C LEU A 16 3.65 8.49 6.34
N GLU A 17 4.61 9.12 7.02
CA GLU A 17 4.34 10.09 8.08
C GLU A 17 3.52 11.30 7.58
N LYS A 18 3.77 11.78 6.35
CA LYS A 18 3.05 12.92 5.73
C LYS A 18 1.71 12.51 5.12
N LEU A 19 1.63 11.28 4.60
CA LEU A 19 0.38 10.64 4.19
C LEU A 19 -0.66 10.55 5.33
N SER A 20 -0.22 10.46 6.60
CA SER A 20 -1.14 10.46 7.76
C SER A 20 -1.82 11.81 8.03
N LYS A 21 -1.49 12.84 7.22
CA LYS A 21 -2.05 14.21 7.27
C LYS A 21 -2.50 14.70 5.89
N LYS A 22 -2.85 13.76 4.99
CA LYS A 22 -3.33 14.02 3.62
C LYS A 22 -2.41 14.92 2.76
N GLN A 23 -1.10 14.97 3.05
CA GLN A 23 -0.18 15.90 2.37
C GLN A 23 0.22 15.39 0.98
N LEU A 24 0.25 14.07 0.79
CA LEU A 24 0.75 13.42 -0.43
C LEU A 24 -0.38 12.70 -1.17
N ASN A 25 -1.01 11.70 -0.52
CA ASN A 25 -2.00 10.78 -1.10
C ASN A 25 -1.49 9.84 -2.23
N TYR A 26 -0.18 9.81 -2.50
CA TYR A 26 0.40 9.10 -3.66
C TYR A 26 1.84 8.54 -3.44
N VAL A 27 2.06 7.80 -2.33
CA VAL A 27 3.39 7.21 -2.03
C VAL A 27 3.57 5.87 -2.76
N GLN A 28 4.78 5.64 -3.28
CA GLN A 28 5.19 4.45 -4.03
C GLN A 28 6.50 3.92 -3.45
N LEU A 29 6.57 2.61 -3.24
CA LEU A 29 7.62 1.93 -2.47
C LEU A 29 8.25 0.75 -3.22
N GLU A 30 9.35 0.23 -2.69
CA GLU A 30 10.18 -0.85 -3.26
C GLU A 30 10.93 -1.58 -2.13
N ILE A 31 11.01 -2.91 -2.15
CA ILE A 31 11.91 -3.67 -1.26
C ILE A 31 13.39 -3.46 -1.62
N ASP A 32 14.28 -3.52 -0.61
CA ASP A 32 15.72 -3.42 -0.72
C ASP A 32 16.36 -4.66 -0.10
N ILE A 33 16.45 -5.74 -0.88
CA ILE A 33 16.95 -7.06 -0.44
C ILE A 33 18.34 -6.98 0.20
N LYS A 34 19.15 -5.98 -0.18
CA LYS A 34 20.48 -5.69 0.41
C LYS A 34 20.43 -5.44 1.92
N ASN A 35 19.29 -4.98 2.44
CA ASN A 35 19.02 -4.70 3.85
C ASN A 35 17.68 -5.30 4.34
N GLU A 36 17.02 -6.13 3.51
CA GLU A 36 15.72 -6.76 3.78
C GLU A 36 14.64 -5.78 4.34
N THR A 37 14.45 -4.63 3.68
CA THR A 37 13.55 -3.56 4.16
C THR A 37 12.81 -2.86 3.02
N ILE A 38 11.67 -2.22 3.29
CA ILE A 38 10.99 -1.35 2.32
C ILE A 38 11.69 0.02 2.29
N ILE A 39 12.07 0.48 1.09
CA ILE A 39 12.58 1.82 0.79
C ILE A 39 11.57 2.61 -0.04
N LEU A 40 11.71 3.94 -0.05
CA LEU A 40 10.94 4.81 -0.94
C LEU A 40 11.34 4.57 -2.41
N ALA A 41 10.42 4.89 -3.31
CA ALA A 41 10.63 4.79 -4.75
C ALA A 41 10.13 6.04 -5.51
N ASN A 42 8.94 6.56 -5.20
CA ASN A 42 8.41 7.78 -5.81
C ASN A 42 7.32 8.45 -4.95
N THR A 43 7.13 9.77 -5.11
CA THR A 43 6.08 10.57 -4.44
C THR A 43 5.54 11.67 -5.38
N GLU A 44 5.59 11.47 -6.70
CA GLU A 44 4.96 12.35 -7.68
C GLU A 44 3.45 12.10 -7.76
N ASN A 45 2.72 13.06 -8.32
CA ASN A 45 1.26 13.06 -8.32
C ASN A 45 0.62 11.81 -8.94
N THR A 46 -0.39 11.24 -8.26
CA THR A 46 -1.19 10.10 -8.74
C THR A 46 -2.64 10.25 -8.25
N GLU A 47 -3.59 9.80 -9.06
CA GLU A 47 -5.03 9.72 -8.73
C GLU A 47 -5.53 8.28 -8.89
N LEU A 48 -6.72 7.95 -8.39
CA LEU A 48 -7.24 6.57 -8.42
C LEU A 48 -7.56 6.03 -9.84
N ARG A 49 -7.61 6.93 -10.82
CA ARG A 49 -7.67 6.67 -12.27
C ARG A 49 -6.30 6.43 -12.91
N ASP A 50 -5.22 6.76 -12.20
CA ASP A 50 -3.84 6.81 -12.68
C ASP A 50 -2.90 5.85 -11.93
N LEU A 51 -3.40 5.22 -10.85
CA LEU A 51 -2.73 4.12 -10.14
C LEU A 51 -2.27 2.99 -11.09
N PRO A 52 -3.09 2.52 -12.06
CA PRO A 52 -2.75 1.39 -12.94
C PRO A 52 -1.44 1.55 -13.73
N LYS A 53 -0.97 2.79 -13.88
CA LYS A 53 0.26 3.17 -14.59
C LYS A 53 1.49 3.19 -13.67
N ARG A 54 1.28 3.23 -12.34
CA ARG A 54 2.35 3.15 -11.33
C ARG A 54 2.70 1.70 -11.00
N ILE A 55 1.68 0.85 -10.93
CA ILE A 55 1.83 -0.58 -10.58
C ILE A 55 2.65 -1.33 -11.67
N PRO A 56 3.71 -2.08 -11.30
CA PRO A 56 4.46 -2.93 -12.24
C PRO A 56 3.74 -4.26 -12.56
N LYS A 57 4.31 -5.02 -13.51
CA LYS A 57 3.78 -6.33 -13.98
C LYS A 57 4.84 -7.45 -14.04
N ASP A 58 5.99 -7.23 -13.40
CA ASP A 58 7.19 -8.08 -13.42
C ASP A 58 7.83 -8.30 -12.02
N SER A 59 7.19 -7.82 -10.95
CA SER A 59 7.64 -7.93 -9.54
C SER A 59 6.50 -7.61 -8.57
N ALA A 60 6.60 -8.01 -7.30
CA ALA A 60 5.78 -7.47 -6.23
C ALA A 60 6.14 -6.00 -5.93
N ARG A 61 5.22 -5.24 -5.31
CA ARG A 61 5.36 -3.78 -5.10
C ARG A 61 4.36 -3.25 -4.06
N TYR A 62 4.72 -2.18 -3.35
CA TYR A 62 3.85 -1.54 -2.33
C TYR A 62 3.50 -0.08 -2.67
N HIS A 63 2.30 0.35 -2.28
CA HIS A 63 1.70 1.63 -2.65
C HIS A 63 0.71 2.09 -1.55
N PHE A 64 0.50 3.40 -1.39
CA PHE A 64 -0.54 3.94 -0.51
C PHE A 64 -1.31 5.08 -1.18
N PHE A 65 -2.62 5.12 -0.90
CA PHE A 65 -3.57 6.13 -1.40
C PHE A 65 -4.41 6.71 -0.25
N LEU A 66 -5.19 7.76 -0.50
CA LEU A 66 -6.21 8.30 0.42
C LEU A 66 -7.61 8.26 -0.23
N TYR A 67 -8.31 7.14 -0.10
CA TYR A 67 -9.65 6.97 -0.67
C TYR A 67 -10.71 7.83 0.04
N LYS A 68 -11.79 8.14 -0.70
CA LYS A 68 -12.99 8.84 -0.20
C LYS A 68 -14.22 7.97 -0.49
N HIS A 69 -15.11 7.83 0.49
CA HIS A 69 -16.36 7.07 0.34
C HIS A 69 -17.52 7.71 1.14
N SER A 70 -18.72 7.13 1.05
CA SER A 70 -19.92 7.64 1.71
C SER A 70 -20.86 6.53 2.20
N HIS A 71 -21.43 6.74 3.38
CA HIS A 71 -22.46 5.89 3.99
C HIS A 71 -23.32 6.67 4.99
N GLU A 72 -24.55 6.19 5.24
CA GLU A 72 -25.53 6.74 6.20
C GLU A 72 -25.79 8.27 6.09
N GLY A 73 -25.65 8.81 4.88
CA GLY A 73 -25.87 10.25 4.58
C GLY A 73 -24.66 11.14 4.89
N ASP A 74 -23.45 10.60 4.90
CA ASP A 74 -22.19 11.30 5.22
C ASP A 74 -21.05 10.89 4.28
N TYR A 75 -19.91 11.58 4.37
CA TYR A 75 -18.79 11.50 3.42
C TYR A 75 -17.47 11.48 4.20
N LEU A 76 -16.73 10.38 4.07
CA LEU A 76 -15.60 10.00 4.91
C LEU A 76 -14.36 9.71 4.04
N GLU A 77 -13.16 9.99 4.54
CA GLU A 77 -11.91 9.82 3.80
C GLU A 77 -10.73 9.49 4.73
N SER A 78 -9.89 8.54 4.29
CA SER A 78 -8.69 8.12 5.02
C SER A 78 -7.74 7.27 4.16
N VAL A 79 -6.63 6.79 4.71
CA VAL A 79 -5.59 6.00 4.02
C VAL A 79 -6.13 4.65 3.51
N VAL A 80 -5.62 4.17 2.38
CA VAL A 80 -5.75 2.78 1.89
C VAL A 80 -4.35 2.22 1.68
N PHE A 81 -4.15 1.00 2.17
CA PHE A 81 -2.97 0.18 1.89
C PHE A 81 -3.22 -0.66 0.62
N ILE A 82 -2.32 -0.56 -0.36
CA ILE A 82 -2.37 -1.31 -1.63
C ILE A 82 -1.09 -2.14 -1.81
N TYR A 83 -1.25 -3.41 -2.21
CA TYR A 83 -0.17 -4.34 -2.53
C TYR A 83 -0.34 -4.88 -3.97
N SER A 84 0.77 -5.09 -4.66
CA SER A 84 0.85 -5.81 -5.94
C SER A 84 1.75 -7.03 -5.80
N MET A 85 1.27 -8.19 -6.28
CA MET A 85 2.02 -9.44 -6.32
C MET A 85 1.49 -10.33 -7.48
N PRO A 86 2.14 -10.31 -8.67
CA PRO A 86 1.70 -11.11 -9.81
C PRO A 86 1.88 -12.63 -9.62
N GLY A 87 2.99 -13.04 -9.00
CA GLY A 87 3.30 -14.44 -8.68
C GLY A 87 3.86 -15.28 -9.84
N TYR A 88 3.33 -15.07 -11.06
CA TYR A 88 3.74 -15.77 -12.29
C TYR A 88 5.17 -15.42 -12.80
N THR A 89 5.78 -14.36 -12.24
CA THR A 89 7.02 -13.72 -12.71
C THR A 89 8.02 -13.39 -11.58
N CYS A 90 7.54 -13.16 -10.35
CA CYS A 90 8.37 -12.84 -9.20
C CYS A 90 9.36 -13.98 -8.88
N SER A 91 10.57 -13.64 -8.43
CA SER A 91 11.49 -14.62 -7.82
C SER A 91 10.95 -15.12 -6.47
N ILE A 92 11.27 -16.35 -6.09
CA ILE A 92 10.74 -17.02 -4.88
C ILE A 92 11.08 -16.25 -3.59
N ARG A 93 12.31 -15.72 -3.52
CA ARG A 93 12.80 -14.93 -2.38
C ARG A 93 12.25 -13.50 -2.39
N GLU A 94 11.97 -12.96 -3.58
CA GLU A 94 11.45 -11.60 -3.74
C GLU A 94 10.00 -11.51 -3.24
N ARG A 95 9.08 -12.36 -3.76
CA ARG A 95 7.67 -12.33 -3.37
C ARG A 95 7.44 -12.54 -1.87
N MET A 96 8.28 -13.37 -1.25
CA MET A 96 8.14 -13.67 0.18
C MET A 96 8.77 -12.58 1.06
N LEU A 97 9.77 -11.82 0.57
CA LEU A 97 10.34 -10.68 1.30
C LEU A 97 9.34 -9.52 1.43
N TYR A 98 8.67 -9.12 0.34
CA TYR A 98 7.52 -8.20 0.44
C TYR A 98 6.49 -8.75 1.42
N SER A 99 5.98 -9.96 1.19
CA SER A 99 4.90 -10.58 1.99
C SER A 99 5.25 -10.76 3.48
N SER A 100 6.53 -10.87 3.83
CA SER A 100 7.04 -10.97 5.22
C SER A 100 7.20 -9.62 5.93
N CYS A 101 7.17 -8.51 5.19
CA CYS A 101 7.19 -7.17 5.77
C CYS A 101 5.78 -6.56 5.84
N LYS A 102 4.80 -7.15 5.13
CA LYS A 102 3.41 -6.72 5.05
C LYS A 102 2.72 -6.46 6.40
N SER A 103 2.99 -7.28 7.41
CA SER A 103 2.45 -7.14 8.77
C SER A 103 3.12 -6.03 9.58
N PRO A 104 4.47 -5.95 9.73
CA PRO A 104 5.11 -4.84 10.43
C PRO A 104 4.95 -3.49 9.71
N LEU A 105 5.02 -3.41 8.38
CA LEU A 105 4.79 -2.14 7.64
C LEU A 105 3.40 -1.55 7.87
N LEU A 106 2.42 -2.42 8.13
CA LEU A 106 1.02 -2.10 8.39
C LEU A 106 0.78 -1.73 9.87
N GLU A 107 1.49 -2.39 10.78
CA GLU A 107 1.52 -2.07 12.21
C GLU A 107 2.22 -0.73 12.47
N ILE A 108 3.24 -0.36 11.68
CA ILE A 108 3.90 0.95 11.78
C ILE A 108 2.92 2.07 11.44
N VAL A 109 2.17 2.01 10.33
CA VAL A 109 1.15 3.04 10.04
C VAL A 109 -0.03 2.99 11.03
N GLU A 110 -0.52 1.81 11.43
CA GLU A 110 -1.61 1.70 12.41
C GLU A 110 -1.22 2.13 13.84
N ARG A 111 0.01 1.87 14.30
CA ARG A 111 0.39 1.95 15.73
C ARG A 111 1.60 2.86 16.05
N GLN A 112 2.51 3.10 15.11
CA GLN A 112 3.66 4.01 15.30
C GLN A 112 3.35 5.42 14.76
N LEU A 113 2.66 5.51 13.62
CA LEU A 113 2.01 6.75 13.14
C LEU A 113 0.60 6.95 13.73
N GLN A 114 0.06 5.93 14.43
CA GLN A 114 -1.27 5.94 15.07
C GLN A 114 -2.42 6.34 14.12
N MET A 115 -2.30 6.02 12.83
CA MET A 115 -3.21 6.43 11.76
C MET A 115 -4.16 5.31 11.35
N ASP A 116 -5.46 5.60 11.27
CA ASP A 116 -6.47 4.66 10.79
C ASP A 116 -6.36 4.39 9.27
N VAL A 117 -7.02 3.32 8.81
CA VAL A 117 -6.98 2.85 7.42
C VAL A 117 -8.37 2.37 6.99
N ILE A 118 -8.82 2.88 5.84
CA ILE A 118 -10.07 2.54 5.15
C ILE A 118 -10.16 1.03 4.92
N ARG A 119 -9.14 0.46 4.25
CA ARG A 119 -9.09 -0.94 3.81
C ARG A 119 -7.67 -1.38 3.44
N LYS A 120 -7.46 -2.69 3.45
CA LYS A 120 -6.28 -3.40 2.96
C LYS A 120 -6.64 -4.08 1.63
N ILE A 121 -6.06 -3.61 0.52
CA ILE A 121 -6.42 -4.01 -0.85
C ILE A 121 -5.20 -4.60 -1.58
N GLU A 122 -5.42 -5.58 -2.43
CA GLU A 122 -4.38 -6.37 -3.09
C GLU A 122 -4.76 -6.69 -4.55
N ILE A 123 -3.86 -6.43 -5.51
CA ILE A 123 -4.09 -6.63 -6.95
C ILE A 123 -2.98 -7.46 -7.64
N ASP A 124 -3.35 -8.08 -8.76
CA ASP A 124 -2.48 -8.92 -9.61
C ASP A 124 -1.61 -8.08 -10.58
N ASN A 125 -2.14 -6.94 -11.03
CA ASN A 125 -1.65 -6.20 -12.21
C ASN A 125 -1.83 -4.67 -12.14
N GLY A 126 -2.68 -4.16 -11.22
CA GLY A 126 -3.02 -2.75 -11.05
C GLY A 126 -4.07 -2.18 -12.02
N ASP A 127 -4.36 -2.87 -13.14
CA ASP A 127 -5.45 -2.52 -14.08
C ASP A 127 -6.82 -2.44 -13.39
N GLU A 128 -6.98 -3.21 -12.31
CA GLU A 128 -8.18 -3.25 -11.47
C GLU A 128 -8.32 -2.03 -10.54
N LEU A 129 -7.30 -1.18 -10.36
CA LEU A 129 -7.40 -0.02 -9.45
C LEU A 129 -8.24 1.11 -10.09
N THR A 130 -9.40 1.36 -9.48
CA THR A 130 -10.40 2.35 -9.90
C THR A 130 -11.36 2.63 -8.75
N ALA A 131 -12.06 3.76 -8.75
CA ALA A 131 -13.02 4.13 -7.73
C ALA A 131 -14.15 3.08 -7.55
N ASP A 132 -14.45 2.31 -8.59
CA ASP A 132 -15.44 1.23 -8.53
C ASP A 132 -14.92 0.02 -7.75
N PHE A 133 -13.64 -0.33 -7.96
CA PHE A 133 -12.96 -1.43 -7.28
C PHE A 133 -12.67 -1.10 -5.82
N LEU A 134 -12.17 0.12 -5.55
CA LEU A 134 -11.89 0.58 -4.20
C LEU A 134 -13.16 0.58 -3.33
N TYR A 135 -14.32 0.94 -3.89
CA TYR A 135 -15.61 0.80 -3.21
C TYR A 135 -16.00 -0.67 -3.01
N ASP A 136 -15.93 -1.50 -4.05
CA ASP A 136 -16.26 -2.94 -3.97
C ASP A 136 -15.36 -3.72 -2.98
N GLU A 137 -14.15 -3.24 -2.72
CA GLU A 137 -13.22 -3.84 -1.76
C GLU A 137 -13.52 -3.43 -0.31
N VAL A 138 -13.98 -2.19 -0.05
CA VAL A 138 -14.31 -1.71 1.30
C VAL A 138 -15.77 -1.98 1.70
N HIS A 139 -16.68 -1.99 0.72
CA HIS A 139 -18.10 -2.40 0.84
C HIS A 139 -18.37 -3.65 -0.03
N PRO A 140 -17.83 -4.83 0.32
CA PRO A 140 -18.05 -6.08 -0.41
C PRO A 140 -19.48 -6.63 -0.25
N LYS A 141 -19.83 -7.62 -1.09
CA LYS A 141 -21.16 -8.28 -1.12
C LYS A 141 -21.32 -9.43 -0.12
N GLN A 142 -20.38 -9.56 0.83
CA GLN A 142 -20.37 -10.54 1.93
C GLN A 142 -21.63 -10.45 2.83
N ALA A 1 4.44 -21.44 18.79
CA ALA A 1 4.31 -19.99 18.51
C ALA A 1 5.56 -19.48 17.79
N GLN A 2 5.40 -18.93 16.57
CA GLN A 2 6.50 -18.50 15.69
C GLN A 2 6.06 -17.40 14.69
N GLY A 3 7.02 -16.70 14.10
CA GLY A 3 6.79 -15.61 13.14
C GLY A 3 8.06 -14.86 12.75
N VAL A 4 7.92 -13.85 11.87
CA VAL A 4 9.02 -12.99 11.39
C VAL A 4 8.48 -11.60 11.01
N ALA A 5 9.34 -10.57 11.15
CA ALA A 5 9.06 -9.17 10.80
C ALA A 5 10.36 -8.45 10.39
N PHE A 6 10.22 -7.29 9.73
CA PHE A 6 11.31 -6.54 9.11
C PHE A 6 11.12 -5.01 9.25
N PRO A 7 12.21 -4.21 9.28
CA PRO A 7 12.16 -2.76 9.46
C PRO A 7 11.78 -2.02 8.17
N ILE A 8 11.50 -0.72 8.30
CA ILE A 8 11.26 0.22 7.19
C ILE A 8 12.46 1.19 7.05
N SER A 9 12.76 1.62 5.83
CA SER A 9 13.77 2.63 5.53
C SER A 9 13.33 4.03 5.99
N ARG A 10 14.31 4.92 6.21
CA ARG A 10 14.08 6.33 6.55
C ARG A 10 13.24 7.03 5.47
N ASP A 11 13.65 6.95 4.21
CA ASP A 11 12.92 7.56 3.08
C ASP A 11 11.47 7.07 2.95
N ALA A 12 11.26 5.77 3.09
CA ALA A 12 9.93 5.15 2.97
C ALA A 12 9.00 5.63 4.09
N PHE A 13 9.51 5.71 5.33
CA PHE A 13 8.76 6.26 6.46
C PHE A 13 8.53 7.78 6.34
N GLN A 14 9.50 8.52 5.80
CA GLN A 14 9.44 9.99 5.60
C GLN A 14 8.32 10.43 4.65
N ALA A 15 7.82 9.54 3.79
CA ALA A 15 6.65 9.78 2.96
C ALA A 15 5.33 9.41 3.68
N LEU A 16 5.31 8.32 4.44
CA LEU A 16 4.12 7.82 5.14
C LEU A 16 3.71 8.72 6.32
N GLU A 17 4.68 9.33 7.01
CA GLU A 17 4.43 10.33 8.05
C GLU A 17 3.75 11.63 7.55
N LYS A 18 3.74 11.84 6.23
CA LYS A 18 3.04 12.95 5.54
C LYS A 18 1.73 12.51 4.90
N LEU A 19 1.67 11.28 4.38
CA LEU A 19 0.44 10.62 3.92
C LEU A 19 -0.64 10.53 5.02
N SER A 20 -0.26 10.34 6.28
CA SER A 20 -1.19 10.33 7.42
C SER A 20 -1.84 11.69 7.71
N LYS A 21 -1.48 12.75 6.97
CA LYS A 21 -2.09 14.09 7.00
C LYS A 21 -2.49 14.58 5.60
N LYS A 22 -2.75 13.63 4.69
CA LYS A 22 -3.08 13.80 3.25
C LYS A 22 -2.27 14.87 2.52
N GLN A 23 -0.97 14.98 2.82
CA GLN A 23 -0.08 15.95 2.16
C GLN A 23 0.36 15.44 0.78
N LEU A 24 0.40 14.10 0.60
CA LEU A 24 0.88 13.44 -0.62
C LEU A 24 -0.28 12.71 -1.32
N ASN A 25 -0.89 11.73 -0.65
CA ASN A 25 -1.89 10.79 -1.18
C ASN A 25 -1.42 9.87 -2.34
N TYR A 26 -0.12 9.84 -2.67
CA TYR A 26 0.43 9.09 -3.82
C TYR A 26 1.87 8.55 -3.61
N VAL A 27 2.09 7.82 -2.51
CA VAL A 27 3.41 7.24 -2.19
C VAL A 27 3.62 5.87 -2.87
N GLN A 28 4.83 5.63 -3.36
CA GLN A 28 5.27 4.42 -4.06
C GLN A 28 6.57 3.89 -3.43
N LEU A 29 6.58 2.61 -3.08
CA LEU A 29 7.67 1.93 -2.38
C LEU A 29 8.17 0.70 -3.16
N GLU A 30 9.31 0.14 -2.73
CA GLU A 30 9.78 -1.20 -3.09
C GLU A 30 10.68 -1.80 -1.99
N ILE A 31 10.82 -3.12 -1.95
CA ILE A 31 11.81 -3.80 -1.08
C ILE A 31 13.26 -3.56 -1.55
N ASP A 32 14.21 -3.68 -0.63
CA ASP A 32 15.65 -3.63 -0.82
C ASP A 32 16.29 -4.86 -0.16
N ILE A 33 16.28 -5.98 -0.88
CA ILE A 33 16.74 -7.31 -0.38
C ILE A 33 18.16 -7.25 0.20
N LYS A 34 19.00 -6.32 -0.29
CA LYS A 34 20.35 -6.03 0.19
C LYS A 34 20.43 -5.67 1.69
N ASN A 35 19.32 -5.15 2.24
CA ASN A 35 19.16 -4.78 3.66
C ASN A 35 17.83 -5.32 4.25
N GLU A 36 17.09 -6.15 3.51
CA GLU A 36 15.80 -6.74 3.88
C GLU A 36 14.78 -5.71 4.42
N THR A 37 14.59 -4.59 3.71
CA THR A 37 13.75 -3.46 4.18
C THR A 37 12.98 -2.79 3.04
N ILE A 38 11.89 -2.09 3.33
CA ILE A 38 11.13 -1.31 2.34
C ILE A 38 11.77 0.07 2.20
N ILE A 39 12.14 0.46 0.99
CA ILE A 39 12.67 1.77 0.60
C ILE A 39 11.64 2.56 -0.22
N LEU A 40 11.79 3.88 -0.24
CA LEU A 40 11.02 4.76 -1.12
C LEU A 40 11.42 4.53 -2.58
N ALA A 41 10.49 4.82 -3.48
CA ALA A 41 10.66 4.66 -4.93
C ALA A 41 10.13 5.86 -5.72
N ASN A 42 8.96 6.40 -5.37
CA ASN A 42 8.43 7.63 -5.99
C ASN A 42 7.38 8.34 -5.10
N THR A 43 7.12 9.62 -5.37
CA THR A 43 6.09 10.46 -4.72
C THR A 43 5.47 11.48 -5.71
N GLU A 44 5.55 11.21 -7.02
CA GLU A 44 4.88 12.01 -8.06
C GLU A 44 3.35 11.89 -7.97
N ASN A 45 2.64 12.92 -8.47
CA ASN A 45 1.19 12.99 -8.43
C ASN A 45 0.51 11.78 -9.09
N THR A 46 -0.50 11.21 -8.41
CA THR A 46 -1.28 10.06 -8.89
C THR A 46 -2.72 10.15 -8.38
N GLU A 47 -3.69 9.81 -9.22
CA GLU A 47 -5.12 9.71 -8.87
C GLU A 47 -5.60 8.25 -8.95
N LEU A 48 -6.78 7.94 -8.44
CA LEU A 48 -7.31 6.55 -8.38
C LEU A 48 -7.56 5.92 -9.77
N ARG A 49 -7.64 6.76 -10.81
CA ARG A 49 -7.72 6.41 -12.24
C ARG A 49 -6.35 6.25 -12.91
N ASP A 50 -5.27 6.63 -12.21
CA ASP A 50 -3.89 6.72 -12.70
C ASP A 50 -2.94 5.78 -11.92
N LEU A 51 -3.44 5.14 -10.85
CA LEU A 51 -2.74 4.08 -10.11
C LEU A 51 -2.23 2.96 -11.04
N PRO A 52 -3.01 2.44 -12.03
CA PRO A 52 -2.59 1.33 -12.89
C PRO A 52 -1.28 1.57 -13.65
N LYS A 53 -0.87 2.83 -13.81
CA LYS A 53 0.38 3.24 -14.49
C LYS A 53 1.58 3.30 -13.54
N ARG A 54 1.36 3.31 -12.22
CA ARG A 54 2.41 3.21 -11.17
C ARG A 54 2.73 1.77 -10.79
N ILE A 55 1.71 0.89 -10.80
CA ILE A 55 1.87 -0.53 -10.47
C ILE A 55 2.75 -1.26 -11.52
N PRO A 56 3.70 -2.12 -11.11
CA PRO A 56 4.51 -2.93 -12.03
C PRO A 56 3.75 -4.15 -12.58
N LYS A 57 4.38 -4.86 -13.52
CA LYS A 57 3.92 -6.15 -14.09
C LYS A 57 5.02 -7.22 -14.17
N ASP A 58 6.10 -7.03 -13.40
CA ASP A 58 7.37 -7.79 -13.44
C ASP A 58 7.95 -8.13 -12.05
N SER A 59 7.39 -7.56 -10.97
CA SER A 59 7.87 -7.63 -9.58
C SER A 59 6.70 -7.39 -8.61
N ALA A 60 6.81 -7.78 -7.34
CA ALA A 60 5.99 -7.21 -6.29
C ALA A 60 6.40 -5.75 -6.00
N ARG A 61 5.47 -4.95 -5.44
CA ARG A 61 5.69 -3.57 -4.93
C ARG A 61 4.60 -3.19 -3.91
N TYR A 62 4.87 -2.14 -3.11
CA TYR A 62 3.92 -1.54 -2.18
C TYR A 62 3.56 -0.09 -2.57
N HIS A 63 2.32 0.31 -2.27
CA HIS A 63 1.71 1.57 -2.72
C HIS A 63 0.71 2.05 -1.66
N PHE A 64 0.51 3.36 -1.54
CA PHE A 64 -0.54 3.92 -0.68
C PHE A 64 -1.32 5.04 -1.36
N PHE A 65 -2.62 5.10 -1.04
CA PHE A 65 -3.57 6.12 -1.51
C PHE A 65 -4.36 6.72 -0.33
N LEU A 66 -5.16 7.76 -0.57
CA LEU A 66 -6.18 8.26 0.38
C LEU A 66 -7.57 8.25 -0.28
N TYR A 67 -8.33 7.18 -0.07
CA TYR A 67 -9.69 7.04 -0.61
C TYR A 67 -10.72 7.80 0.25
N LYS A 68 -11.79 8.25 -0.41
CA LYS A 68 -12.87 9.06 0.17
C LYS A 68 -14.22 8.49 -0.26
N HIS A 69 -15.10 8.20 0.70
CA HIS A 69 -16.39 7.51 0.48
C HIS A 69 -17.50 8.00 1.43
N SER A 70 -18.69 7.40 1.34
CA SER A 70 -19.86 7.78 2.15
C SER A 70 -20.77 6.61 2.47
N HIS A 71 -21.29 6.59 3.70
CA HIS A 71 -22.31 5.65 4.19
C HIS A 71 -23.07 6.24 5.39
N GLU A 72 -24.27 5.71 5.67
CA GLU A 72 -25.15 6.09 6.80
C GLU A 72 -25.43 7.60 6.94
N GLY A 73 -25.41 8.33 5.81
CA GLY A 73 -25.64 9.78 5.77
C GLY A 73 -24.43 10.64 6.14
N ASP A 74 -23.21 10.10 6.01
CA ASP A 74 -21.94 10.76 6.38
C ASP A 74 -20.85 10.53 5.31
N TYR A 75 -19.71 11.18 5.47
CA TYR A 75 -18.63 11.23 4.49
C TYR A 75 -17.28 11.03 5.19
N LEU A 76 -16.59 9.96 4.81
CA LEU A 76 -15.44 9.40 5.52
C LEU A 76 -14.24 9.25 4.56
N GLU A 77 -13.04 9.47 5.07
CA GLU A 77 -11.81 9.46 4.28
C GLU A 77 -10.60 9.06 5.12
N SER A 78 -9.74 8.20 4.55
CA SER A 78 -8.53 7.69 5.21
C SER A 78 -7.55 6.99 4.24
N VAL A 79 -6.39 6.57 4.75
CA VAL A 79 -5.34 5.86 3.99
C VAL A 79 -5.83 4.51 3.46
N VAL A 80 -5.39 4.11 2.28
CA VAL A 80 -5.54 2.76 1.71
C VAL A 80 -4.16 2.12 1.61
N PHE A 81 -4.03 0.90 2.14
CA PHE A 81 -2.86 0.05 1.90
C PHE A 81 -3.12 -0.77 0.63
N ILE A 82 -2.26 -0.61 -0.39
CA ILE A 82 -2.35 -1.34 -1.66
C ILE A 82 -1.06 -2.15 -1.87
N TYR A 83 -1.20 -3.43 -2.24
CA TYR A 83 -0.10 -4.34 -2.52
C TYR A 83 -0.22 -4.90 -3.95
N SER A 84 0.92 -5.05 -4.61
CA SER A 84 1.05 -5.73 -5.90
C SER A 84 1.94 -6.96 -5.80
N MET A 85 1.44 -8.10 -6.27
CA MET A 85 2.15 -9.38 -6.29
C MET A 85 1.67 -10.21 -7.51
N PRO A 86 2.45 -10.27 -8.61
CA PRO A 86 1.99 -10.90 -9.85
C PRO A 86 1.90 -12.42 -9.76
N GLY A 87 2.88 -13.07 -9.12
CA GLY A 87 2.96 -14.53 -8.93
C GLY A 87 3.56 -15.29 -10.11
N TYR A 88 3.41 -14.79 -11.34
CA TYR A 88 3.90 -15.42 -12.58
C TYR A 88 5.36 -15.07 -12.96
N THR A 89 5.97 -14.10 -12.28
CA THR A 89 7.28 -13.52 -12.68
C THR A 89 8.20 -13.09 -11.52
N CYS A 90 7.67 -12.64 -10.39
CA CYS A 90 8.47 -12.26 -9.21
C CYS A 90 9.21 -13.46 -8.60
N SER A 91 10.42 -13.25 -8.09
CA SER A 91 11.23 -14.31 -7.45
C SER A 91 10.61 -14.80 -6.13
N ILE A 92 10.91 -16.05 -5.74
CA ILE A 92 10.43 -16.67 -4.48
C ILE A 92 10.90 -15.87 -3.26
N ARG A 93 12.17 -15.44 -3.29
CA ARG A 93 12.85 -14.71 -2.21
C ARG A 93 12.45 -13.23 -2.17
N GLU A 94 11.97 -12.71 -3.30
CA GLU A 94 11.37 -11.38 -3.37
C GLU A 94 9.96 -11.39 -2.74
N ARG A 95 9.05 -12.21 -3.27
CA ARG A 95 7.63 -12.19 -2.88
C ARG A 95 7.41 -12.51 -1.40
N MET A 96 8.25 -13.40 -0.82
CA MET A 96 8.17 -13.76 0.60
C MET A 96 8.65 -12.64 1.52
N LEU A 97 9.59 -11.80 1.08
CA LEU A 97 10.05 -10.64 1.84
C LEU A 97 8.95 -9.58 1.94
N TYR A 98 8.36 -9.17 0.80
CA TYR A 98 7.16 -8.33 0.80
C TYR A 98 6.05 -8.92 1.69
N SER A 99 5.69 -10.19 1.47
CA SER A 99 4.59 -10.85 2.20
C SER A 99 4.85 -11.00 3.71
N SER A 100 6.12 -11.03 4.13
CA SER A 100 6.53 -11.01 5.55
C SER A 100 6.43 -9.62 6.18
N CYS A 101 6.68 -8.57 5.40
CA CYS A 101 6.53 -7.17 5.81
C CYS A 101 5.07 -6.73 5.94
N LYS A 102 4.15 -7.39 5.25
CA LYS A 102 2.71 -7.09 5.18
C LYS A 102 2.00 -6.94 6.53
N SER A 103 2.58 -7.49 7.59
CA SER A 103 2.06 -7.46 8.97
C SER A 103 2.63 -6.26 9.78
N PRO A 104 3.95 -6.07 9.92
CA PRO A 104 4.51 -4.89 10.59
C PRO A 104 4.24 -3.56 9.86
N LEU A 105 4.13 -3.56 8.52
CA LEU A 105 3.76 -2.36 7.75
C LEU A 105 2.40 -1.78 8.16
N LEU A 106 1.44 -2.64 8.51
CA LEU A 106 0.14 -2.22 9.02
C LEU A 106 0.24 -1.66 10.45
N GLU A 107 1.09 -2.23 11.30
CA GLU A 107 1.38 -1.72 12.65
C GLU A 107 2.08 -0.36 12.61
N ILE A 108 2.95 -0.11 11.62
CA ILE A 108 3.61 1.19 11.46
C ILE A 108 2.59 2.29 11.16
N VAL A 109 1.65 2.11 10.22
CA VAL A 109 0.60 3.11 9.98
C VAL A 109 -0.44 3.18 11.11
N GLU A 110 -0.90 2.05 11.64
CA GLU A 110 -1.93 2.02 12.69
C GLU A 110 -1.45 2.46 14.08
N ARG A 111 -0.16 2.22 14.44
CA ARG A 111 0.37 2.45 15.80
C ARG A 111 1.59 3.37 15.86
N GLN A 112 2.56 3.26 14.93
CA GLN A 112 3.71 4.18 14.87
C GLN A 112 3.34 5.56 14.29
N LEU A 113 2.28 5.64 13.47
CA LEU A 113 1.70 6.87 12.91
C LEU A 113 0.26 7.15 13.40
N GLN A 114 -0.31 6.27 14.23
CA GLN A 114 -1.65 6.41 14.85
C GLN A 114 -2.77 6.78 13.86
N MET A 115 -2.73 6.23 12.64
CA MET A 115 -3.61 6.59 11.52
C MET A 115 -4.49 5.41 11.09
N ASP A 116 -5.79 5.68 10.89
CA ASP A 116 -6.75 4.67 10.41
C ASP A 116 -6.52 4.29 8.94
N VAL A 117 -7.09 3.15 8.54
CA VAL A 117 -6.92 2.55 7.22
C VAL A 117 -8.26 2.03 6.68
N ILE A 118 -8.61 2.53 5.49
CA ILE A 118 -9.84 2.21 4.74
C ILE A 118 -9.94 0.71 4.44
N ARG A 119 -8.89 0.14 3.83
CA ARG A 119 -8.77 -1.29 3.44
C ARG A 119 -7.31 -1.69 3.17
N LYS A 120 -7.13 -3.01 2.99
CA LYS A 120 -5.87 -3.71 2.69
C LYS A 120 -5.98 -4.42 1.35
N ILE A 121 -6.15 -3.61 0.31
CA ILE A 121 -6.43 -3.99 -1.09
C ILE A 121 -5.20 -4.66 -1.73
N GLU A 122 -5.42 -5.65 -2.59
CA GLU A 122 -4.35 -6.44 -3.23
C GLU A 122 -4.69 -6.76 -4.70
N ILE A 123 -3.74 -6.51 -5.61
CA ILE A 123 -3.85 -6.73 -7.06
C ILE A 123 -2.60 -7.44 -7.62
N ASP A 124 -2.66 -7.87 -8.89
CA ASP A 124 -1.56 -8.61 -9.55
C ASP A 124 -0.78 -7.78 -10.59
N ASN A 125 -1.45 -6.82 -11.23
CA ASN A 125 -0.88 -5.94 -12.27
C ASN A 125 -1.43 -4.50 -12.23
N GLY A 126 -2.39 -4.21 -11.35
CA GLY A 126 -2.91 -2.87 -11.07
C GLY A 126 -3.97 -2.35 -12.04
N ASP A 127 -4.25 -3.07 -13.13
CA ASP A 127 -5.31 -2.71 -14.10
C ASP A 127 -6.71 -2.60 -13.48
N GLU A 128 -6.91 -3.25 -12.33
CA GLU A 128 -8.14 -3.26 -11.57
C GLU A 128 -8.29 -2.04 -10.64
N LEU A 129 -7.25 -1.21 -10.42
CA LEU A 129 -7.35 -0.05 -9.53
C LEU A 129 -8.17 1.07 -10.21
N THR A 130 -9.34 1.38 -9.65
CA THR A 130 -10.32 2.37 -10.13
C THR A 130 -11.31 2.69 -9.00
N ALA A 131 -11.98 3.85 -9.07
CA ALA A 131 -12.98 4.26 -8.07
C ALA A 131 -14.10 3.23 -7.86
N ASP A 132 -14.40 2.40 -8.86
CA ASP A 132 -15.41 1.33 -8.76
C ASP A 132 -14.88 0.14 -7.94
N PHE A 133 -13.61 -0.20 -8.11
CA PHE A 133 -12.92 -1.26 -7.39
C PHE A 133 -12.62 -0.86 -5.95
N LEU A 134 -12.14 0.37 -5.73
CA LEU A 134 -11.90 0.92 -4.40
C LEU A 134 -13.21 0.99 -3.59
N TYR A 135 -14.35 1.26 -4.22
CA TYR A 135 -15.66 1.13 -3.56
C TYR A 135 -15.99 -0.33 -3.23
N ASP A 136 -15.94 -1.24 -4.21
CA ASP A 136 -16.29 -2.66 -4.05
C ASP A 136 -15.40 -3.42 -3.05
N GLU A 137 -14.13 -3.01 -2.90
CA GLU A 137 -13.19 -3.56 -1.92
C GLU A 137 -13.56 -3.16 -0.49
N VAL A 138 -14.09 -1.96 -0.29
CA VAL A 138 -14.39 -1.39 1.03
C VAL A 138 -15.85 -1.67 1.45
N HIS A 139 -16.77 -1.71 0.49
CA HIS A 139 -18.18 -2.10 0.62
C HIS A 139 -18.51 -3.33 -0.27
N PRO A 140 -18.02 -4.53 0.12
CA PRO A 140 -18.32 -5.79 -0.58
C PRO A 140 -19.78 -6.25 -0.36
N LYS A 141 -20.15 -7.36 -1.01
CA LYS A 141 -21.51 -7.96 -0.98
C LYS A 141 -21.57 -9.35 -0.30
N GLN A 142 -20.53 -9.69 0.48
CA GLN A 142 -20.41 -10.93 1.27
C GLN A 142 -21.57 -11.12 2.29
N ALA A 1 1.13 -14.76 16.02
CA ALA A 1 2.29 -13.89 15.70
C ALA A 1 3.03 -14.39 14.44
N GLN A 2 3.75 -13.50 13.74
CA GLN A 2 4.58 -13.83 12.58
C GLN A 2 5.74 -14.78 12.91
N GLY A 3 6.23 -15.50 11.89
CA GLY A 3 7.46 -16.29 11.94
C GLY A 3 8.74 -15.46 11.77
N VAL A 4 8.65 -14.37 10.99
CA VAL A 4 9.72 -13.39 10.74
C VAL A 4 9.13 -12.02 10.38
N ALA A 5 9.86 -10.94 10.71
CA ALA A 5 9.47 -9.54 10.47
C ALA A 5 10.69 -8.66 10.14
N PHE A 6 10.44 -7.50 9.52
CA PHE A 6 11.47 -6.62 8.94
C PHE A 6 11.10 -5.12 9.10
N PRO A 7 12.09 -4.22 9.24
CA PRO A 7 11.87 -2.78 9.42
C PRO A 7 11.63 -2.04 8.09
N ILE A 8 11.09 -0.83 8.21
CA ILE A 8 11.04 0.18 7.15
C ILE A 8 12.33 1.04 7.14
N SER A 9 12.73 1.52 5.96
CA SER A 9 13.85 2.47 5.81
C SER A 9 13.40 3.92 6.05
N ARG A 10 14.37 4.82 6.27
CA ARG A 10 14.15 6.24 6.60
C ARG A 10 13.31 6.96 5.54
N ASP A 11 13.70 6.89 4.27
CA ASP A 11 13.01 7.60 3.18
C ASP A 11 11.56 7.13 3.00
N ALA A 12 11.33 5.81 3.10
CA ALA A 12 9.99 5.23 2.99
C ALA A 12 9.10 5.72 4.14
N PHE A 13 9.62 5.74 5.38
CA PHE A 13 8.88 6.28 6.52
C PHE A 13 8.65 7.79 6.41
N GLN A 14 9.63 8.55 5.87
CA GLN A 14 9.55 10.01 5.68
C GLN A 14 8.46 10.46 4.72
N ALA A 15 8.02 9.58 3.80
CA ALA A 15 6.84 9.80 2.97
C ALA A 15 5.54 9.39 3.70
N LEU A 16 5.54 8.28 4.45
CA LEU A 16 4.36 7.75 5.15
C LEU A 16 3.91 8.64 6.32
N GLU A 17 4.84 9.29 7.01
CA GLU A 17 4.53 10.27 8.06
C GLU A 17 3.76 11.50 7.53
N LYS A 18 3.92 11.86 6.25
CA LYS A 18 3.19 12.95 5.58
C LYS A 18 1.88 12.48 4.93
N LEU A 19 1.88 11.29 4.34
CA LEU A 19 0.73 10.56 3.82
C LEU A 19 -0.35 10.36 4.90
N SER A 20 0.07 10.15 6.16
CA SER A 20 -0.82 10.00 7.34
C SER A 20 -1.64 11.27 7.69
N LYS A 21 -1.37 12.41 7.03
CA LYS A 21 -2.13 13.68 7.17
C LYS A 21 -2.57 14.23 5.80
N LYS A 22 -2.74 13.34 4.80
CA LYS A 22 -3.25 13.64 3.45
C LYS A 22 -2.41 14.67 2.67
N GLN A 23 -1.11 14.80 2.97
CA GLN A 23 -0.25 15.83 2.36
C GLN A 23 0.25 15.41 0.96
N LEU A 24 0.37 14.09 0.72
CA LEU A 24 0.93 13.51 -0.52
C LEU A 24 -0.17 12.76 -1.28
N ASN A 25 -0.77 11.75 -0.64
CA ASN A 25 -1.81 10.86 -1.20
C ASN A 25 -1.36 9.93 -2.37
N TYR A 26 -0.07 9.97 -2.76
CA TYR A 26 0.48 9.21 -3.89
C TYR A 26 1.92 8.69 -3.65
N VAL A 27 2.14 7.97 -2.54
CA VAL A 27 3.45 7.38 -2.19
C VAL A 27 3.65 6.01 -2.85
N GLN A 28 4.87 5.75 -3.34
CA GLN A 28 5.29 4.52 -4.00
C GLN A 28 6.59 4.02 -3.37
N LEU A 29 6.61 2.75 -2.94
CA LEU A 29 7.72 2.10 -2.23
C LEU A 29 8.13 0.82 -2.98
N GLU A 30 9.29 0.27 -2.62
CA GLU A 30 9.73 -1.09 -2.98
C GLU A 30 10.70 -1.67 -1.95
N ILE A 31 10.81 -2.98 -1.87
CA ILE A 31 11.82 -3.68 -1.05
C ILE A 31 13.27 -3.45 -1.58
N ASP A 32 14.24 -3.60 -0.69
CA ASP A 32 15.68 -3.56 -0.94
C ASP A 32 16.32 -4.78 -0.28
N ILE A 33 16.32 -5.92 -0.99
CA ILE A 33 16.79 -7.23 -0.47
C ILE A 33 18.23 -7.15 0.05
N LYS A 34 19.04 -6.23 -0.49
CA LYS A 34 20.43 -5.93 -0.04
C LYS A 34 20.53 -5.58 1.45
N ASN A 35 19.46 -5.02 2.02
CA ASN A 35 19.32 -4.63 3.43
C ASN A 35 18.02 -5.17 4.07
N GLU A 36 17.27 -6.02 3.35
CA GLU A 36 16.00 -6.63 3.77
C GLU A 36 14.98 -5.61 4.35
N THR A 37 14.75 -4.50 3.63
CA THR A 37 13.92 -3.37 4.13
C THR A 37 13.16 -2.67 3.00
N ILE A 38 12.07 -1.97 3.34
CA ILE A 38 11.28 -1.18 2.37
C ILE A 38 11.91 0.21 2.21
N ILE A 39 12.20 0.61 0.97
CA ILE A 39 12.76 1.92 0.61
C ILE A 39 11.75 2.73 -0.23
N LEU A 40 11.94 4.05 -0.26
CA LEU A 40 11.15 4.96 -1.11
C LEU A 40 11.52 4.75 -2.59
N ALA A 41 10.55 4.99 -3.47
CA ALA A 41 10.72 4.84 -4.92
C ALA A 41 10.19 6.05 -5.72
N ASN A 42 9.00 6.59 -5.38
CA ASN A 42 8.45 7.79 -6.02
C ASN A 42 7.39 8.48 -5.12
N THR A 43 7.18 9.80 -5.33
CA THR A 43 6.16 10.62 -4.65
C THR A 43 5.56 11.69 -5.58
N GLU A 44 5.66 11.50 -6.90
CA GLU A 44 5.03 12.39 -7.89
C GLU A 44 3.51 12.16 -7.99
N ASN A 45 2.76 13.14 -8.50
CA ASN A 45 1.30 13.14 -8.46
C ASN A 45 0.64 11.91 -9.14
N THR A 46 -0.45 11.42 -8.55
CA THR A 46 -1.26 10.30 -9.08
C THR A 46 -2.70 10.38 -8.53
N GLU A 47 -3.67 9.93 -9.32
CA GLU A 47 -5.08 9.77 -8.96
C GLU A 47 -5.54 8.34 -9.28
N LEU A 48 -6.72 7.89 -8.82
CA LEU A 48 -7.18 6.50 -8.98
C LEU A 48 -7.44 6.08 -10.45
N ARG A 49 -7.47 7.05 -11.37
CA ARG A 49 -7.48 6.87 -12.84
C ARG A 49 -6.08 6.68 -13.45
N ASP A 50 -5.02 7.00 -12.71
CA ASP A 50 -3.62 7.00 -13.14
C ASP A 50 -2.76 6.00 -12.33
N LEU A 51 -3.27 5.54 -11.19
CA LEU A 51 -2.70 4.51 -10.32
C LEU A 51 -2.35 3.22 -11.07
N PRO A 52 -3.19 2.72 -12.00
CA PRO A 52 -2.91 1.50 -12.78
C PRO A 52 -1.63 1.57 -13.63
N LYS A 53 -1.15 2.79 -13.91
CA LYS A 53 0.07 3.05 -14.69
C LYS A 53 1.33 3.11 -13.80
N ARG A 54 1.17 3.21 -12.48
CA ARG A 54 2.25 3.21 -11.48
C ARG A 54 2.54 1.80 -10.95
N ILE A 55 1.51 0.96 -10.85
CA ILE A 55 1.63 -0.46 -10.47
C ILE A 55 2.47 -1.24 -11.52
N PRO A 56 3.46 -2.07 -11.11
CA PRO A 56 4.23 -2.92 -12.03
C PRO A 56 3.45 -4.16 -12.51
N LYS A 57 4.04 -4.90 -13.47
CA LYS A 57 3.55 -6.20 -13.98
C LYS A 57 4.65 -7.29 -14.04
N ASP A 58 5.76 -7.06 -13.34
CA ASP A 58 7.01 -7.84 -13.40
C ASP A 58 7.65 -8.14 -12.03
N SER A 59 7.15 -7.50 -10.97
CA SER A 59 7.69 -7.53 -9.59
C SER A 59 6.57 -7.21 -8.59
N ALA A 60 6.71 -7.60 -7.32
CA ALA A 60 5.89 -7.04 -6.25
C ALA A 60 6.29 -5.58 -5.95
N ARG A 61 5.37 -4.79 -5.39
CA ARG A 61 5.57 -3.40 -4.92
C ARG A 61 4.51 -3.00 -3.87
N TYR A 62 4.77 -1.90 -3.15
CA TYR A 62 3.90 -1.33 -2.12
C TYR A 62 3.47 0.11 -2.48
N HIS A 63 2.22 0.44 -2.17
CA HIS A 63 1.57 1.68 -2.61
C HIS A 63 0.57 2.18 -1.54
N PHE A 64 0.40 3.49 -1.43
CA PHE A 64 -0.60 4.10 -0.54
C PHE A 64 -1.39 5.20 -1.23
N PHE A 65 -2.70 5.20 -1.03
CA PHE A 65 -3.66 6.13 -1.65
C PHE A 65 -4.68 6.67 -0.63
N LEU A 66 -5.19 7.88 -0.84
CA LEU A 66 -6.33 8.44 -0.09
C LEU A 66 -7.65 8.15 -0.82
N TYR A 67 -8.48 7.25 -0.28
CA TYR A 67 -9.81 6.99 -0.80
C TYR A 67 -10.89 7.78 -0.05
N LYS A 68 -11.93 8.18 -0.78
CA LYS A 68 -13.04 9.03 -0.32
C LYS A 68 -14.37 8.34 -0.69
N HIS A 69 -15.27 8.23 0.28
CA HIS A 69 -16.55 7.51 0.13
C HIS A 69 -17.68 8.13 0.97
N SER A 70 -18.88 7.55 0.88
CA SER A 70 -20.06 8.00 1.64
C SER A 70 -20.97 6.84 2.04
N HIS A 71 -21.53 6.92 3.25
CA HIS A 71 -22.53 5.98 3.78
C HIS A 71 -23.40 6.64 4.86
N GLU A 72 -24.62 6.10 5.06
CA GLU A 72 -25.62 6.54 6.05
C GLU A 72 -25.91 8.07 6.07
N GLY A 73 -25.76 8.72 4.91
CA GLY A 73 -26.00 10.16 4.73
C GLY A 73 -24.82 11.07 5.10
N ASP A 74 -23.60 10.55 5.12
CA ASP A 74 -22.36 11.29 5.43
C ASP A 74 -21.20 10.90 4.50
N TYR A 75 -20.13 11.69 4.52
CA TYR A 75 -19.00 11.61 3.63
C TYR A 75 -17.70 11.54 4.44
N LEU A 76 -16.88 10.52 4.16
CA LEU A 76 -15.68 10.19 4.92
C LEU A 76 -14.50 9.79 4.01
N GLU A 77 -13.27 10.00 4.47
CA GLU A 77 -12.05 9.74 3.68
C GLU A 77 -10.86 9.36 4.57
N SER A 78 -10.02 8.44 4.11
CA SER A 78 -8.79 7.99 4.81
C SER A 78 -7.82 7.21 3.91
N VAL A 79 -6.64 6.87 4.46
CA VAL A 79 -5.58 6.10 3.79
C VAL A 79 -6.01 4.67 3.46
N VAL A 80 -5.60 4.15 2.32
CA VAL A 80 -5.71 2.75 1.88
C VAL A 80 -4.30 2.16 1.80
N PHE A 81 -4.12 0.94 2.30
CA PHE A 81 -2.94 0.13 2.03
C PHE A 81 -3.21 -0.70 0.76
N ILE A 82 -2.36 -0.55 -0.25
CA ILE A 82 -2.45 -1.28 -1.52
C ILE A 82 -1.14 -2.06 -1.75
N TYR A 83 -1.26 -3.36 -2.04
CA TYR A 83 -0.14 -4.24 -2.38
C TYR A 83 -0.28 -4.77 -3.81
N SER A 84 0.85 -4.90 -4.50
CA SER A 84 0.94 -5.57 -5.79
C SER A 84 1.88 -6.76 -5.73
N MET A 85 1.41 -7.90 -6.25
CA MET A 85 2.17 -9.14 -6.40
C MET A 85 1.61 -9.99 -7.55
N PRO A 86 2.26 -10.01 -8.73
CA PRO A 86 1.81 -10.86 -9.84
C PRO A 86 1.97 -12.36 -9.52
N GLY A 87 3.11 -12.75 -8.93
CA GLY A 87 3.41 -14.13 -8.52
C GLY A 87 3.89 -15.06 -9.65
N TYR A 88 3.31 -14.93 -10.85
CA TYR A 88 3.70 -15.66 -12.07
C TYR A 88 5.07 -15.27 -12.67
N THR A 89 5.69 -14.22 -12.15
CA THR A 89 6.97 -13.63 -12.65
C THR A 89 7.96 -13.23 -11.53
N CYS A 90 7.47 -12.97 -10.31
CA CYS A 90 8.30 -12.67 -9.13
C CYS A 90 9.27 -13.81 -8.78
N SER A 91 10.49 -13.47 -8.37
CA SER A 91 11.42 -14.44 -7.76
C SER A 91 10.98 -14.81 -6.35
N ILE A 92 11.29 -16.04 -5.92
CA ILE A 92 10.88 -16.60 -4.62
C ILE A 92 11.35 -15.73 -3.44
N ARG A 93 12.57 -15.20 -3.53
CA ARG A 93 13.22 -14.37 -2.50
C ARG A 93 12.77 -12.91 -2.53
N GLU A 94 12.03 -12.50 -3.57
CA GLU A 94 11.35 -11.21 -3.59
C GLU A 94 9.98 -11.33 -2.92
N ARG A 95 9.10 -12.22 -3.40
CA ARG A 95 7.70 -12.31 -2.93
C ARG A 95 7.58 -12.61 -1.45
N MET A 96 8.51 -13.39 -0.88
CA MET A 96 8.46 -13.78 0.53
C MET A 96 8.96 -12.69 1.50
N LEU A 97 9.80 -11.75 1.04
CA LEU A 97 10.14 -10.53 1.78
C LEU A 97 8.90 -9.64 1.97
N TYR A 98 8.24 -9.24 0.87
CA TYR A 98 7.01 -8.45 0.93
C TYR A 98 5.93 -9.18 1.76
N SER A 99 5.68 -10.46 1.49
CA SER A 99 4.66 -11.22 2.23
C SER A 99 4.98 -11.40 3.73
N SER A 100 6.24 -11.20 4.16
CA SER A 100 6.65 -11.12 5.57
C SER A 100 6.57 -9.71 6.15
N CYS A 101 6.90 -8.67 5.38
CA CYS A 101 6.82 -7.26 5.80
C CYS A 101 5.37 -6.78 5.96
N LYS A 102 4.43 -7.41 5.24
CA LYS A 102 2.99 -7.09 5.19
C LYS A 102 2.28 -7.02 6.55
N SER A 103 2.88 -7.58 7.60
CA SER A 103 2.36 -7.60 8.97
C SER A 103 2.98 -6.48 9.84
N PRO A 104 4.32 -6.35 9.99
CA PRO A 104 4.93 -5.25 10.74
C PRO A 104 4.69 -3.87 10.10
N LEU A 105 4.58 -3.77 8.77
CA LEU A 105 4.24 -2.50 8.11
C LEU A 105 2.89 -1.94 8.56
N LEU A 106 1.92 -2.82 8.79
CA LEU A 106 0.58 -2.44 9.25
C LEU A 106 0.57 -2.07 10.74
N GLU A 107 1.46 -2.65 11.56
CA GLU A 107 1.69 -2.19 12.93
C GLU A 107 2.40 -0.83 12.96
N ILE A 108 3.31 -0.55 12.02
CA ILE A 108 3.93 0.76 11.89
C ILE A 108 2.89 1.83 11.52
N VAL A 109 1.95 1.57 10.61
CA VAL A 109 0.84 2.49 10.33
C VAL A 109 -0.12 2.61 11.51
N GLU A 110 -0.62 1.48 12.02
CA GLU A 110 -1.69 1.51 13.01
C GLU A 110 -1.23 1.95 14.42
N ARG A 111 0.03 1.67 14.79
CA ARG A 111 0.51 1.78 16.19
C ARG A 111 1.70 2.73 16.40
N GLN A 112 2.52 2.99 15.37
CA GLN A 112 3.67 3.92 15.44
C GLN A 112 3.35 5.28 14.77
N LEU A 113 2.71 5.27 13.61
CA LEU A 113 2.07 6.43 12.97
C LEU A 113 0.67 6.72 13.56
N GLN A 114 0.13 5.79 14.36
CA GLN A 114 -1.15 5.91 15.07
C GLN A 114 -2.33 6.31 14.14
N MET A 115 -2.34 5.75 12.93
CA MET A 115 -3.18 6.18 11.81
C MET A 115 -4.14 5.07 11.36
N ASP A 116 -5.40 5.44 11.12
CA ASP A 116 -6.45 4.55 10.60
C ASP A 116 -6.24 4.18 9.12
N VAL A 117 -6.95 3.14 8.66
CA VAL A 117 -6.84 2.60 7.30
C VAL A 117 -8.20 2.11 6.80
N ILE A 118 -8.61 2.62 5.62
CA ILE A 118 -9.85 2.30 4.91
C ILE A 118 -9.96 0.78 4.63
N ARG A 119 -8.92 0.22 3.97
CA ARG A 119 -8.81 -1.20 3.58
C ARG A 119 -7.36 -1.58 3.27
N LYS A 120 -7.16 -2.89 3.08
CA LYS A 120 -5.88 -3.59 2.88
C LYS A 120 -5.93 -4.38 1.56
N ILE A 121 -6.17 -3.61 0.49
CA ILE A 121 -6.46 -4.04 -0.88
C ILE A 121 -5.21 -4.68 -1.55
N GLU A 122 -5.42 -5.68 -2.40
CA GLU A 122 -4.34 -6.44 -3.06
C GLU A 122 -4.71 -6.77 -4.52
N ILE A 123 -3.78 -6.52 -5.45
CA ILE A 123 -3.93 -6.74 -6.91
C ILE A 123 -2.69 -7.40 -7.53
N ASP A 124 -2.79 -7.89 -8.77
CA ASP A 124 -1.70 -8.61 -9.47
C ASP A 124 -0.92 -7.71 -10.46
N ASN A 125 -1.60 -6.75 -11.08
CA ASN A 125 -1.04 -5.85 -12.11
C ASN A 125 -1.63 -4.41 -12.08
N GLY A 126 -2.60 -4.15 -11.19
CA GLY A 126 -3.13 -2.80 -10.92
C GLY A 126 -4.20 -2.30 -11.88
N ASP A 127 -4.46 -3.00 -12.98
CA ASP A 127 -5.54 -2.67 -13.93
C ASP A 127 -6.94 -2.61 -13.26
N GLU A 128 -7.09 -3.34 -12.15
CA GLU A 128 -8.32 -3.42 -11.36
C GLU A 128 -8.49 -2.23 -10.40
N LEU A 129 -7.48 -1.39 -10.15
CA LEU A 129 -7.62 -0.23 -9.27
C LEU A 129 -8.45 0.87 -9.98
N THR A 130 -9.66 1.11 -9.48
CA THR A 130 -10.64 2.08 -9.98
C THR A 130 -11.62 2.44 -8.85
N ALA A 131 -12.29 3.59 -8.95
CA ALA A 131 -13.25 4.05 -7.94
C ALA A 131 -14.38 3.03 -7.65
N ASP A 132 -14.68 2.14 -8.62
CA ASP A 132 -15.68 1.08 -8.46
C ASP A 132 -15.13 -0.11 -7.64
N PHE A 133 -13.86 -0.46 -7.88
CA PHE A 133 -13.16 -1.54 -7.17
C PHE A 133 -12.81 -1.13 -5.74
N LEU A 134 -12.31 0.10 -5.55
CA LEU A 134 -12.04 0.67 -4.23
C LEU A 134 -13.33 0.77 -3.39
N TYR A 135 -14.49 1.03 -4.01
CA TYR A 135 -15.76 0.96 -3.29
C TYR A 135 -16.12 -0.48 -2.91
N ASP A 136 -16.09 -1.42 -3.86
CA ASP A 136 -16.47 -2.82 -3.64
C ASP A 136 -15.52 -3.58 -2.69
N GLU A 137 -14.26 -3.17 -2.57
CA GLU A 137 -13.29 -3.68 -1.60
C GLU A 137 -13.63 -3.23 -0.17
N VAL A 138 -14.14 -2.00 -0.01
CA VAL A 138 -14.44 -1.40 1.30
C VAL A 138 -15.87 -1.70 1.76
N HIS A 139 -16.80 -1.80 0.82
CA HIS A 139 -18.21 -2.20 0.99
C HIS A 139 -18.51 -3.49 0.18
N PRO A 140 -17.96 -4.65 0.61
CA PRO A 140 -18.17 -5.94 -0.06
C PRO A 140 -19.60 -6.46 0.12
N LYS A 141 -19.93 -7.51 -0.66
CA LYS A 141 -21.29 -8.09 -0.74
C LYS A 141 -21.42 -9.43 0.01
N GLN A 142 -20.48 -9.71 0.94
CA GLN A 142 -20.38 -10.92 1.76
C GLN A 142 -19.79 -10.62 3.14
N ALA A 1 2.26 -17.09 19.50
CA ALA A 1 3.68 -16.79 19.20
C ALA A 1 3.95 -15.28 19.15
N GLN A 2 5.17 -14.85 19.52
CA GLN A 2 5.56 -13.43 19.55
C GLN A 2 5.70 -12.75 18.16
N GLY A 3 5.78 -13.54 17.07
CA GLY A 3 5.86 -13.05 15.69
C GLY A 3 7.24 -12.46 15.31
N VAL A 4 7.26 -11.69 14.22
CA VAL A 4 8.44 -11.01 13.66
C VAL A 4 8.06 -9.64 13.06
N ALA A 5 9.02 -8.71 13.01
CA ALA A 5 8.84 -7.36 12.46
C ALA A 5 10.09 -6.86 11.70
N PHE A 6 9.90 -5.85 10.85
CA PHE A 6 10.94 -5.24 10.01
C PHE A 6 10.85 -3.70 10.11
N PRO A 7 11.98 -2.98 10.33
CA PRO A 7 11.97 -1.60 10.84
C PRO A 7 11.87 -0.50 9.76
N ILE A 8 11.19 -0.79 8.64
CA ILE A 8 11.05 0.10 7.47
C ILE A 8 12.40 0.72 7.03
N SER A 9 12.38 1.86 6.33
CA SER A 9 13.54 2.73 6.10
C SER A 9 13.10 4.20 6.14
N ARG A 10 14.05 5.11 6.37
CA ARG A 10 13.80 6.53 6.60
C ARG A 10 12.98 7.18 5.50
N ASP A 11 13.38 7.01 4.24
CA ASP A 11 12.68 7.65 3.10
C ASP A 11 11.25 7.15 2.93
N ALA A 12 11.01 5.84 3.13
CA ALA A 12 9.66 5.27 3.04
C ALA A 12 8.75 5.84 4.14
N PHE A 13 9.26 5.92 5.37
CA PHE A 13 8.52 6.45 6.52
C PHE A 13 8.32 7.97 6.43
N GLN A 14 9.28 8.71 5.85
CA GLN A 14 9.23 10.16 5.60
C GLN A 14 8.10 10.57 4.65
N ALA A 15 7.59 9.64 3.85
CA ALA A 15 6.45 9.82 2.97
C ALA A 15 5.13 9.40 3.67
N LEU A 16 5.09 8.23 4.30
CA LEU A 16 3.92 7.75 5.05
C LEU A 16 3.50 8.70 6.19
N GLU A 17 4.46 9.33 6.87
CA GLU A 17 4.19 10.30 7.94
C GLU A 17 3.48 11.59 7.46
N LYS A 18 3.51 11.89 6.16
CA LYS A 18 2.80 13.02 5.51
C LYS A 18 1.47 12.57 4.88
N LEU A 19 1.43 11.35 4.36
CA LEU A 19 0.19 10.69 3.89
C LEU A 19 -0.89 10.62 4.99
N SER A 20 -0.50 10.47 6.27
CA SER A 20 -1.44 10.48 7.41
C SER A 20 -2.10 11.84 7.67
N LYS A 21 -1.75 12.88 6.88
CA LYS A 21 -2.33 14.23 6.92
C LYS A 21 -2.84 14.69 5.54
N LYS A 22 -3.13 13.73 4.65
CA LYS A 22 -3.65 13.93 3.27
C LYS A 22 -2.74 14.76 2.36
N GLN A 23 -1.44 14.89 2.67
CA GLN A 23 -0.55 15.82 1.96
C GLN A 23 -0.12 15.29 0.58
N LEU A 24 -0.08 13.96 0.43
CA LEU A 24 0.47 13.29 -0.76
C LEU A 24 -0.62 12.55 -1.53
N ASN A 25 -1.26 11.55 -0.90
CA ASN A 25 -2.21 10.59 -1.50
C ASN A 25 -1.62 9.63 -2.58
N TYR A 26 -0.30 9.65 -2.80
CA TYR A 26 0.35 8.96 -3.94
C TYR A 26 1.77 8.39 -3.66
N VAL A 27 1.95 7.73 -2.52
CA VAL A 27 3.27 7.17 -2.13
C VAL A 27 3.49 5.79 -2.78
N GLN A 28 4.71 5.57 -3.28
CA GLN A 28 5.16 4.36 -3.96
C GLN A 28 6.47 3.87 -3.32
N LEU A 29 6.48 2.59 -2.95
CA LEU A 29 7.56 1.92 -2.22
C LEU A 29 8.05 0.68 -2.98
N GLU A 30 9.18 0.13 -2.54
CA GLU A 30 9.69 -1.20 -2.90
C GLU A 30 10.56 -1.80 -1.77
N ILE A 31 10.71 -3.11 -1.72
CA ILE A 31 11.66 -3.78 -0.81
C ILE A 31 13.12 -3.49 -1.20
N ASP A 32 14.03 -3.65 -0.23
CA ASP A 32 15.49 -3.54 -0.35
C ASP A 32 16.11 -4.80 0.26
N ILE A 33 16.31 -5.84 -0.55
CA ILE A 33 16.80 -7.16 -0.13
C ILE A 33 18.16 -7.08 0.60
N LYS A 34 18.96 -6.03 0.34
CA LYS A 34 20.21 -5.72 1.04
C LYS A 34 20.03 -5.53 2.57
N ASN A 35 18.83 -5.12 2.98
CA ASN A 35 18.44 -4.88 4.38
C ASN A 35 17.09 -5.55 4.74
N GLU A 36 16.55 -6.39 3.85
CA GLU A 36 15.26 -7.10 4.00
C GLU A 36 14.07 -6.18 4.38
N THR A 37 14.03 -4.93 3.88
CA THR A 37 13.09 -3.90 4.39
C THR A 37 12.56 -2.97 3.32
N ILE A 38 11.45 -2.26 3.59
CA ILE A 38 10.81 -1.35 2.63
C ILE A 38 11.59 -0.03 2.52
N ILE A 39 11.79 0.46 1.29
CA ILE A 39 12.35 1.76 0.93
C ILE A 39 11.41 2.55 -0.02
N LEU A 40 11.63 3.86 -0.13
CA LEU A 40 10.89 4.74 -1.05
C LEU A 40 11.29 4.49 -2.53
N ALA A 41 10.36 4.80 -3.42
CA ALA A 41 10.58 4.82 -4.88
C ALA A 41 9.98 6.06 -5.57
N ASN A 42 8.79 6.52 -5.15
CA ASN A 42 8.14 7.67 -5.77
C ASN A 42 7.14 8.37 -4.83
N THR A 43 7.01 9.68 -5.04
CA THR A 43 5.96 10.55 -4.47
C THR A 43 5.52 11.60 -5.51
N GLU A 44 5.70 11.31 -6.80
CA GLU A 44 5.17 12.14 -7.90
C GLU A 44 3.67 11.92 -8.08
N ASN A 45 2.99 12.94 -8.62
CA ASN A 45 1.53 13.03 -8.59
C ASN A 45 0.83 11.84 -9.27
N THR A 46 -0.19 11.29 -8.60
CA THR A 46 -1.01 10.17 -9.08
C THR A 46 -2.46 10.29 -8.56
N GLU A 47 -3.44 9.87 -9.37
CA GLU A 47 -4.86 9.76 -9.01
C GLU A 47 -5.34 8.31 -9.21
N LEU A 48 -6.53 7.94 -8.72
CA LEU A 48 -7.02 6.55 -8.79
C LEU A 48 -7.31 6.06 -10.22
N ARG A 49 -7.36 6.99 -11.19
CA ARG A 49 -7.41 6.76 -12.65
C ARG A 49 -6.03 6.60 -13.30
N ASP A 50 -4.96 6.98 -12.59
CA ASP A 50 -3.57 6.99 -13.07
C ASP A 50 -2.66 6.01 -12.29
N LEU A 51 -3.17 5.49 -11.17
CA LEU A 51 -2.57 4.48 -10.32
C LEU A 51 -2.14 3.22 -11.09
N PRO A 52 -2.92 2.69 -12.05
CA PRO A 52 -2.57 1.51 -12.86
C PRO A 52 -1.25 1.65 -13.64
N LYS A 53 -0.79 2.88 -13.87
CA LYS A 53 0.46 3.21 -14.57
C LYS A 53 1.68 3.27 -13.63
N ARG A 54 1.46 3.33 -12.31
CA ARG A 54 2.51 3.23 -11.28
C ARG A 54 2.79 1.77 -10.88
N ILE A 55 1.74 0.94 -10.84
CA ILE A 55 1.84 -0.48 -10.49
C ILE A 55 2.65 -1.27 -11.56
N PRO A 56 3.62 -2.14 -11.18
CA PRO A 56 4.32 -3.03 -12.11
C PRO A 56 3.50 -4.29 -12.47
N LYS A 57 3.99 -5.05 -13.45
CA LYS A 57 3.43 -6.36 -13.87
C LYS A 57 4.49 -7.46 -14.07
N ASP A 58 5.67 -7.27 -13.48
CA ASP A 58 6.85 -8.15 -13.59
C ASP A 58 7.57 -8.44 -12.25
N SER A 59 7.08 -7.86 -11.16
CA SER A 59 7.71 -7.83 -9.83
C SER A 59 6.69 -7.40 -8.76
N ALA A 60 6.94 -7.73 -7.49
CA ALA A 60 6.18 -7.18 -6.38
C ALA A 60 6.55 -5.71 -6.10
N ARG A 61 5.61 -4.92 -5.55
CA ARG A 61 5.77 -3.53 -5.07
C ARG A 61 4.67 -3.17 -4.06
N TYR A 62 4.90 -2.12 -3.25
CA TYR A 62 3.95 -1.59 -2.25
C TYR A 62 3.55 -0.14 -2.58
N HIS A 63 2.31 0.21 -2.25
CA HIS A 63 1.67 1.47 -2.66
C HIS A 63 0.65 1.92 -1.60
N PHE A 64 0.39 3.22 -1.49
CA PHE A 64 -0.68 3.74 -0.64
C PHE A 64 -1.48 4.83 -1.36
N PHE A 65 -2.79 4.84 -1.11
CA PHE A 65 -3.73 5.87 -1.58
C PHE A 65 -4.49 6.46 -0.38
N LEU A 66 -5.25 7.54 -0.59
CA LEU A 66 -6.15 8.12 0.41
C LEU A 66 -7.56 8.25 -0.18
N TYR A 67 -8.29 7.14 -0.17
CA TYR A 67 -9.65 7.06 -0.72
C TYR A 67 -10.65 7.91 0.09
N LYS A 68 -11.76 8.28 -0.56
CA LYS A 68 -12.86 9.06 0.01
C LYS A 68 -14.20 8.44 -0.37
N HIS A 69 -15.07 8.27 0.62
CA HIS A 69 -16.36 7.59 0.49
C HIS A 69 -17.44 8.17 1.42
N SER A 70 -18.64 7.61 1.38
CA SER A 70 -19.76 7.99 2.25
C SER A 70 -20.61 6.80 2.70
N HIS A 71 -21.10 6.85 3.94
CA HIS A 71 -22.07 5.89 4.50
C HIS A 71 -22.89 6.51 5.64
N GLU A 72 -24.10 5.99 5.86
CA GLU A 72 -25.05 6.37 6.93
C GLU A 72 -25.29 7.89 7.10
N GLY A 73 -25.22 8.64 5.99
CA GLY A 73 -25.45 10.09 5.96
C GLY A 73 -24.21 10.94 6.30
N ASP A 74 -23.00 10.41 6.14
CA ASP A 74 -21.73 11.08 6.39
C ASP A 74 -20.69 10.76 5.31
N TYR A 75 -19.63 11.56 5.28
CA TYR A 75 -18.53 11.49 4.32
C TYR A 75 -17.22 11.37 5.09
N LEU A 76 -16.37 10.42 4.68
CA LEU A 76 -15.11 10.11 5.34
C LEU A 76 -13.99 9.80 4.32
N GLU A 77 -12.76 10.16 4.68
CA GLU A 77 -11.56 9.92 3.85
C GLU A 77 -10.34 9.57 4.71
N SER A 78 -9.60 8.55 4.30
CA SER A 78 -8.43 8.01 5.04
C SER A 78 -7.59 7.04 4.19
N VAL A 79 -6.45 6.59 4.72
CA VAL A 79 -5.44 5.77 4.01
C VAL A 79 -6.01 4.42 3.55
N VAL A 80 -5.61 3.97 2.36
CA VAL A 80 -5.81 2.60 1.85
C VAL A 80 -4.43 2.00 1.55
N PHE A 81 -4.18 0.80 2.07
CA PHE A 81 -3.00 0.01 1.74
C PHE A 81 -3.24 -0.81 0.48
N ILE A 82 -2.29 -0.76 -0.48
CA ILE A 82 -2.34 -1.52 -1.74
C ILE A 82 -1.01 -2.29 -1.95
N TYR A 83 -1.11 -3.54 -2.38
CA TYR A 83 0.03 -4.41 -2.69
C TYR A 83 -0.12 -4.99 -4.11
N SER A 84 1.01 -5.16 -4.82
CA SER A 84 1.09 -5.84 -6.11
C SER A 84 2.06 -7.02 -6.08
N MET A 85 1.64 -8.12 -6.70
CA MET A 85 2.44 -9.33 -6.93
C MET A 85 1.86 -10.10 -8.14
N PRO A 86 2.62 -10.33 -9.23
CA PRO A 86 2.11 -11.07 -10.39
C PRO A 86 2.00 -12.58 -10.14
N GLY A 87 2.95 -13.16 -9.41
CA GLY A 87 3.06 -14.60 -9.15
C GLY A 87 3.67 -15.41 -10.31
N TYR A 88 3.29 -15.10 -11.56
CA TYR A 88 3.77 -15.78 -12.76
C TYR A 88 5.23 -15.49 -13.14
N THR A 89 5.83 -14.38 -12.65
CA THR A 89 7.22 -14.00 -12.99
C THR A 89 8.05 -13.28 -11.91
N CYS A 90 7.47 -12.89 -10.76
CA CYS A 90 8.25 -12.37 -9.63
C CYS A 90 9.13 -13.47 -9.00
N SER A 91 10.30 -13.11 -8.48
CA SER A 91 11.25 -14.09 -7.91
C SER A 91 10.72 -14.67 -6.60
N ILE A 92 11.03 -15.94 -6.35
CA ILE A 92 10.58 -16.71 -5.16
C ILE A 92 11.05 -16.04 -3.85
N ARG A 93 12.24 -15.45 -3.88
CA ARG A 93 12.91 -14.79 -2.75
C ARG A 93 12.48 -13.32 -2.61
N GLU A 94 12.02 -12.69 -3.69
CA GLU A 94 11.46 -11.34 -3.65
C GLU A 94 10.08 -11.36 -2.98
N ARG A 95 9.14 -12.15 -3.53
CA ARG A 95 7.73 -12.19 -3.10
C ARG A 95 7.54 -12.57 -1.63
N MET A 96 8.41 -13.43 -1.10
CA MET A 96 8.38 -13.79 0.32
C MET A 96 8.95 -12.69 1.24
N LEU A 97 9.87 -11.85 0.76
CA LEU A 97 10.42 -10.72 1.53
C LEU A 97 9.41 -9.58 1.64
N TYR A 98 8.68 -9.26 0.56
CA TYR A 98 7.48 -8.42 0.65
C TYR A 98 6.48 -9.01 1.66
N SER A 99 6.06 -10.25 1.45
CA SER A 99 5.04 -10.93 2.28
C SER A 99 5.40 -11.04 3.77
N SER A 100 6.70 -11.06 4.09
CA SER A 100 7.22 -11.10 5.47
C SER A 100 7.09 -9.76 6.21
N CYS A 101 7.03 -8.62 5.49
CA CYS A 101 6.85 -7.31 6.08
C CYS A 101 5.39 -6.86 6.04
N LYS A 102 4.54 -7.46 5.19
CA LYS A 102 3.14 -7.11 4.98
C LYS A 102 2.29 -6.95 6.26
N SER A 103 2.56 -7.75 7.28
CA SER A 103 1.87 -7.68 8.59
C SER A 103 2.41 -6.55 9.49
N PRO A 104 3.72 -6.47 9.81
CA PRO A 104 4.26 -5.38 10.65
C PRO A 104 4.21 -4.00 9.99
N LEU A 105 4.32 -3.90 8.65
CA LEU A 105 4.27 -2.60 7.95
C LEU A 105 2.92 -1.87 8.11
N LEU A 106 1.85 -2.60 8.40
CA LEU A 106 0.53 -2.02 8.72
C LEU A 106 0.50 -1.40 10.12
N GLU A 107 1.22 -1.97 11.10
CA GLU A 107 1.31 -1.41 12.46
C GLU A 107 2.14 -0.13 12.48
N ILE A 108 3.09 0.03 11.54
CA ILE A 108 3.85 1.27 11.38
C ILE A 108 2.94 2.44 10.96
N VAL A 109 1.83 2.17 10.26
CA VAL A 109 0.79 3.19 10.00
C VAL A 109 -0.21 3.26 11.16
N GLU A 110 -0.73 2.13 11.59
CA GLU A 110 -1.88 2.09 12.51
C GLU A 110 -1.53 2.30 14.00
N ARG A 111 -0.25 2.17 14.39
CA ARG A 111 0.23 2.24 15.78
C ARG A 111 1.49 3.11 15.97
N GLN A 112 2.43 3.15 15.02
CA GLN A 112 3.59 4.06 15.07
C GLN A 112 3.24 5.47 14.53
N LEU A 113 2.38 5.56 13.49
CA LEU A 113 1.78 6.81 13.02
C LEU A 113 0.35 7.06 13.55
N GLN A 114 -0.25 6.06 14.22
CA GLN A 114 -1.60 6.09 14.79
C GLN A 114 -2.72 6.53 13.80
N MET A 115 -2.53 6.28 12.51
CA MET A 115 -3.44 6.68 11.43
C MET A 115 -4.36 5.53 11.02
N ASP A 116 -5.65 5.81 10.81
CA ASP A 116 -6.60 4.82 10.31
C ASP A 116 -6.27 4.37 8.87
N VAL A 117 -6.30 3.05 8.65
CA VAL A 117 -6.22 2.42 7.32
C VAL A 117 -7.58 1.80 7.01
N ILE A 118 -8.29 2.39 6.06
CA ILE A 118 -9.65 2.05 5.63
C ILE A 118 -9.82 0.55 5.39
N ARG A 119 -9.00 -0.03 4.50
CA ARG A 119 -8.95 -1.44 4.11
C ARG A 119 -7.59 -1.78 3.47
N LYS A 120 -7.38 -3.08 3.24
CA LYS A 120 -6.13 -3.67 2.76
C LYS A 120 -6.40 -4.42 1.45
N ILE A 121 -5.85 -3.92 0.35
CA ILE A 121 -6.16 -4.32 -1.03
C ILE A 121 -4.93 -4.92 -1.71
N GLU A 122 -5.14 -5.93 -2.57
CA GLU A 122 -4.07 -6.66 -3.26
C GLU A 122 -4.49 -6.93 -4.72
N ILE A 123 -3.61 -6.62 -5.69
CA ILE A 123 -3.85 -6.75 -7.12
C ILE A 123 -2.74 -7.52 -7.87
N ASP A 124 -3.11 -8.08 -9.02
CA ASP A 124 -2.23 -8.86 -9.91
C ASP A 124 -1.32 -7.97 -10.78
N ASN A 125 -1.83 -6.80 -11.17
CA ASN A 125 -1.27 -5.97 -12.25
C ASN A 125 -1.58 -4.45 -12.15
N GLY A 126 -2.54 -4.05 -11.29
CA GLY A 126 -2.96 -2.67 -11.09
C GLY A 126 -4.00 -2.11 -12.06
N ASP A 127 -4.25 -2.76 -13.20
CA ASP A 127 -5.34 -2.46 -14.13
C ASP A 127 -6.73 -2.47 -13.46
N GLU A 128 -6.83 -3.30 -12.42
CA GLU A 128 -8.00 -3.49 -11.57
C GLU A 128 -8.25 -2.30 -10.63
N LEU A 129 -7.27 -1.40 -10.39
CA LEU A 129 -7.45 -0.26 -9.49
C LEU A 129 -8.26 0.85 -10.17
N THR A 130 -9.39 1.20 -9.57
CA THR A 130 -10.38 2.20 -10.02
C THR A 130 -11.32 2.52 -8.86
N ALA A 131 -12.02 3.66 -8.92
CA ALA A 131 -12.97 4.08 -7.89
C ALA A 131 -14.08 3.04 -7.62
N ASP A 132 -14.40 2.20 -8.62
CA ASP A 132 -15.39 1.13 -8.48
C ASP A 132 -14.82 -0.07 -7.69
N PHE A 133 -13.55 -0.42 -7.95
CA PHE A 133 -12.84 -1.48 -7.25
C PHE A 133 -12.51 -1.08 -5.81
N LEU A 134 -12.06 0.16 -5.60
CA LEU A 134 -11.84 0.72 -4.27
C LEU A 134 -13.14 0.73 -3.46
N TYR A 135 -14.29 1.10 -4.03
CA TYR A 135 -15.56 0.98 -3.31
C TYR A 135 -15.87 -0.48 -2.94
N ASP A 136 -15.76 -1.41 -3.90
CA ASP A 136 -16.03 -2.83 -3.72
C ASP A 136 -15.09 -3.53 -2.71
N GLU A 137 -13.88 -2.99 -2.50
CA GLU A 137 -12.88 -3.50 -1.55
C GLU A 137 -12.85 -2.76 -0.21
N VAL A 138 -13.36 -1.52 -0.14
CA VAL A 138 -13.61 -0.78 1.10
C VAL A 138 -14.96 -1.17 1.73
N HIS A 139 -15.89 -1.69 0.92
CA HIS A 139 -17.12 -2.37 1.32
C HIS A 139 -17.07 -3.88 0.93
N PRO A 140 -16.15 -4.66 1.53
CA PRO A 140 -15.96 -6.09 1.22
C PRO A 140 -17.14 -6.96 1.66
N LYS A 141 -17.12 -8.24 1.26
CA LYS A 141 -18.24 -9.19 1.40
C LYS A 141 -18.02 -10.23 2.52
N GLN A 142 -17.07 -9.94 3.42
CA GLN A 142 -16.65 -10.81 4.55
C GLN A 142 -16.21 -9.97 5.77
N ALA A 1 7.99 -16.93 22.17
CA ALA A 1 8.89 -18.03 21.73
C ALA A 1 9.70 -17.62 20.49
N GLN A 2 9.09 -17.64 19.29
CA GLN A 2 9.73 -17.30 18.00
C GLN A 2 8.77 -16.50 17.09
N GLY A 3 9.33 -15.84 16.07
CA GLY A 3 8.60 -15.03 15.08
C GLY A 3 9.54 -14.33 14.09
N VAL A 4 8.97 -13.51 13.19
CA VAL A 4 9.72 -12.73 12.18
C VAL A 4 9.03 -11.40 11.84
N ALA A 5 9.83 -10.34 11.67
CA ALA A 5 9.42 -9.01 11.22
C ALA A 5 10.62 -8.25 10.61
N PHE A 6 10.36 -7.14 9.90
CA PHE A 6 11.38 -6.38 9.17
C PHE A 6 11.18 -4.85 9.31
N PRO A 7 12.26 -4.05 9.23
CA PRO A 7 12.24 -2.60 9.39
C PRO A 7 11.71 -1.85 8.14
N ILE A 8 11.70 -0.52 8.24
CA ILE A 8 11.45 0.43 7.15
C ILE A 8 12.64 1.40 7.04
N SER A 9 12.96 1.82 5.82
CA SER A 9 13.99 2.83 5.56
C SER A 9 13.49 4.25 5.88
N ARG A 10 14.43 5.18 6.08
CA ARG A 10 14.16 6.58 6.40
C ARG A 10 13.25 7.24 5.36
N ASP A 11 13.60 7.14 4.07
CA ASP A 11 12.86 7.80 2.98
C ASP A 11 11.41 7.27 2.85
N ALA A 12 11.23 5.96 3.00
CA ALA A 12 9.90 5.33 2.95
C ALA A 12 9.01 5.84 4.10
N PHE A 13 9.56 5.93 5.31
CA PHE A 13 8.84 6.45 6.47
C PHE A 13 8.62 7.97 6.38
N GLN A 14 9.54 8.73 5.80
CA GLN A 14 9.47 10.19 5.63
C GLN A 14 8.32 10.64 4.71
N ALA A 15 7.85 9.74 3.84
CA ALA A 15 6.63 9.92 3.06
C ALA A 15 5.38 9.47 3.83
N LEU A 16 5.41 8.29 4.47
CA LEU A 16 4.27 7.74 5.23
C LEU A 16 3.84 8.62 6.41
N GLU A 17 4.78 9.27 7.10
CA GLU A 17 4.49 10.22 8.17
C GLU A 17 3.74 11.49 7.73
N LYS A 18 3.63 11.75 6.41
CA LYS A 18 2.86 12.84 5.80
C LYS A 18 1.58 12.34 5.11
N LEU A 19 1.63 11.15 4.52
CA LEU A 19 0.47 10.40 3.99
C LEU A 19 -0.59 10.20 5.09
N SER A 20 -0.18 9.99 6.35
CA SER A 20 -1.08 9.86 7.51
C SER A 20 -1.84 11.15 7.90
N LYS A 21 -1.51 12.30 7.29
CA LYS A 21 -2.20 13.60 7.47
C LYS A 21 -2.72 14.16 6.14
N LYS A 22 -2.98 13.28 5.17
CA LYS A 22 -3.64 13.59 3.87
C LYS A 22 -2.80 14.54 2.99
N GLN A 23 -1.48 14.62 3.19
CA GLN A 23 -0.62 15.62 2.52
C GLN A 23 -0.17 15.18 1.12
N LEU A 24 -0.02 13.86 0.90
CA LEU A 24 0.57 13.31 -0.32
C LEU A 24 -0.48 12.58 -1.15
N ASN A 25 -1.13 11.56 -0.58
CA ASN A 25 -2.11 10.66 -1.22
C ASN A 25 -1.57 9.76 -2.36
N TYR A 26 -0.25 9.75 -2.61
CA TYR A 26 0.36 9.02 -3.74
C TYR A 26 1.79 8.50 -3.49
N VAL A 27 2.02 7.84 -2.35
CA VAL A 27 3.35 7.28 -2.03
C VAL A 27 3.55 5.94 -2.74
N GLN A 28 4.73 5.76 -3.32
CA GLN A 28 5.15 4.58 -4.08
C GLN A 28 6.45 4.03 -3.45
N LEU A 29 6.47 2.73 -3.18
CA LEU A 29 7.51 2.05 -2.39
C LEU A 29 7.99 0.77 -3.07
N GLU A 30 9.12 0.24 -2.62
CA GLU A 30 9.74 -0.99 -3.10
C GLU A 30 10.64 -1.61 -2.01
N ILE A 31 10.69 -2.93 -1.90
CA ILE A 31 11.67 -3.64 -1.04
C ILE A 31 13.13 -3.44 -1.52
N ASP A 32 14.08 -3.60 -0.60
CA ASP A 32 15.53 -3.55 -0.82
C ASP A 32 16.16 -4.80 -0.19
N ILE A 33 16.13 -5.93 -0.93
CA ILE A 33 16.57 -7.25 -0.46
C ILE A 33 18.01 -7.22 0.10
N LYS A 34 18.85 -6.31 -0.40
CA LYS A 34 20.23 -6.06 0.07
C LYS A 34 20.32 -5.77 1.58
N ASN A 35 19.25 -5.19 2.15
CA ASN A 35 19.13 -4.84 3.57
C ASN A 35 17.79 -5.33 4.19
N GLU A 36 17.01 -6.14 3.44
CA GLU A 36 15.70 -6.68 3.85
C GLU A 36 14.74 -5.61 4.44
N THR A 37 14.58 -4.49 3.74
CA THR A 37 13.80 -3.32 4.22
C THR A 37 12.99 -2.68 3.09
N ILE A 38 11.94 -1.91 3.41
CA ILE A 38 11.17 -1.14 2.43
C ILE A 38 11.84 0.22 2.22
N ILE A 39 12.09 0.60 0.97
CA ILE A 39 12.63 1.91 0.56
C ILE A 39 11.60 2.71 -0.26
N LEU A 40 11.79 4.03 -0.31
CA LEU A 40 11.00 4.92 -1.16
C LEU A 40 11.33 4.67 -2.65
N ALA A 41 10.33 4.87 -3.50
CA ALA A 41 10.46 4.73 -4.95
C ALA A 41 9.91 5.95 -5.71
N ASN A 42 8.78 6.53 -5.30
CA ASN A 42 8.29 7.81 -5.82
C ASN A 42 7.25 8.51 -4.91
N THR A 43 7.01 9.80 -5.16
CA THR A 43 5.95 10.63 -4.55
C THR A 43 5.38 11.64 -5.57
N GLU A 44 5.46 11.35 -6.87
CA GLU A 44 4.80 12.16 -7.92
C GLU A 44 3.28 11.95 -7.92
N ASN A 45 2.54 12.97 -8.37
CA ASN A 45 1.08 12.98 -8.32
C ASN A 45 0.43 11.79 -9.04
N THR A 46 -0.52 11.14 -8.36
CA THR A 46 -1.29 9.99 -8.83
C THR A 46 -2.72 10.06 -8.25
N GLU A 47 -3.71 9.61 -9.01
CA GLU A 47 -5.13 9.55 -8.62
C GLU A 47 -5.69 8.15 -8.88
N LEU A 48 -6.89 7.83 -8.38
CA LEU A 48 -7.47 6.47 -8.50
C LEU A 48 -7.81 6.03 -9.95
N ARG A 49 -7.76 6.96 -10.90
CA ARG A 49 -7.81 6.74 -12.37
C ARG A 49 -6.44 6.47 -13.01
N ASP A 50 -5.36 6.69 -12.26
CA ASP A 50 -3.97 6.82 -12.71
C ASP A 50 -2.99 5.93 -11.92
N LEU A 51 -3.47 5.24 -10.88
CA LEU A 51 -2.76 4.18 -10.16
C LEU A 51 -2.24 3.07 -11.09
N PRO A 52 -3.01 2.56 -12.08
CA PRO A 52 -2.61 1.43 -12.94
C PRO A 52 -1.29 1.65 -13.72
N LYS A 53 -0.90 2.93 -13.88
CA LYS A 53 0.32 3.37 -14.57
C LYS A 53 1.55 3.32 -13.64
N ARG A 54 1.34 3.33 -12.31
CA ARG A 54 2.40 3.22 -11.30
C ARG A 54 2.71 1.76 -10.94
N ILE A 55 1.69 0.91 -10.94
CA ILE A 55 1.80 -0.52 -10.59
C ILE A 55 2.63 -1.30 -11.63
N PRO A 56 3.58 -2.18 -11.22
CA PRO A 56 4.33 -3.08 -12.13
C PRO A 56 3.53 -4.35 -12.51
N LYS A 57 4.08 -5.14 -13.45
CA LYS A 57 3.53 -6.44 -13.89
C LYS A 57 4.57 -7.58 -14.01
N ASP A 58 5.78 -7.37 -13.47
CA ASP A 58 6.92 -8.30 -13.54
C ASP A 58 7.65 -8.53 -12.19
N SER A 59 7.27 -7.76 -11.16
CA SER A 59 7.88 -7.73 -9.82
C SER A 59 6.83 -7.30 -8.80
N ALA A 60 6.96 -7.67 -7.53
CA ALA A 60 6.13 -7.13 -6.47
C ALA A 60 6.51 -5.67 -6.13
N ARG A 61 5.55 -4.88 -5.64
CA ARG A 61 5.72 -3.49 -5.12
C ARG A 61 4.64 -3.13 -4.10
N TYR A 62 4.89 -2.03 -3.37
CA TYR A 62 4.02 -1.47 -2.33
C TYR A 62 3.55 -0.05 -2.67
N HIS A 63 2.34 0.30 -2.25
CA HIS A 63 1.66 1.56 -2.64
C HIS A 63 0.68 2.02 -1.54
N PHE A 64 0.47 3.32 -1.39
CA PHE A 64 -0.58 3.88 -0.50
C PHE A 64 -1.39 4.97 -1.21
N PHE A 65 -2.69 4.98 -0.93
CA PHE A 65 -3.66 5.94 -1.46
C PHE A 65 -4.52 6.52 -0.32
N LEU A 66 -5.25 7.62 -0.59
CA LEU A 66 -6.25 8.20 0.32
C LEU A 66 -7.65 8.13 -0.32
N TYR A 67 -8.28 6.96 -0.21
CA TYR A 67 -9.63 6.77 -0.76
C TYR A 67 -10.69 7.62 -0.03
N LYS A 68 -11.74 7.97 -0.78
CA LYS A 68 -12.83 8.89 -0.38
C LYS A 68 -14.18 8.26 -0.72
N HIS A 69 -15.08 8.18 0.27
CA HIS A 69 -16.37 7.52 0.13
C HIS A 69 -17.47 8.14 1.02
N SER A 70 -18.67 7.55 0.99
CA SER A 70 -19.82 8.00 1.80
C SER A 70 -20.63 6.84 2.37
N HIS A 71 -21.18 7.04 3.57
CA HIS A 71 -22.11 6.13 4.24
C HIS A 71 -22.96 6.87 5.29
N GLU A 72 -24.16 6.35 5.57
CA GLU A 72 -25.13 6.84 6.58
C GLU A 72 -25.43 8.36 6.51
N GLY A 73 -25.33 8.95 5.32
CA GLY A 73 -25.59 10.38 5.09
C GLY A 73 -24.38 11.31 5.35
N ASP A 74 -23.15 10.78 5.32
CA ASP A 74 -21.90 11.49 5.57
C ASP A 74 -20.81 11.11 4.55
N TYR A 75 -19.68 11.83 4.58
CA TYR A 75 -18.58 11.74 3.61
C TYR A 75 -17.24 11.67 4.35
N LEU A 76 -16.51 10.59 4.13
CA LEU A 76 -15.32 10.20 4.88
C LEU A 76 -14.16 9.89 3.92
N GLU A 77 -12.93 10.14 4.36
CA GLU A 77 -11.72 9.92 3.57
C GLU A 77 -10.52 9.58 4.46
N SER A 78 -9.80 8.51 4.11
CA SER A 78 -8.69 7.96 4.91
C SER A 78 -7.81 6.99 4.10
N VAL A 79 -6.68 6.58 4.70
CA VAL A 79 -5.63 5.81 4.02
C VAL A 79 -6.10 4.41 3.59
N VAL A 80 -5.64 3.98 2.42
CA VAL A 80 -5.74 2.61 1.91
C VAL A 80 -4.32 2.11 1.64
N PHE A 81 -4.04 0.89 2.11
CA PHE A 81 -2.83 0.15 1.73
C PHE A 81 -3.15 -0.68 0.48
N ILE A 82 -2.27 -0.61 -0.52
CA ILE A 82 -2.37 -1.39 -1.76
C ILE A 82 -1.07 -2.18 -1.97
N TYR A 83 -1.18 -3.45 -2.35
CA TYR A 83 -0.06 -4.33 -2.68
C TYR A 83 -0.22 -4.91 -4.09
N SER A 84 0.90 -5.09 -4.78
CA SER A 84 0.97 -5.76 -6.09
C SER A 84 2.00 -6.88 -6.09
N MET A 85 1.63 -8.02 -6.68
CA MET A 85 2.58 -8.98 -7.26
C MET A 85 1.92 -9.78 -8.41
N PRO A 86 2.69 -10.15 -9.46
CA PRO A 86 2.18 -11.00 -10.54
C PRO A 86 1.95 -12.45 -10.11
N GLY A 87 2.85 -13.00 -9.28
CA GLY A 87 2.81 -14.38 -8.79
C GLY A 87 3.43 -15.44 -9.72
N TYR A 88 3.57 -15.14 -11.01
CA TYR A 88 4.08 -16.07 -12.04
C TYR A 88 5.53 -15.79 -12.48
N THR A 89 6.11 -14.65 -12.10
CA THR A 89 7.46 -14.22 -12.53
C THR A 89 8.30 -13.48 -11.46
N CYS A 90 7.68 -12.87 -10.43
CA CYS A 90 8.40 -12.29 -9.29
C CYS A 90 9.19 -13.37 -8.50
N SER A 91 10.42 -13.08 -8.08
CA SER A 91 11.33 -14.08 -7.51
C SER A 91 10.81 -14.65 -6.18
N ILE A 92 11.18 -15.90 -5.88
CA ILE A 92 10.79 -16.61 -4.64
C ILE A 92 11.22 -15.81 -3.39
N ARG A 93 12.43 -15.24 -3.43
CA ARG A 93 13.07 -14.51 -2.32
C ARG A 93 12.60 -13.05 -2.25
N GLU A 94 12.05 -12.53 -3.36
CA GLU A 94 11.38 -11.23 -3.38
C GLU A 94 9.98 -11.34 -2.75
N ARG A 95 9.12 -12.23 -3.26
CA ARG A 95 7.71 -12.34 -2.84
C ARG A 95 7.55 -12.65 -1.35
N MET A 96 8.44 -13.48 -0.79
CA MET A 96 8.40 -13.84 0.62
C MET A 96 8.76 -12.68 1.56
N LEU A 97 9.56 -11.70 1.09
CA LEU A 97 9.84 -10.48 1.85
C LEU A 97 8.60 -9.58 1.91
N TYR A 98 7.95 -9.31 0.77
CA TYR A 98 6.71 -8.54 0.74
C TYR A 98 5.59 -9.16 1.58
N SER A 99 5.43 -10.48 1.53
CA SER A 99 4.43 -11.15 2.39
C SER A 99 4.79 -11.14 3.89
N SER A 100 6.08 -11.11 4.23
CA SER A 100 6.56 -11.10 5.62
C SER A 100 6.69 -9.70 6.25
N CYS A 101 6.83 -8.63 5.47
CA CYS A 101 6.85 -7.26 5.98
C CYS A 101 5.44 -6.68 6.08
N LYS A 102 4.48 -7.25 5.32
CA LYS A 102 3.09 -6.80 5.21
C LYS A 102 2.40 -6.57 6.57
N SER A 103 2.66 -7.45 7.55
CA SER A 103 2.08 -7.34 8.90
C SER A 103 2.73 -6.22 9.75
N PRO A 104 4.07 -6.20 9.99
CA PRO A 104 4.71 -5.13 10.75
C PRO A 104 4.63 -3.75 10.08
N LEU A 105 4.67 -3.67 8.74
CA LEU A 105 4.55 -2.39 8.03
C LEU A 105 3.17 -1.73 8.23
N LEU A 106 2.12 -2.53 8.45
CA LEU A 106 0.78 -2.03 8.81
C LEU A 106 0.69 -1.61 10.28
N GLU A 107 1.46 -2.21 11.19
CA GLU A 107 1.56 -1.78 12.59
C GLU A 107 2.31 -0.44 12.70
N ILE A 108 3.27 -0.16 11.80
CA ILE A 108 3.90 1.17 11.74
C ILE A 108 2.88 2.26 11.40
N VAL A 109 1.88 2.00 10.55
CA VAL A 109 0.77 2.94 10.32
C VAL A 109 -0.20 2.94 11.51
N GLU A 110 -0.66 1.77 11.94
CA GLU A 110 -1.74 1.68 12.93
C GLU A 110 -1.31 2.08 14.36
N ARG A 111 -0.04 1.86 14.73
CA ARG A 111 0.45 1.90 16.13
C ARG A 111 1.63 2.86 16.38
N GLN A 112 2.41 3.19 15.35
CA GLN A 112 3.56 4.13 15.44
C GLN A 112 3.22 5.51 14.85
N LEU A 113 2.56 5.55 13.68
CA LEU A 113 1.88 6.74 13.14
C LEU A 113 0.48 6.95 13.76
N GLN A 114 -0.03 5.96 14.51
CA GLN A 114 -1.32 5.99 15.22
C GLN A 114 -2.50 6.41 14.32
N MET A 115 -2.54 5.88 13.09
CA MET A 115 -3.44 6.30 12.00
C MET A 115 -4.35 5.15 11.55
N ASP A 116 -5.64 5.46 11.34
CA ASP A 116 -6.63 4.52 10.79
C ASP A 116 -6.35 4.16 9.31
N VAL A 117 -6.81 2.98 8.90
CA VAL A 117 -6.68 2.46 7.53
C VAL A 117 -8.02 1.86 7.06
N ILE A 118 -8.52 2.35 5.93
CA ILE A 118 -9.78 1.94 5.29
C ILE A 118 -9.75 0.45 4.90
N ARG A 119 -8.73 0.04 4.12
CA ARG A 119 -8.57 -1.33 3.58
C ARG A 119 -7.12 -1.65 3.21
N LYS A 120 -6.90 -2.93 2.92
CA LYS A 120 -5.60 -3.59 2.68
C LYS A 120 -5.67 -4.38 1.35
N ILE A 121 -6.00 -3.62 0.30
CA ILE A 121 -6.31 -4.08 -1.07
C ILE A 121 -5.09 -4.73 -1.72
N GLU A 122 -5.32 -5.73 -2.57
CA GLU A 122 -4.27 -6.48 -3.29
C GLU A 122 -4.69 -6.74 -4.74
N ILE A 123 -3.77 -6.49 -5.69
CA ILE A 123 -4.00 -6.64 -7.14
C ILE A 123 -2.86 -7.41 -7.86
N ASP A 124 -3.21 -7.96 -9.03
CA ASP A 124 -2.34 -8.77 -9.88
C ASP A 124 -1.38 -7.92 -10.75
N ASN A 125 -1.88 -6.80 -11.27
CA ASN A 125 -1.17 -5.93 -12.23
C ASN A 125 -1.56 -4.44 -12.17
N GLY A 126 -2.58 -4.08 -11.39
CA GLY A 126 -3.01 -2.70 -11.16
C GLY A 126 -4.05 -2.16 -12.12
N ASP A 127 -4.32 -2.80 -13.27
CA ASP A 127 -5.42 -2.44 -14.18
C ASP A 127 -6.79 -2.38 -13.49
N GLU A 128 -6.93 -3.19 -12.43
CA GLU A 128 -8.12 -3.32 -11.60
C GLU A 128 -8.31 -2.13 -10.65
N LEU A 129 -7.33 -1.24 -10.45
CA LEU A 129 -7.44 -0.08 -9.57
C LEU A 129 -8.28 1.02 -10.25
N THR A 130 -9.48 1.23 -9.72
CA THR A 130 -10.49 2.20 -10.18
C THR A 130 -11.46 2.51 -9.04
N ALA A 131 -12.15 3.66 -9.10
CA ALA A 131 -13.13 4.06 -8.09
C ALA A 131 -14.23 3.01 -7.84
N ASP A 132 -14.53 2.18 -8.84
CA ASP A 132 -15.52 1.10 -8.73
C ASP A 132 -14.97 -0.09 -7.90
N PHE A 133 -13.69 -0.43 -8.12
CA PHE A 133 -12.99 -1.49 -7.40
C PHE A 133 -12.67 -1.08 -5.97
N LEU A 134 -12.20 0.16 -5.77
CA LEU A 134 -11.93 0.70 -4.44
C LEU A 134 -13.20 0.77 -3.58
N TYR A 135 -14.37 1.06 -4.17
CA TYR A 135 -15.64 0.94 -3.44
C TYR A 135 -15.98 -0.53 -3.11
N ASP A 136 -15.92 -1.43 -4.09
CA ASP A 136 -16.26 -2.85 -3.91
C ASP A 136 -15.34 -3.59 -2.92
N GLU A 137 -14.06 -3.18 -2.82
CA GLU A 137 -13.10 -3.69 -1.86
C GLU A 137 -13.37 -3.24 -0.42
N VAL A 138 -13.93 -2.03 -0.26
CA VAL A 138 -14.22 -1.42 1.05
C VAL A 138 -15.66 -1.74 1.52
N HIS A 139 -16.58 -1.98 0.58
CA HIS A 139 -17.98 -2.37 0.79
C HIS A 139 -18.33 -3.73 0.11
N PRO A 140 -17.65 -4.84 0.47
CA PRO A 140 -17.95 -6.17 -0.07
C PRO A 140 -19.30 -6.72 0.45
N LYS A 141 -19.73 -7.86 -0.11
CA LYS A 141 -21.01 -8.54 0.23
C LYS A 141 -20.80 -9.88 0.96
N GLN A 142 -19.60 -10.09 1.51
CA GLN A 142 -19.21 -11.27 2.31
C GLN A 142 -20.03 -11.38 3.62
N ALA A 1 6.89 -15.48 23.83
CA ALA A 1 6.41 -14.79 22.62
C ALA A 1 7.20 -15.21 21.37
N GLN A 2 6.54 -15.24 20.22
CA GLN A 2 7.14 -15.60 18.91
C GLN A 2 6.48 -14.84 17.73
N GLY A 3 7.18 -14.78 16.60
CA GLY A 3 6.75 -14.08 15.37
C GLY A 3 7.89 -13.77 14.40
N VAL A 4 7.60 -12.99 13.37
CA VAL A 4 8.58 -12.47 12.39
C VAL A 4 8.18 -11.06 11.91
N ALA A 5 9.18 -10.19 11.74
CA ALA A 5 9.02 -8.81 11.27
C ALA A 5 10.33 -8.27 10.64
N PHE A 6 10.22 -7.14 9.92
CA PHE A 6 11.31 -6.49 9.19
C PHE A 6 11.23 -4.95 9.31
N PRO A 7 12.36 -4.23 9.22
CA PRO A 7 12.41 -2.78 9.36
C PRO A 7 11.85 -2.01 8.14
N ILE A 8 11.84 -0.67 8.29
CA ILE A 8 11.57 0.30 7.23
C ILE A 8 12.73 1.30 7.13
N SER A 9 13.05 1.73 5.91
CA SER A 9 14.06 2.76 5.66
C SER A 9 13.55 4.15 6.01
N ARG A 10 14.47 5.10 6.21
CA ARG A 10 14.16 6.49 6.57
C ARG A 10 13.27 7.17 5.54
N ASP A 11 13.63 7.10 4.26
CA ASP A 11 12.89 7.75 3.17
C ASP A 11 11.45 7.20 3.03
N ALA A 12 11.28 5.89 3.16
CA ALA A 12 9.98 5.24 3.07
C ALA A 12 9.05 5.70 4.21
N PHE A 13 9.57 5.77 5.44
CA PHE A 13 8.82 6.27 6.59
C PHE A 13 8.55 7.78 6.49
N GLN A 14 9.49 8.57 5.95
CA GLN A 14 9.38 10.03 5.76
C GLN A 14 8.24 10.44 4.81
N ALA A 15 7.81 9.56 3.91
CA ALA A 15 6.64 9.75 3.07
C ALA A 15 5.33 9.36 3.78
N LEU A 16 5.33 8.28 4.57
CA LEU A 16 4.15 7.75 5.27
C LEU A 16 3.72 8.64 6.44
N GLU A 17 4.67 9.24 7.14
CA GLU A 17 4.38 10.22 8.21
C GLU A 17 3.64 11.46 7.70
N LYS A 18 3.81 11.85 6.43
CA LYS A 18 3.10 12.97 5.76
C LYS A 18 1.77 12.52 5.14
N LEU A 19 1.75 11.32 4.52
CA LEU A 19 0.55 10.66 4.01
C LEU A 19 -0.52 10.48 5.12
N SER A 20 -0.09 10.28 6.37
CA SER A 20 -0.98 10.16 7.54
C SER A 20 -1.76 11.43 7.89
N LYS A 21 -1.56 12.52 7.15
CA LYS A 21 -2.28 13.81 7.27
C LYS A 21 -2.76 14.32 5.91
N LYS A 22 -2.97 13.42 4.93
CA LYS A 22 -3.47 13.70 3.57
C LYS A 22 -2.62 14.71 2.77
N GLN A 23 -1.32 14.83 3.09
CA GLN A 23 -0.45 15.85 2.47
C GLN A 23 0.06 15.40 1.09
N LEU A 24 0.23 14.08 0.89
CA LEU A 24 0.75 13.50 -0.34
C LEU A 24 -0.36 12.76 -1.09
N ASN A 25 -1.02 11.79 -0.45
CA ASN A 25 -2.09 10.95 -1.00
C ASN A 25 -1.66 9.98 -2.14
N TYR A 26 -0.36 9.94 -2.51
CA TYR A 26 0.18 9.16 -3.64
C TYR A 26 1.63 8.65 -3.42
N VAL A 27 1.89 7.87 -2.36
CA VAL A 27 3.22 7.32 -2.05
C VAL A 27 3.42 5.94 -2.71
N GLN A 28 4.66 5.70 -3.19
CA GLN A 28 5.10 4.50 -3.88
C GLN A 28 6.41 4.01 -3.26
N LEU A 29 6.46 2.74 -2.86
CA LEU A 29 7.60 2.10 -2.18
C LEU A 29 8.03 0.83 -2.94
N GLU A 30 9.20 0.29 -2.58
CA GLU A 30 9.65 -1.06 -2.94
C GLU A 30 10.59 -1.64 -1.87
N ILE A 31 10.70 -2.97 -1.80
CA ILE A 31 11.70 -3.65 -0.97
C ILE A 31 13.14 -3.44 -1.48
N ASP A 32 14.12 -3.60 -0.59
CA ASP A 32 15.55 -3.59 -0.81
C ASP A 32 16.17 -4.85 -0.19
N ILE A 33 16.14 -5.96 -0.92
CA ILE A 33 16.56 -7.29 -0.47
C ILE A 33 18.00 -7.30 0.10
N LYS A 34 18.85 -6.39 -0.40
CA LYS A 34 20.24 -6.18 0.07
C LYS A 34 20.33 -5.86 1.57
N ASN A 35 19.27 -5.28 2.15
CA ASN A 35 19.15 -4.92 3.56
C ASN A 35 17.82 -5.42 4.18
N GLU A 36 17.05 -6.23 3.45
CA GLU A 36 15.73 -6.77 3.86
C GLU A 36 14.77 -5.69 4.44
N THR A 37 14.64 -4.54 3.75
CA THR A 37 13.90 -3.36 4.25
C THR A 37 13.09 -2.68 3.14
N ILE A 38 12.03 -1.95 3.47
CA ILE A 38 11.26 -1.16 2.50
C ILE A 38 11.92 0.21 2.31
N ILE A 39 12.12 0.62 1.06
CA ILE A 39 12.67 1.93 0.65
C ILE A 39 11.65 2.72 -0.19
N LEU A 40 11.83 4.04 -0.23
CA LEU A 40 11.02 4.94 -1.06
C LEU A 40 11.33 4.73 -2.56
N ALA A 41 10.34 4.98 -3.41
CA ALA A 41 10.47 4.87 -4.86
C ALA A 41 9.87 6.06 -5.62
N ASN A 42 8.70 6.58 -5.23
CA ASN A 42 8.15 7.83 -5.77
C ASN A 42 7.10 8.48 -4.83
N THR A 43 6.83 9.77 -5.05
CA THR A 43 5.82 10.58 -4.35
C THR A 43 5.18 11.64 -5.28
N GLU A 44 5.30 11.49 -6.61
CA GLU A 44 4.65 12.39 -7.58
C GLU A 44 3.13 12.17 -7.70
N ASN A 45 2.42 13.21 -8.16
CA ASN A 45 0.96 13.20 -8.22
C ASN A 45 0.36 12.03 -9.02
N THR A 46 -0.56 11.31 -8.37
CA THR A 46 -1.27 10.14 -8.92
C THR A 46 -2.72 10.13 -8.42
N GLU A 47 -3.65 9.70 -9.26
CA GLU A 47 -5.08 9.56 -8.96
C GLU A 47 -5.55 8.14 -9.32
N LEU A 48 -6.74 7.72 -8.90
CA LEU A 48 -7.22 6.34 -9.13
C LEU A 48 -7.49 5.99 -10.61
N ARG A 49 -7.47 7.00 -11.49
CA ARG A 49 -7.45 6.90 -12.97
C ARG A 49 -6.04 6.76 -13.58
N ASP A 50 -5.00 6.91 -12.76
CA ASP A 50 -3.58 6.98 -13.14
C ASP A 50 -2.71 5.97 -12.35
N LEU A 51 -3.22 5.48 -11.21
CA LEU A 51 -2.65 4.44 -10.38
C LEU A 51 -2.29 3.17 -11.16
N PRO A 52 -3.14 2.68 -12.10
CA PRO A 52 -2.85 1.50 -12.91
C PRO A 52 -1.57 1.59 -13.76
N LYS A 53 -1.10 2.81 -14.04
CA LYS A 53 0.12 3.09 -14.82
C LYS A 53 1.39 3.11 -13.96
N ARG A 54 1.23 3.17 -12.62
CA ARG A 54 2.32 3.15 -11.63
C ARG A 54 2.63 1.74 -11.13
N ILE A 55 1.59 0.90 -11.06
CA ILE A 55 1.72 -0.51 -10.65
C ILE A 55 2.59 -1.31 -11.66
N PRO A 56 3.56 -2.15 -11.23
CA PRO A 56 4.35 -3.03 -12.11
C PRO A 56 3.56 -4.29 -12.55
N LYS A 57 4.18 -5.08 -13.45
CA LYS A 57 3.66 -6.38 -13.95
C LYS A 57 4.73 -7.49 -14.03
N ASP A 58 5.89 -7.27 -13.40
CA ASP A 58 7.08 -8.15 -13.45
C ASP A 58 7.78 -8.32 -12.09
N SER A 59 7.23 -7.73 -11.02
CA SER A 59 7.82 -7.62 -9.69
C SER A 59 6.76 -7.21 -8.66
N ALA A 60 6.94 -7.55 -7.38
CA ALA A 60 6.11 -7.00 -6.31
C ALA A 60 6.47 -5.53 -6.02
N ARG A 61 5.48 -4.77 -5.48
CA ARG A 61 5.62 -3.38 -4.99
C ARG A 61 4.52 -3.04 -3.97
N TYR A 62 4.75 -1.99 -3.19
CA TYR A 62 3.83 -1.43 -2.19
C TYR A 62 3.37 -0.02 -2.54
N HIS A 63 2.12 0.30 -2.19
CA HIS A 63 1.47 1.55 -2.61
C HIS A 63 0.45 2.00 -1.52
N PHE A 64 0.27 3.30 -1.37
CA PHE A 64 -0.71 3.90 -0.45
C PHE A 64 -1.46 5.04 -1.15
N PHE A 65 -2.80 4.98 -1.12
CA PHE A 65 -3.68 5.96 -1.78
C PHE A 65 -4.78 6.42 -0.82
N LEU A 66 -5.09 7.72 -0.81
CA LEU A 66 -6.22 8.29 -0.06
C LEU A 66 -7.53 8.04 -0.82
N TYR A 67 -8.37 7.12 -0.32
CA TYR A 67 -9.73 6.93 -0.84
C TYR A 67 -10.75 7.79 -0.07
N LYS A 68 -11.74 8.32 -0.80
CA LYS A 68 -12.77 9.21 -0.29
C LYS A 68 -14.15 8.61 -0.61
N HIS A 69 -15.01 8.49 0.40
CA HIS A 69 -16.31 7.79 0.29
C HIS A 69 -17.36 8.35 1.26
N SER A 70 -18.56 7.74 1.28
CA SER A 70 -19.67 8.15 2.14
C SER A 70 -20.46 6.95 2.68
N HIS A 71 -20.91 7.07 3.93
CA HIS A 71 -21.82 6.13 4.61
C HIS A 71 -22.61 6.82 5.73
N GLU A 72 -23.78 6.26 6.08
CA GLU A 72 -24.69 6.71 7.16
C GLU A 72 -25.01 8.23 7.16
N GLY A 73 -25.03 8.85 5.97
CA GLY A 73 -25.33 10.28 5.77
C GLY A 73 -24.14 11.22 6.01
N ASP A 74 -22.91 10.73 5.88
CA ASP A 74 -21.65 11.46 6.11
C ASP A 74 -20.60 11.14 5.03
N TYR A 75 -19.47 11.83 5.06
CA TYR A 75 -18.40 11.78 4.06
C TYR A 75 -17.04 11.70 4.74
N LEU A 76 -16.31 10.62 4.45
CA LEU A 76 -15.11 10.18 5.16
C LEU A 76 -14.00 9.86 4.16
N GLU A 77 -12.74 10.07 4.56
CA GLU A 77 -11.59 9.83 3.70
C GLU A 77 -10.34 9.50 4.52
N SER A 78 -9.63 8.45 4.10
CA SER A 78 -8.40 7.93 4.72
C SER A 78 -7.65 7.00 3.77
N VAL A 79 -6.45 6.55 4.17
CA VAL A 79 -5.57 5.83 3.26
C VAL A 79 -5.97 4.37 3.10
N VAL A 80 -5.60 3.78 1.97
CA VAL A 80 -5.81 2.38 1.61
C VAL A 80 -4.44 1.72 1.50
N PHE A 81 -4.27 0.57 2.14
CA PHE A 81 -3.10 -0.27 1.89
C PHE A 81 -3.33 -1.03 0.58
N ILE A 82 -2.47 -0.81 -0.41
CA ILE A 82 -2.52 -1.48 -1.72
C ILE A 82 -1.21 -2.25 -1.95
N TYR A 83 -1.32 -3.52 -2.33
CA TYR A 83 -0.20 -4.39 -2.65
C TYR A 83 -0.31 -4.87 -4.10
N SER A 84 0.84 -5.02 -4.77
CA SER A 84 0.96 -5.67 -6.07
C SER A 84 2.02 -6.76 -6.06
N MET A 85 1.71 -7.91 -6.65
CA MET A 85 2.69 -8.91 -7.09
C MET A 85 2.11 -9.78 -8.24
N PRO A 86 2.91 -10.13 -9.26
CA PRO A 86 2.42 -10.90 -10.42
C PRO A 86 2.18 -12.38 -10.09
N GLY A 87 3.04 -12.97 -9.25
CA GLY A 87 3.04 -14.39 -8.88
C GLY A 87 3.76 -15.28 -9.89
N TYR A 88 3.53 -15.08 -11.19
CA TYR A 88 4.14 -15.86 -12.28
C TYR A 88 5.64 -15.60 -12.52
N THR A 89 6.20 -14.50 -12.00
CA THR A 89 7.63 -14.11 -12.22
C THR A 89 8.35 -13.43 -11.05
N CYS A 90 7.70 -13.16 -9.92
CA CYS A 90 8.38 -12.57 -8.75
C CYS A 90 9.37 -13.57 -8.12
N SER A 91 10.57 -13.12 -7.77
CA SER A 91 11.65 -13.98 -7.27
C SER A 91 11.34 -14.57 -5.89
N ILE A 92 11.90 -15.74 -5.58
CA ILE A 92 11.62 -16.50 -4.35
C ILE A 92 11.87 -15.70 -3.07
N ARG A 93 12.95 -14.88 -3.05
CA ARG A 93 13.32 -14.03 -1.92
C ARG A 93 12.59 -12.69 -1.94
N GLU A 94 12.16 -12.22 -3.10
CA GLU A 94 11.39 -10.98 -3.24
C GLU A 94 9.96 -11.18 -2.70
N ARG A 95 9.23 -12.16 -3.26
CA ARG A 95 7.82 -12.43 -2.94
C ARG A 95 7.58 -12.73 -1.46
N MET A 96 8.51 -13.44 -0.82
CA MET A 96 8.41 -13.79 0.60
C MET A 96 8.72 -12.62 1.55
N LEU A 97 9.57 -11.66 1.13
CA LEU A 97 9.85 -10.46 1.91
C LEU A 97 8.62 -9.54 1.96
N TYR A 98 8.01 -9.20 0.81
CA TYR A 98 6.75 -8.45 0.81
C TYR A 98 5.64 -9.18 1.57
N SER A 99 5.52 -10.49 1.39
CA SER A 99 4.49 -11.28 2.10
C SER A 99 4.76 -11.43 3.62
N SER A 100 5.98 -11.16 4.08
CA SER A 100 6.35 -11.14 5.51
C SER A 100 6.30 -9.74 6.15
N CYS A 101 6.70 -8.69 5.42
CA CYS A 101 6.63 -7.30 5.88
C CYS A 101 5.17 -6.78 5.95
N LYS A 102 4.26 -7.41 5.21
CA LYS A 102 2.82 -7.14 5.15
C LYS A 102 2.09 -7.08 6.50
N SER A 103 2.69 -7.62 7.56
CA SER A 103 2.17 -7.64 8.93
C SER A 103 2.71 -6.48 9.80
N PRO A 104 4.04 -6.28 9.96
CA PRO A 104 4.58 -5.14 10.69
C PRO A 104 4.34 -3.79 10.01
N LEU A 105 4.26 -3.72 8.67
CA LEU A 105 3.98 -2.47 7.95
C LEU A 105 2.62 -1.86 8.34
N LEU A 106 1.62 -2.71 8.58
CA LEU A 106 0.31 -2.29 9.07
C LEU A 106 0.39 -1.72 10.48
N GLU A 107 1.21 -2.28 11.37
CA GLU A 107 1.45 -1.74 12.72
C GLU A 107 2.24 -0.43 12.68
N ILE A 108 3.14 -0.25 11.70
CA ILE A 108 3.88 1.01 11.53
C ILE A 108 2.94 2.17 11.14
N VAL A 109 1.86 1.92 10.39
CA VAL A 109 0.81 2.93 10.15
C VAL A 109 -0.15 3.02 11.34
N GLU A 110 -0.70 1.89 11.78
CA GLU A 110 -1.80 1.88 12.73
C GLU A 110 -1.39 2.21 14.17
N ARG A 111 -0.12 2.00 14.55
CA ARG A 111 0.41 2.17 15.92
C ARG A 111 1.62 3.12 16.00
N GLN A 112 2.61 2.99 15.12
CA GLN A 112 3.79 3.89 15.10
C GLN A 112 3.46 5.28 14.49
N LEU A 113 2.43 5.36 13.64
CA LEU A 113 1.86 6.60 13.08
C LEU A 113 0.42 6.90 13.55
N GLN A 114 -0.16 6.01 14.38
CA GLN A 114 -1.50 6.12 14.96
C GLN A 114 -2.61 6.47 13.94
N MET A 115 -2.48 5.98 12.70
CA MET A 115 -3.26 6.39 11.54
C MET A 115 -4.22 5.28 11.06
N ASP A 116 -5.45 5.67 10.72
CA ASP A 116 -6.45 4.75 10.15
C ASP A 116 -6.10 4.30 8.73
N VAL A 117 -6.49 3.06 8.40
CA VAL A 117 -6.39 2.49 7.05
C VAL A 117 -7.75 1.92 6.68
N ILE A 118 -8.35 2.48 5.62
CA ILE A 118 -9.72 2.21 5.15
C ILE A 118 -9.99 0.70 5.00
N ARG A 119 -9.13 0.01 4.22
CA ARG A 119 -9.12 -1.44 3.95
C ARG A 119 -7.78 -1.85 3.31
N LYS A 120 -7.60 -3.16 3.14
CA LYS A 120 -6.38 -3.81 2.63
C LYS A 120 -6.70 -4.49 1.30
N ILE A 121 -6.12 -3.97 0.21
CA ILE A 121 -6.45 -4.34 -1.18
C ILE A 121 -5.20 -4.89 -1.90
N GLU A 122 -5.40 -5.88 -2.78
CA GLU A 122 -4.31 -6.62 -3.43
C GLU A 122 -4.67 -6.94 -4.89
N ILE A 123 -3.77 -6.60 -5.83
CA ILE A 123 -3.91 -6.80 -7.28
C ILE A 123 -2.64 -7.45 -7.89
N ASP A 124 -2.70 -7.82 -9.18
CA ASP A 124 -1.61 -8.55 -9.86
C ASP A 124 -0.88 -7.72 -10.93
N ASN A 125 -1.56 -6.74 -11.51
CA ASN A 125 -1.03 -5.82 -12.54
C ASN A 125 -1.60 -4.39 -12.44
N GLY A 126 -2.54 -4.15 -11.53
CA GLY A 126 -3.07 -2.82 -11.19
C GLY A 126 -4.17 -2.28 -12.10
N ASP A 127 -4.46 -2.96 -13.22
CA ASP A 127 -5.55 -2.58 -14.14
C ASP A 127 -6.94 -2.53 -13.45
N GLU A 128 -7.08 -3.30 -12.36
CA GLU A 128 -8.29 -3.40 -11.56
C GLU A 128 -8.46 -2.23 -10.55
N LEU A 129 -7.44 -1.38 -10.32
CA LEU A 129 -7.57 -0.23 -9.43
C LEU A 129 -8.41 0.87 -10.09
N THR A 130 -9.64 1.05 -9.60
CA THR A 130 -10.64 2.03 -10.07
C THR A 130 -11.64 2.30 -8.95
N ALA A 131 -12.35 3.43 -8.98
CA ALA A 131 -13.35 3.79 -7.97
C ALA A 131 -14.45 2.73 -7.81
N ASP A 132 -14.73 1.94 -8.87
CA ASP A 132 -15.72 0.86 -8.81
C ASP A 132 -15.20 -0.34 -7.99
N PHE A 133 -13.91 -0.65 -8.15
CA PHE A 133 -13.22 -1.72 -7.42
C PHE A 133 -12.90 -1.34 -5.98
N LEU A 134 -12.42 -0.11 -5.76
CA LEU A 134 -12.15 0.42 -4.43
C LEU A 134 -13.42 0.44 -3.58
N TYR A 135 -14.57 0.90 -4.10
CA TYR A 135 -15.82 0.82 -3.35
C TYR A 135 -16.18 -0.63 -2.99
N ASP A 136 -16.08 -1.56 -3.94
CA ASP A 136 -16.39 -2.98 -3.73
C ASP A 136 -15.45 -3.67 -2.73
N GLU A 137 -14.21 -3.19 -2.57
CA GLU A 137 -13.20 -3.70 -1.63
C GLU A 137 -13.16 -2.96 -0.28
N VAL A 138 -13.73 -1.75 -0.21
CA VAL A 138 -13.93 -0.97 1.02
C VAL A 138 -15.30 -1.26 1.66
N HIS A 139 -16.28 -1.69 0.86
CA HIS A 139 -17.59 -2.24 1.27
C HIS A 139 -17.77 -3.72 0.84
N PRO A 140 -16.88 -4.65 1.26
CA PRO A 140 -16.96 -6.06 0.90
C PRO A 140 -18.13 -6.80 1.58
N LYS A 141 -18.33 -8.07 1.17
CA LYS A 141 -19.37 -8.98 1.69
C LYS A 141 -18.81 -10.18 2.48
N GLN A 142 -17.54 -10.10 2.89
CA GLN A 142 -16.82 -11.11 3.68
C GLN A 142 -17.49 -11.43 5.04
N ALA A 1 1.18 -14.00 17.15
CA ALA A 1 2.57 -13.49 17.02
C ALA A 1 3.19 -13.87 15.68
N GLN A 2 4.05 -13.01 15.11
CA GLN A 2 4.77 -13.27 13.86
C GLN A 2 5.76 -14.45 13.95
N GLY A 3 5.93 -15.16 12.84
CA GLY A 3 7.04 -16.09 12.62
C GLY A 3 8.32 -15.40 12.11
N VAL A 4 8.14 -14.32 11.35
CA VAL A 4 9.20 -13.43 10.83
C VAL A 4 8.67 -12.01 10.61
N ALA A 5 9.52 -11.00 10.77
CA ALA A 5 9.21 -9.58 10.58
C ALA A 5 10.48 -8.74 10.29
N PHE A 6 10.30 -7.55 9.70
CA PHE A 6 11.38 -6.62 9.34
C PHE A 6 10.95 -5.15 9.54
N PRO A 7 11.90 -4.22 9.81
CA PRO A 7 11.64 -2.79 9.92
C PRO A 7 11.44 -2.11 8.55
N ILE A 8 10.99 -0.86 8.58
CA ILE A 8 10.90 0.05 7.42
C ILE A 8 12.16 0.95 7.34
N SER A 9 12.54 1.36 6.13
CA SER A 9 13.63 2.34 5.92
C SER A 9 13.15 3.79 6.14
N ARG A 10 14.10 4.71 6.36
CA ARG A 10 13.83 6.13 6.65
C ARG A 10 13.02 6.82 5.57
N ASP A 11 13.41 6.72 4.31
CA ASP A 11 12.75 7.43 3.20
C ASP A 11 11.30 6.99 3.01
N ALA A 12 11.01 5.69 3.15
CA ALA A 12 9.64 5.16 3.05
C ALA A 12 8.77 5.71 4.19
N PHE A 13 9.30 5.73 5.42
CA PHE A 13 8.61 6.26 6.59
C PHE A 13 8.44 7.80 6.54
N GLN A 14 9.41 8.52 5.98
CA GLN A 14 9.40 9.97 5.77
C GLN A 14 8.28 10.45 4.83
N ALA A 15 7.73 9.53 4.02
CA ALA A 15 6.57 9.75 3.17
C ALA A 15 5.26 9.29 3.85
N LEU A 16 5.23 8.10 4.46
CA LEU A 16 4.05 7.59 5.19
C LEU A 16 3.64 8.47 6.38
N GLU A 17 4.60 9.10 7.05
CA GLU A 17 4.33 10.06 8.13
C GLU A 17 3.56 11.31 7.62
N LYS A 18 3.76 11.75 6.37
CA LYS A 18 3.05 12.87 5.72
C LYS A 18 1.73 12.43 5.08
N LEU A 19 1.68 11.21 4.54
CA LEU A 19 0.43 10.54 4.12
C LEU A 19 -0.59 10.41 5.28
N SER A 20 -0.11 10.35 6.53
CA SER A 20 -0.96 10.31 7.73
C SER A 20 -1.70 11.64 7.99
N LYS A 21 -1.46 12.67 7.17
CA LYS A 21 -2.09 14.01 7.21
C LYS A 21 -2.54 14.48 5.82
N LYS A 22 -2.82 13.54 4.90
CA LYS A 22 -3.15 13.70 3.47
C LYS A 22 -2.33 14.76 2.71
N GLN A 23 -1.03 14.90 3.06
CA GLN A 23 -0.15 15.88 2.40
C GLN A 23 0.32 15.39 1.01
N LEU A 24 0.35 14.05 0.83
CA LEU A 24 0.84 13.41 -0.39
C LEU A 24 -0.32 12.71 -1.12
N ASN A 25 -0.97 11.74 -0.46
CA ASN A 25 -2.02 10.85 -0.99
C ASN A 25 -1.59 9.91 -2.16
N TYR A 26 -0.30 9.85 -2.51
CA TYR A 26 0.23 9.08 -3.66
C TYR A 26 1.68 8.57 -3.46
N VAL A 27 1.93 7.83 -2.37
CA VAL A 27 3.27 7.26 -2.08
C VAL A 27 3.45 5.92 -2.79
N GLN A 28 4.66 5.70 -3.32
CA GLN A 28 5.07 4.52 -4.09
C GLN A 28 6.38 3.98 -3.50
N LEU A 29 6.44 2.67 -3.26
CA LEU A 29 7.49 1.99 -2.50
C LEU A 29 7.98 0.72 -3.21
N GLU A 30 9.10 0.18 -2.75
CA GLU A 30 9.61 -1.15 -3.11
C GLU A 30 10.50 -1.72 -2.01
N ILE A 31 10.65 -3.04 -1.93
CA ILE A 31 11.65 -3.71 -1.08
C ILE A 31 13.09 -3.42 -1.54
N ASP A 32 14.04 -3.55 -0.61
CA ASP A 32 15.48 -3.44 -0.80
C ASP A 32 16.15 -4.68 -0.18
N ILE A 33 16.25 -5.75 -0.96
CA ILE A 33 16.76 -7.07 -0.53
C ILE A 33 18.17 -6.98 0.09
N LYS A 34 18.96 -5.96 -0.31
CA LYS A 34 20.29 -5.65 0.25
C LYS A 34 20.28 -5.39 1.76
N ASN A 35 19.13 -4.94 2.29
CA ASN A 35 18.89 -4.66 3.72
C ASN A 35 17.57 -5.27 4.23
N GLU A 36 16.89 -6.10 3.41
CA GLU A 36 15.62 -6.77 3.72
C GLU A 36 14.53 -5.82 4.29
N THR A 37 14.32 -4.66 3.65
CA THR A 37 13.43 -3.59 4.17
C THR A 37 12.70 -2.83 3.05
N ILE A 38 11.57 -2.18 3.34
CA ILE A 38 10.88 -1.32 2.37
C ILE A 38 11.58 0.04 2.27
N ILE A 39 11.82 0.51 1.05
CA ILE A 39 12.37 1.83 0.71
C ILE A 39 11.39 2.65 -0.15
N LEU A 40 11.59 3.96 -0.19
CA LEU A 40 10.84 4.87 -1.06
C LEU A 40 11.20 4.63 -2.53
N ALA A 41 10.24 4.89 -3.42
CA ALA A 41 10.41 4.76 -4.88
C ALA A 41 9.88 5.98 -5.65
N ASN A 42 8.72 6.54 -5.27
CA ASN A 42 8.21 7.82 -5.81
C ASN A 42 7.17 8.49 -4.87
N THR A 43 6.94 9.79 -5.08
CA THR A 43 5.91 10.59 -4.40
C THR A 43 5.28 11.63 -5.34
N GLU A 44 5.38 11.45 -6.67
CA GLU A 44 4.71 12.31 -7.67
C GLU A 44 3.20 12.06 -7.72
N ASN A 45 2.44 13.06 -8.17
CA ASN A 45 0.98 13.04 -8.15
C ASN A 45 0.36 11.86 -8.92
N THR A 46 -0.61 11.19 -8.29
CA THR A 46 -1.38 10.06 -8.82
C THR A 46 -2.83 10.14 -8.33
N GLU A 47 -3.77 9.61 -9.11
CA GLU A 47 -5.20 9.56 -8.80
C GLU A 47 -5.73 8.13 -9.01
N LEU A 48 -6.91 7.79 -8.47
CA LEU A 48 -7.49 6.43 -8.59
C LEU A 48 -7.83 5.97 -10.03
N ARG A 49 -7.71 6.89 -11.00
CA ARG A 49 -7.81 6.69 -12.46
C ARG A 49 -6.45 6.62 -13.19
N ASP A 50 -5.36 6.78 -12.43
CA ASP A 50 -3.97 6.86 -12.92
C ASP A 50 -3.04 5.88 -12.18
N LEU A 51 -3.51 5.25 -11.08
CA LEU A 51 -2.83 4.14 -10.38
C LEU A 51 -2.40 3.03 -11.35
N PRO A 52 -3.25 2.56 -12.29
CA PRO A 52 -2.95 1.41 -13.16
C PRO A 52 -1.69 1.57 -14.01
N LYS A 53 -1.22 2.81 -14.21
CA LYS A 53 0.00 3.14 -14.96
C LYS A 53 1.26 3.15 -14.09
N ARG A 54 1.09 3.20 -12.77
CA ARG A 54 2.19 3.20 -11.78
C ARG A 54 2.53 1.79 -11.29
N ILE A 55 1.51 0.94 -11.15
CA ILE A 55 1.67 -0.45 -10.70
C ILE A 55 2.49 -1.28 -11.72
N PRO A 56 3.49 -2.08 -11.29
CA PRO A 56 4.19 -3.03 -12.15
C PRO A 56 3.37 -4.33 -12.40
N LYS A 57 3.78 -5.10 -13.42
CA LYS A 57 3.13 -6.37 -13.82
C LYS A 57 4.10 -7.57 -13.92
N ASP A 58 5.38 -7.38 -13.60
CA ASP A 58 6.44 -8.39 -13.72
C ASP A 58 7.36 -8.46 -12.47
N SER A 59 7.00 -7.76 -11.39
CA SER A 59 7.64 -7.78 -10.06
C SER A 59 6.67 -7.23 -9.01
N ALA A 60 6.83 -7.57 -7.73
CA ALA A 60 6.05 -6.99 -6.64
C ALA A 60 6.47 -5.53 -6.33
N ARG A 61 5.54 -4.72 -5.80
CA ARG A 61 5.75 -3.38 -5.20
C ARG A 61 4.63 -3.04 -4.20
N TYR A 62 4.86 -2.02 -3.37
CA TYR A 62 3.91 -1.48 -2.39
C TYR A 62 3.50 -0.04 -2.73
N HIS A 63 2.26 0.33 -2.39
CA HIS A 63 1.62 1.58 -2.80
C HIS A 63 0.62 2.03 -1.71
N PHE A 64 0.39 3.33 -1.56
CA PHE A 64 -0.66 3.86 -0.68
C PHE A 64 -1.44 5.00 -1.37
N PHE A 65 -2.76 4.99 -1.17
CA PHE A 65 -3.69 6.03 -1.65
C PHE A 65 -4.58 6.53 -0.49
N LEU A 66 -5.18 7.71 -0.63
CA LEU A 66 -6.21 8.21 0.29
C LEU A 66 -7.59 8.17 -0.37
N TYR A 67 -8.27 7.02 -0.31
CA TYR A 67 -9.62 6.88 -0.84
C TYR A 67 -10.63 7.73 -0.04
N LYS A 68 -11.70 8.16 -0.72
CA LYS A 68 -12.75 9.02 -0.19
C LYS A 68 -14.13 8.56 -0.69
N HIS A 69 -15.09 8.49 0.22
CA HIS A 69 -16.40 7.89 0.02
C HIS A 69 -17.49 8.49 0.93
N SER A 70 -18.73 7.99 0.85
CA SER A 70 -19.86 8.41 1.68
C SER A 70 -20.77 7.25 2.08
N HIS A 71 -21.28 7.30 3.31
CA HIS A 71 -22.27 6.35 3.84
C HIS A 71 -23.15 6.99 4.93
N GLU A 72 -24.37 6.47 5.10
CA GLU A 72 -25.37 6.86 6.13
C GLU A 72 -25.65 8.38 6.25
N GLY A 73 -25.44 9.14 5.17
CA GLY A 73 -25.64 10.60 5.11
C GLY A 73 -24.40 11.43 5.51
N ASP A 74 -23.20 10.84 5.47
CA ASP A 74 -21.91 11.45 5.82
C ASP A 74 -20.84 11.10 4.78
N TYR A 75 -19.67 11.72 4.91
CA TYR A 75 -18.59 11.73 3.92
C TYR A 75 -17.25 11.58 4.66
N LEU A 76 -16.46 10.60 4.24
CA LEU A 76 -15.27 10.11 4.93
C LEU A 76 -14.10 9.96 3.94
N GLU A 77 -12.88 10.17 4.43
CA GLU A 77 -11.64 10.12 3.65
C GLU A 77 -10.45 9.69 4.51
N SER A 78 -9.76 8.60 4.13
CA SER A 78 -8.62 8.06 4.88
C SER A 78 -7.74 7.10 4.04
N VAL A 79 -6.61 6.67 4.60
CA VAL A 79 -5.57 5.87 3.94
C VAL A 79 -6.06 4.47 3.54
N VAL A 80 -5.60 3.99 2.39
CA VAL A 80 -5.78 2.62 1.89
C VAL A 80 -4.39 2.04 1.61
N PHE A 81 -4.13 0.84 2.10
CA PHE A 81 -2.94 0.05 1.75
C PHE A 81 -3.22 -0.73 0.45
N ILE A 82 -2.30 -0.65 -0.51
CA ILE A 82 -2.36 -1.37 -1.79
C ILE A 82 -1.05 -2.16 -2.02
N TYR A 83 -1.17 -3.42 -2.45
CA TYR A 83 -0.05 -4.31 -2.79
C TYR A 83 -0.22 -4.88 -4.20
N SER A 84 0.89 -5.03 -4.92
CA SER A 84 0.96 -5.70 -6.23
C SER A 84 1.89 -6.90 -6.21
N MET A 85 1.42 -8.04 -6.73
CA MET A 85 2.18 -9.28 -6.85
C MET A 85 1.64 -10.16 -8.00
N PRO A 86 2.43 -10.39 -9.07
CA PRO A 86 2.04 -11.34 -10.13
C PRO A 86 2.16 -12.81 -9.69
N GLY A 87 3.17 -13.12 -8.86
CA GLY A 87 3.44 -14.46 -8.31
C GLY A 87 4.27 -15.38 -9.20
N TYR A 88 4.05 -15.35 -10.53
CA TYR A 88 4.67 -16.25 -11.50
C TYR A 88 6.07 -15.83 -11.98
N THR A 89 6.47 -14.58 -11.73
CA THR A 89 7.68 -13.95 -12.31
C THR A 89 8.55 -13.19 -11.30
N CYS A 90 7.98 -12.65 -10.21
CA CYS A 90 8.75 -12.18 -9.06
C CYS A 90 9.59 -13.32 -8.44
N SER A 91 10.82 -13.01 -8.02
CA SER A 91 11.79 -14.01 -7.50
C SER A 91 11.31 -14.62 -6.18
N ILE A 92 11.72 -15.87 -5.90
CA ILE A 92 11.31 -16.65 -4.72
C ILE A 92 11.58 -15.89 -3.41
N ARG A 93 12.75 -15.24 -3.33
CA ARG A 93 13.22 -14.50 -2.14
C ARG A 93 12.64 -13.08 -2.10
N GLU A 94 12.34 -12.50 -3.25
CA GLU A 94 11.71 -11.18 -3.37
C GLU A 94 10.26 -11.25 -2.87
N ARG A 95 9.43 -12.11 -3.47
CA ARG A 95 7.98 -12.18 -3.18
C ARG A 95 7.67 -12.44 -1.71
N MET A 96 8.53 -13.23 -1.06
CA MET A 96 8.34 -13.62 0.35
C MET A 96 8.88 -12.57 1.32
N LEU A 97 9.86 -11.76 0.93
CA LEU A 97 10.30 -10.58 1.69
C LEU A 97 9.22 -9.52 1.78
N TYR A 98 8.55 -9.18 0.66
CA TYR A 98 7.35 -8.32 0.69
C TYR A 98 6.33 -8.85 1.70
N SER A 99 5.87 -10.10 1.52
CA SER A 99 4.86 -10.74 2.38
C SER A 99 5.27 -10.79 3.87
N SER A 100 6.57 -10.91 4.16
CA SER A 100 7.15 -10.90 5.51
C SER A 100 7.21 -9.51 6.16
N CYS A 101 7.12 -8.44 5.38
CA CYS A 101 7.07 -7.08 5.88
C CYS A 101 5.63 -6.58 6.00
N LYS A 102 4.68 -7.21 5.29
CA LYS A 102 3.27 -6.80 5.19
C LYS A 102 2.58 -6.60 6.54
N SER A 103 2.79 -7.51 7.49
CA SER A 103 2.20 -7.45 8.84
C SER A 103 2.83 -6.34 9.72
N PRO A 104 4.17 -6.27 9.90
CA PRO A 104 4.79 -5.17 10.66
C PRO A 104 4.63 -3.80 9.99
N LEU A 105 4.66 -3.68 8.65
CA LEU A 105 4.41 -2.41 7.96
C LEU A 105 2.99 -1.89 8.17
N LEU A 106 1.99 -2.79 8.34
CA LEU A 106 0.65 -2.39 8.78
C LEU A 106 0.62 -1.91 10.24
N GLU A 107 1.38 -2.55 11.15
CA GLU A 107 1.51 -2.10 12.54
C GLU A 107 2.23 -0.74 12.62
N ILE A 108 3.13 -0.43 11.69
CA ILE A 108 3.82 0.87 11.62
C ILE A 108 2.85 2.00 11.23
N VAL A 109 1.85 1.81 10.35
CA VAL A 109 0.79 2.82 10.21
C VAL A 109 -0.19 2.78 11.38
N GLU A 110 -0.68 1.61 11.77
CA GLU A 110 -1.76 1.50 12.77
C GLU A 110 -1.34 1.92 14.19
N ARG A 111 -0.07 1.68 14.57
CA ARG A 111 0.41 1.82 15.97
C ARG A 111 1.66 2.71 16.14
N GLN A 112 2.62 2.72 15.20
CA GLN A 112 3.79 3.61 15.27
C GLN A 112 3.45 5.04 14.82
N LEU A 113 2.69 5.18 13.72
CA LEU A 113 2.09 6.45 13.26
C LEU A 113 0.71 6.74 13.90
N GLN A 114 0.13 5.79 14.63
CA GLN A 114 -1.20 5.87 15.26
C GLN A 114 -2.31 6.32 14.28
N MET A 115 -2.19 5.92 13.02
CA MET A 115 -3.01 6.38 11.89
C MET A 115 -4.00 5.30 11.42
N ASP A 116 -5.25 5.68 11.23
CA ASP A 116 -6.29 4.80 10.69
C ASP A 116 -6.00 4.38 9.23
N VAL A 117 -6.47 3.19 8.85
CA VAL A 117 -6.39 2.66 7.49
C VAL A 117 -7.71 1.97 7.14
N ILE A 118 -8.32 2.40 6.03
CA ILE A 118 -9.62 1.94 5.52
C ILE A 118 -9.61 0.43 5.24
N ARG A 119 -8.66 -0.04 4.42
CA ARG A 119 -8.57 -1.41 3.89
C ARG A 119 -7.16 -1.78 3.44
N LYS A 120 -7.01 -3.08 3.14
CA LYS A 120 -5.77 -3.77 2.79
C LYS A 120 -5.92 -4.48 1.43
N ILE A 121 -6.11 -3.66 0.39
CA ILE A 121 -6.40 -4.05 -0.99
C ILE A 121 -5.16 -4.69 -1.65
N GLU A 122 -5.38 -5.68 -2.53
CA GLU A 122 -4.31 -6.43 -3.22
C GLU A 122 -4.72 -6.72 -4.68
N ILE A 123 -3.82 -6.47 -5.64
CA ILE A 123 -4.05 -6.66 -7.08
C ILE A 123 -2.92 -7.44 -7.77
N ASP A 124 -3.25 -8.05 -8.92
CA ASP A 124 -2.32 -8.86 -9.73
C ASP A 124 -1.37 -8.00 -10.59
N ASN A 125 -1.90 -6.90 -11.16
CA ASN A 125 -1.19 -6.04 -12.13
C ASN A 125 -1.62 -4.56 -12.13
N GLY A 126 -2.64 -4.19 -11.34
CA GLY A 126 -3.07 -2.80 -11.13
C GLY A 126 -4.11 -2.26 -12.13
N ASP A 127 -4.37 -2.97 -13.23
CA ASP A 127 -5.46 -2.64 -14.17
C ASP A 127 -6.84 -2.55 -13.49
N GLU A 128 -6.99 -3.29 -12.39
CA GLU A 128 -8.19 -3.39 -11.57
C GLU A 128 -8.39 -2.18 -10.64
N LEU A 129 -7.41 -1.29 -10.45
CA LEU A 129 -7.53 -0.12 -9.57
C LEU A 129 -8.38 0.97 -10.25
N THR A 130 -9.56 1.22 -9.68
CA THR A 130 -10.58 2.19 -10.15
C THR A 130 -11.55 2.50 -9.01
N ALA A 131 -12.27 3.61 -9.07
CA ALA A 131 -13.26 3.99 -8.04
C ALA A 131 -14.35 2.92 -7.84
N ASP A 132 -14.63 2.12 -8.88
CA ASP A 132 -15.60 1.01 -8.79
C ASP A 132 -15.05 -0.15 -7.94
N PHE A 133 -13.76 -0.44 -8.09
CA PHE A 133 -13.04 -1.47 -7.34
C PHE A 133 -12.77 -1.03 -5.90
N LEU A 134 -12.31 0.21 -5.71
CA LEU A 134 -12.06 0.77 -4.38
C LEU A 134 -13.35 0.84 -3.55
N TYR A 135 -14.51 1.13 -4.14
CA TYR A 135 -15.79 1.00 -3.44
C TYR A 135 -16.09 -0.46 -3.08
N ASP A 136 -16.01 -1.38 -4.04
CA ASP A 136 -16.32 -2.81 -3.83
C ASP A 136 -15.40 -3.49 -2.80
N GLU A 137 -14.14 -3.05 -2.69
CA GLU A 137 -13.15 -3.53 -1.74
C GLU A 137 -13.34 -2.94 -0.32
N VAL A 138 -13.90 -1.74 -0.21
CA VAL A 138 -14.15 -1.04 1.06
C VAL A 138 -15.57 -1.30 1.61
N HIS A 139 -16.49 -1.71 0.73
CA HIS A 139 -17.83 -2.21 1.05
C HIS A 139 -18.00 -3.70 0.63
N PRO A 140 -17.17 -4.63 1.12
CA PRO A 140 -17.21 -6.06 0.76
C PRO A 140 -18.44 -6.79 1.34
N LYS A 141 -18.60 -8.07 0.93
CA LYS A 141 -19.68 -8.98 1.36
C LYS A 141 -19.24 -10.08 2.34
N GLN A 142 -18.02 -9.95 2.90
CA GLN A 142 -17.42 -10.83 3.91
C GLN A 142 -18.28 -10.93 5.19
N ALA A 1 10.86 -19.42 14.95
CA ALA A 1 9.82 -20.10 15.76
C ALA A 1 8.54 -20.33 14.95
N GLN A 2 7.67 -19.31 14.81
CA GLN A 2 6.34 -19.42 14.17
C GLN A 2 5.99 -18.21 13.26
N GLY A 3 6.97 -17.34 12.97
CA GLY A 3 6.82 -16.15 12.13
C GLY A 3 8.11 -15.32 11.98
N VAL A 4 8.07 -14.27 11.16
CA VAL A 4 9.19 -13.34 10.90
C VAL A 4 8.67 -11.94 10.51
N ALA A 5 9.49 -10.91 10.77
CA ALA A 5 9.19 -9.50 10.51
C ALA A 5 10.48 -8.71 10.16
N PHE A 6 10.31 -7.55 9.51
CA PHE A 6 11.38 -6.70 8.99
C PHE A 6 11.05 -5.20 9.13
N PRO A 7 12.04 -4.32 9.31
CA PRO A 7 11.85 -2.88 9.49
C PRO A 7 11.64 -2.13 8.17
N ILE A 8 11.10 -0.90 8.28
CA ILE A 8 11.04 0.10 7.20
C ILE A 8 12.31 0.99 7.20
N SER A 9 12.71 1.47 6.02
CA SER A 9 13.80 2.44 5.87
C SER A 9 13.34 3.89 6.08
N ARG A 10 14.29 4.79 6.33
CA ARG A 10 14.04 6.20 6.66
C ARG A 10 13.22 6.91 5.58
N ASP A 11 13.61 6.83 4.31
CA ASP A 11 12.91 7.53 3.22
C ASP A 11 11.47 7.03 3.03
N ALA A 12 11.24 5.72 3.14
CA ALA A 12 9.91 5.14 3.02
C ALA A 12 8.99 5.64 4.16
N PHE A 13 9.50 5.68 5.40
CA PHE A 13 8.77 6.21 6.54
C PHE A 13 8.58 7.74 6.45
N GLN A 14 9.56 8.48 5.94
CA GLN A 14 9.50 9.95 5.77
C GLN A 14 8.39 10.41 4.82
N ALA A 15 7.96 9.55 3.88
CA ALA A 15 6.79 9.77 3.05
C ALA A 15 5.47 9.38 3.75
N LEU A 16 5.45 8.28 4.50
CA LEU A 16 4.26 7.76 5.20
C LEU A 16 3.84 8.62 6.39
N GLU A 17 4.79 9.24 7.08
CA GLU A 17 4.48 10.22 8.14
C GLU A 17 3.73 11.45 7.62
N LYS A 18 3.99 11.88 6.37
CA LYS A 18 3.28 12.98 5.67
C LYS A 18 1.95 12.53 5.09
N LEU A 19 1.91 11.32 4.54
CA LEU A 19 0.67 10.63 4.12
C LEU A 19 -0.34 10.49 5.27
N SER A 20 0.13 10.40 6.52
CA SER A 20 -0.73 10.30 7.72
C SER A 20 -1.48 11.61 8.05
N LYS A 21 -1.30 12.66 7.23
CA LYS A 21 -2.14 13.86 7.17
C LYS A 21 -2.40 14.31 5.73
N LYS A 22 -2.48 13.37 4.77
CA LYS A 22 -2.94 13.59 3.39
C LYS A 22 -2.16 14.68 2.61
N GLN A 23 -0.88 14.91 2.97
CA GLN A 23 -0.06 15.94 2.32
C GLN A 23 0.38 15.49 0.91
N LEU A 24 0.57 14.17 0.75
CA LEU A 24 1.06 13.55 -0.48
C LEU A 24 -0.10 12.83 -1.18
N ASN A 25 -0.73 11.87 -0.50
CA ASN A 25 -1.82 11.02 -1.01
C ASN A 25 -1.43 10.04 -2.16
N TYR A 26 -0.14 9.98 -2.54
CA TYR A 26 0.36 9.19 -3.69
C TYR A 26 1.80 8.64 -3.49
N VAL A 27 2.05 7.89 -2.42
CA VAL A 27 3.38 7.30 -2.12
C VAL A 27 3.56 5.93 -2.78
N GLN A 28 4.77 5.68 -3.29
CA GLN A 28 5.19 4.47 -3.98
C GLN A 28 6.52 3.97 -3.38
N LEU A 29 6.57 2.68 -3.02
CA LEU A 29 7.68 2.04 -2.34
C LEU A 29 8.19 0.83 -3.14
N GLU A 30 9.37 0.32 -2.77
CA GLU A 30 9.89 -1.00 -3.15
C GLU A 30 10.80 -1.58 -2.06
N ILE A 31 11.01 -2.90 -2.05
CA ILE A 31 11.98 -3.57 -1.17
C ILE A 31 13.44 -3.33 -1.64
N ASP A 32 14.38 -3.48 -0.72
CA ASP A 32 15.84 -3.41 -0.91
C ASP A 32 16.47 -4.65 -0.29
N ILE A 33 16.48 -5.77 -1.03
CA ILE A 33 16.92 -7.08 -0.55
C ILE A 33 18.34 -7.05 0.03
N LYS A 34 19.19 -6.13 -0.45
CA LYS A 34 20.55 -5.86 0.05
C LYS A 34 20.61 -5.52 1.56
N ASN A 35 19.52 -4.96 2.09
CA ASN A 35 19.33 -4.59 3.50
C ASN A 35 18.00 -5.11 4.09
N GLU A 36 17.29 -5.98 3.36
CA GLU A 36 16.02 -6.63 3.76
C GLU A 36 14.96 -5.63 4.30
N THR A 37 14.74 -4.51 3.61
CA THR A 37 13.88 -3.41 4.10
C THR A 37 13.13 -2.68 2.97
N ILE A 38 12.03 -2.00 3.29
CA ILE A 38 11.26 -1.20 2.32
C ILE A 38 11.89 0.19 2.21
N ILE A 39 12.15 0.64 0.98
CA ILE A 39 12.69 1.96 0.64
C ILE A 39 11.68 2.76 -0.22
N LEU A 40 11.85 4.08 -0.24
CA LEU A 40 11.06 4.96 -1.09
C LEU A 40 11.42 4.77 -2.58
N ALA A 41 10.43 4.98 -3.45
CA ALA A 41 10.59 4.82 -4.90
C ALA A 41 10.04 6.00 -5.71
N ASN A 42 8.86 6.53 -5.38
CA ASN A 42 8.30 7.74 -6.00
C ASN A 42 7.25 8.44 -5.10
N THR A 43 7.06 9.75 -5.29
CA THR A 43 6.04 10.57 -4.58
C THR A 43 5.43 11.65 -5.50
N GLU A 44 5.46 11.45 -6.82
CA GLU A 44 4.85 12.38 -7.79
C GLU A 44 3.32 12.17 -7.88
N ASN A 45 2.60 13.23 -8.28
CA ASN A 45 1.14 13.24 -8.25
C ASN A 45 0.49 12.08 -9.02
N THR A 46 -0.47 11.40 -8.38
CA THR A 46 -1.23 10.26 -8.91
C THR A 46 -2.70 10.36 -8.47
N GLU A 47 -3.63 9.89 -9.31
CA GLU A 47 -5.07 9.79 -9.04
C GLU A 47 -5.54 8.35 -9.32
N LEU A 48 -6.74 7.95 -8.89
CA LEU A 48 -7.21 6.55 -9.05
C LEU A 48 -7.47 6.13 -10.53
N ARG A 49 -7.50 7.11 -11.43
CA ARG A 49 -7.46 6.97 -12.91
C ARG A 49 -6.06 6.80 -13.49
N ASP A 50 -5.01 7.07 -12.71
CA ASP A 50 -3.59 7.05 -13.11
C ASP A 50 -2.74 6.05 -12.31
N LEU A 51 -3.26 5.60 -11.16
CA LEU A 51 -2.76 4.52 -10.32
C LEU A 51 -2.48 3.21 -11.08
N PRO A 52 -3.35 2.74 -12.01
CA PRO A 52 -3.15 1.47 -12.73
C PRO A 52 -1.93 1.47 -13.66
N LYS A 53 -1.34 2.65 -13.93
CA LYS A 53 -0.14 2.85 -14.74
C LYS A 53 1.15 2.89 -13.91
N ARG A 54 1.03 3.07 -12.58
CA ARG A 54 2.16 3.11 -11.62
C ARG A 54 2.53 1.73 -11.08
N ILE A 55 1.51 0.88 -10.87
CA ILE A 55 1.70 -0.49 -10.38
C ILE A 55 2.54 -1.31 -11.38
N PRO A 56 3.58 -2.06 -10.93
CA PRO A 56 4.38 -2.93 -11.80
C PRO A 56 3.61 -4.19 -12.24
N LYS A 57 4.11 -4.85 -13.29
CA LYS A 57 3.47 -6.01 -13.95
C LYS A 57 4.29 -7.31 -13.84
N ASP A 58 5.51 -7.22 -13.31
CA ASP A 58 6.51 -8.32 -13.30
C ASP A 58 7.26 -8.52 -11.96
N SER A 59 6.91 -7.74 -10.92
CA SER A 59 7.44 -7.82 -9.54
C SER A 59 6.41 -7.32 -8.53
N ALA A 60 6.53 -7.70 -7.26
CA ALA A 60 5.79 -7.06 -6.17
C ALA A 60 6.33 -5.65 -5.87
N ARG A 61 5.46 -4.78 -5.33
CA ARG A 61 5.73 -3.45 -4.74
C ARG A 61 4.62 -3.08 -3.74
N TYR A 62 4.87 -2.03 -2.94
CA TYR A 62 3.89 -1.44 -2.01
C TYR A 62 3.52 0.00 -2.41
N HIS A 63 2.26 0.37 -2.16
CA HIS A 63 1.65 1.61 -2.62
C HIS A 63 0.62 2.11 -1.58
N PHE A 64 0.44 3.42 -1.47
CA PHE A 64 -0.59 4.01 -0.60
C PHE A 64 -1.34 5.14 -1.31
N PHE A 65 -2.66 5.12 -1.17
CA PHE A 65 -3.58 6.10 -1.80
C PHE A 65 -4.64 6.58 -0.81
N LEU A 66 -5.00 7.87 -0.83
CA LEU A 66 -6.15 8.41 -0.10
C LEU A 66 -7.45 8.10 -0.86
N TYR A 67 -8.27 7.19 -0.34
CA TYR A 67 -9.61 6.94 -0.87
C TYR A 67 -10.68 7.70 -0.08
N LYS A 68 -11.79 8.02 -0.73
CA LYS A 68 -12.92 8.75 -0.17
C LYS A 68 -14.26 8.28 -0.72
N HIS A 69 -15.23 8.17 0.18
CA HIS A 69 -16.57 7.61 -0.07
C HIS A 69 -17.63 8.22 0.85
N SER A 70 -18.88 7.76 0.75
CA SER A 70 -20.00 8.19 1.60
C SER A 70 -20.97 7.05 1.93
N HIS A 71 -21.44 7.01 3.17
CA HIS A 71 -22.50 6.09 3.63
C HIS A 71 -23.27 6.64 4.85
N GLU A 72 -24.48 6.12 5.07
CA GLU A 72 -25.42 6.48 6.15
C GLU A 72 -25.64 8.00 6.34
N GLY A 73 -25.54 8.77 5.26
CA GLY A 73 -25.76 10.23 5.25
C GLY A 73 -24.51 11.06 5.60
N ASP A 74 -23.30 10.51 5.47
CA ASP A 74 -22.04 11.18 5.78
C ASP A 74 -20.97 10.85 4.74
N TYR A 75 -19.93 11.66 4.72
CA TYR A 75 -18.81 11.63 3.79
C TYR A 75 -17.50 11.46 4.56
N LEU A 76 -16.68 10.52 4.09
CA LEU A 76 -15.56 9.94 4.82
C LEU A 76 -14.35 9.74 3.89
N GLU A 77 -13.15 9.87 4.44
CA GLU A 77 -11.90 9.80 3.68
C GLU A 77 -10.72 9.34 4.56
N SER A 78 -9.89 8.41 4.05
CA SER A 78 -8.67 7.93 4.74
C SER A 78 -7.70 7.17 3.81
N VAL A 79 -6.51 6.84 4.33
CA VAL A 79 -5.47 6.07 3.62
C VAL A 79 -5.91 4.64 3.33
N VAL A 80 -5.53 4.11 2.16
CA VAL A 80 -5.64 2.69 1.76
C VAL A 80 -4.24 2.08 1.72
N PHE A 81 -4.08 0.89 2.27
CA PHE A 81 -2.90 0.05 2.04
C PHE A 81 -3.14 -0.79 0.78
N ILE A 82 -2.29 -0.62 -0.24
CA ILE A 82 -2.38 -1.34 -1.53
C ILE A 82 -1.08 -2.16 -1.76
N TYR A 83 -1.25 -3.42 -2.18
CA TYR A 83 -0.15 -4.34 -2.48
C TYR A 83 -0.34 -4.98 -3.86
N SER A 84 0.77 -5.18 -4.58
CA SER A 84 0.82 -5.87 -5.86
C SER A 84 1.74 -7.09 -5.81
N MET A 85 1.35 -8.17 -6.50
CA MET A 85 2.21 -9.32 -6.84
C MET A 85 1.65 -10.06 -8.07
N PRO A 86 2.44 -10.31 -9.14
CA PRO A 86 1.98 -11.07 -10.31
C PRO A 86 1.85 -12.58 -10.03
N GLY A 87 2.75 -13.14 -9.20
CA GLY A 87 2.75 -14.53 -8.78
C GLY A 87 3.48 -15.48 -9.74
N TYR A 88 3.35 -15.26 -11.06
CA TYR A 88 3.94 -16.14 -12.08
C TYR A 88 5.42 -15.83 -12.43
N THR A 89 5.92 -14.65 -12.05
CA THR A 89 7.25 -14.15 -12.48
C THR A 89 8.06 -13.36 -11.43
N CYS A 90 7.50 -13.06 -10.24
CA CYS A 90 8.28 -12.48 -9.14
C CYS A 90 9.21 -13.55 -8.50
N SER A 91 10.46 -13.18 -8.19
CA SER A 91 11.50 -14.10 -7.71
C SER A 91 11.22 -14.60 -6.30
N ILE A 92 11.70 -15.80 -5.95
CA ILE A 92 11.43 -16.46 -4.65
C ILE A 92 11.83 -15.56 -3.46
N ARG A 93 12.99 -14.90 -3.57
CA ARG A 93 13.57 -14.08 -2.50
C ARG A 93 12.99 -12.67 -2.45
N GLU A 94 12.44 -12.20 -3.57
CA GLU A 94 11.71 -10.93 -3.66
C GLU A 94 10.31 -11.07 -3.04
N ARG A 95 9.50 -12.00 -3.56
CA ARG A 95 8.08 -12.20 -3.22
C ARG A 95 7.85 -12.52 -1.74
N MET A 96 8.77 -13.25 -1.09
CA MET A 96 8.61 -13.61 0.32
C MET A 96 9.00 -12.48 1.27
N LEU A 97 9.91 -11.58 0.85
CA LEU A 97 10.33 -10.43 1.66
C LEU A 97 9.18 -9.43 1.83
N TYR A 98 8.58 -8.98 0.72
CA TYR A 98 7.37 -8.16 0.78
C TYR A 98 6.28 -8.83 1.62
N SER A 99 5.98 -10.10 1.37
CA SER A 99 4.91 -10.84 2.07
C SER A 99 5.19 -11.04 3.58
N SER A 100 6.47 -11.02 3.98
CA SER A 100 6.90 -11.03 5.39
C SER A 100 6.77 -9.65 6.06
N CYS A 101 6.99 -8.57 5.30
CA CYS A 101 6.80 -7.20 5.77
C CYS A 101 5.32 -6.80 5.95
N LYS A 102 4.41 -7.49 5.24
CA LYS A 102 2.96 -7.23 5.21
C LYS A 102 2.25 -7.19 6.57
N SER A 103 2.87 -7.76 7.59
CA SER A 103 2.37 -7.81 8.97
C SER A 103 2.88 -6.63 9.82
N PRO A 104 4.21 -6.38 9.96
CA PRO A 104 4.71 -5.22 10.69
C PRO A 104 4.38 -3.87 10.02
N LEU A 105 4.30 -3.80 8.68
CA LEU A 105 3.93 -2.57 7.97
C LEU A 105 2.57 -2.01 8.39
N LEU A 106 1.61 -2.90 8.66
CA LEU A 106 0.27 -2.52 9.13
C LEU A 106 0.29 -2.00 10.57
N GLU A 107 1.15 -2.55 11.43
CA GLU A 107 1.37 -2.04 12.79
C GLU A 107 2.12 -0.71 12.78
N ILE A 108 3.06 -0.49 11.85
CA ILE A 108 3.75 0.79 11.71
C ILE A 108 2.76 1.90 11.31
N VAL A 109 1.73 1.62 10.51
CA VAL A 109 0.62 2.58 10.27
C VAL A 109 -0.30 2.69 11.48
N GLU A 110 -0.84 1.57 11.97
CA GLU A 110 -1.96 1.62 12.92
C GLU A 110 -1.54 1.89 14.39
N ARG A 111 -0.28 1.62 14.76
CA ARG A 111 0.22 1.63 16.16
C ARG A 111 1.45 2.51 16.41
N GLN A 112 2.19 2.90 15.37
CA GLN A 112 3.37 3.79 15.45
C GLN A 112 3.05 5.17 14.85
N LEU A 113 2.60 5.21 13.59
CA LEU A 113 1.96 6.39 12.97
C LEU A 113 0.57 6.69 13.57
N GLN A 114 -0.02 5.72 14.28
CA GLN A 114 -1.31 5.84 15.01
C GLN A 114 -2.44 6.34 14.08
N MET A 115 -2.44 5.86 12.84
CA MET A 115 -3.21 6.40 11.71
C MET A 115 -4.31 5.43 11.25
N ASP A 116 -5.48 5.98 10.91
CA ASP A 116 -6.62 5.24 10.36
C ASP A 116 -6.34 4.70 8.95
N VAL A 117 -6.96 3.56 8.61
CA VAL A 117 -6.82 2.90 7.30
C VAL A 117 -8.18 2.36 6.82
N ILE A 118 -8.53 2.69 5.57
CA ILE A 118 -9.76 2.32 4.87
C ILE A 118 -9.88 0.79 4.72
N ARG A 119 -8.86 0.18 4.11
CA ARG A 119 -8.77 -1.27 3.80
C ARG A 119 -7.33 -1.70 3.48
N LYS A 120 -7.15 -3.02 3.36
CA LYS A 120 -5.92 -3.72 2.98
C LYS A 120 -6.09 -4.41 1.61
N ILE A 121 -6.25 -3.56 0.60
CA ILE A 121 -6.55 -3.93 -0.81
C ILE A 121 -5.31 -4.59 -1.45
N GLU A 122 -5.54 -5.58 -2.32
CA GLU A 122 -4.48 -6.34 -3.00
C GLU A 122 -4.87 -6.64 -4.47
N ILE A 123 -3.92 -6.47 -5.40
CA ILE A 123 -4.14 -6.66 -6.84
C ILE A 123 -3.05 -7.50 -7.53
N ASP A 124 -3.42 -8.12 -8.65
CA ASP A 124 -2.55 -8.94 -9.50
C ASP A 124 -1.60 -8.10 -10.38
N ASN A 125 -2.06 -6.92 -10.80
CA ASN A 125 -1.47 -6.12 -11.89
C ASN A 125 -1.67 -4.59 -11.72
N GLY A 126 -2.64 -4.16 -10.92
CA GLY A 126 -3.00 -2.75 -10.69
C GLY A 126 -4.05 -2.19 -11.65
N ASP A 127 -4.26 -2.80 -12.82
CA ASP A 127 -5.29 -2.44 -13.80
C ASP A 127 -6.71 -2.51 -13.23
N GLU A 128 -6.90 -3.33 -12.18
CA GLU A 128 -8.14 -3.46 -11.43
C GLU A 128 -8.39 -2.27 -10.47
N LEU A 129 -7.40 -1.43 -10.15
CA LEU A 129 -7.59 -0.26 -9.29
C LEU A 129 -8.40 0.83 -10.03
N THR A 130 -9.57 1.15 -9.48
CA THR A 130 -10.53 2.14 -10.00
C THR A 130 -11.52 2.50 -8.89
N ALA A 131 -12.21 3.63 -9.00
CA ALA A 131 -13.21 4.07 -8.03
C ALA A 131 -14.33 3.04 -7.77
N ASP A 132 -14.59 2.15 -8.74
CA ASP A 132 -15.56 1.06 -8.60
C ASP A 132 -15.01 -0.11 -7.76
N PHE A 133 -13.73 -0.44 -7.96
CA PHE A 133 -13.03 -1.50 -7.23
C PHE A 133 -12.72 -1.10 -5.80
N LEU A 134 -12.23 0.14 -5.59
CA LEU A 134 -11.96 0.70 -4.28
C LEU A 134 -13.24 0.81 -3.44
N TYR A 135 -14.41 1.08 -4.06
CA TYR A 135 -15.69 0.98 -3.37
C TYR A 135 -16.05 -0.47 -3.03
N ASP A 136 -15.99 -1.40 -4.00
CA ASP A 136 -16.35 -2.80 -3.82
C ASP A 136 -15.47 -3.56 -2.80
N GLU A 137 -14.21 -3.14 -2.65
CA GLU A 137 -13.28 -3.65 -1.65
C GLU A 137 -13.60 -3.18 -0.22
N VAL A 138 -14.19 -1.99 -0.09
CA VAL A 138 -14.48 -1.35 1.20
C VAL A 138 -15.92 -1.58 1.65
N HIS A 139 -16.84 -1.74 0.70
CA HIS A 139 -18.23 -2.16 0.87
C HIS A 139 -18.51 -3.51 0.16
N PRO A 140 -17.87 -4.62 0.58
CA PRO A 140 -18.08 -5.95 0.01
C PRO A 140 -19.46 -6.55 0.35
N LYS A 141 -19.84 -7.61 -0.37
CA LYS A 141 -21.11 -8.36 -0.17
C LYS A 141 -21.16 -9.29 1.07
N GLN A 142 -20.06 -9.32 1.82
CA GLN A 142 -19.77 -10.12 3.03
C GLN A 142 -20.46 -11.51 3.06
N ALA A 1 4.04 -21.35 13.14
CA ALA A 1 3.66 -19.92 13.07
C ALA A 1 4.86 -19.03 12.69
N GLN A 2 4.59 -17.84 12.14
CA GLN A 2 5.60 -16.83 11.80
C GLN A 2 6.30 -16.26 13.05
N GLY A 3 7.48 -15.65 12.85
CA GLY A 3 8.33 -15.13 13.93
C GLY A 3 9.43 -14.16 13.45
N VAL A 4 9.11 -13.28 12.49
CA VAL A 4 10.04 -12.31 11.88
C VAL A 4 9.34 -10.98 11.55
N ALA A 5 10.10 -9.89 11.61
CA ALA A 5 9.67 -8.52 11.26
C ALA A 5 10.87 -7.65 10.83
N PHE A 6 10.59 -6.50 10.19
CA PHE A 6 11.59 -5.59 9.62
C PHE A 6 11.27 -4.10 9.88
N PRO A 7 12.28 -3.23 10.06
CA PRO A 7 12.13 -1.90 10.68
C PRO A 7 11.90 -0.75 9.69
N ILE A 8 11.20 -0.99 8.56
CA ILE A 8 11.03 -0.04 7.43
C ILE A 8 12.39 0.58 6.99
N SER A 9 12.38 1.74 6.31
CA SER A 9 13.55 2.60 6.10
C SER A 9 13.14 4.07 6.22
N ARG A 10 14.12 4.96 6.44
CA ARG A 10 13.89 6.39 6.71
C ARG A 10 13.07 7.06 5.60
N ASP A 11 13.45 6.89 4.34
CA ASP A 11 12.79 7.55 3.21
C ASP A 11 11.34 7.05 3.02
N ALA A 12 11.10 5.75 3.19
CA ALA A 12 9.76 5.17 3.10
C ALA A 12 8.84 5.75 4.19
N PHE A 13 9.36 5.80 5.42
CA PHE A 13 8.64 6.34 6.57
C PHE A 13 8.42 7.86 6.47
N GLN A 14 9.40 8.60 5.91
CA GLN A 14 9.34 10.05 5.67
C GLN A 14 8.19 10.47 4.73
N ALA A 15 7.71 9.55 3.90
CA ALA A 15 6.54 9.75 3.04
C ALA A 15 5.23 9.36 3.77
N LEU A 16 5.18 8.18 4.40
CA LEU A 16 4.00 7.71 5.14
C LEU A 16 3.59 8.63 6.30
N GLU A 17 4.57 9.21 7.01
CA GLU A 17 4.31 10.19 8.10
C GLU A 17 3.63 11.49 7.65
N LYS A 18 3.56 11.75 6.35
CA LYS A 18 2.84 12.88 5.72
C LYS A 18 1.55 12.43 5.02
N LEU A 19 1.53 11.23 4.45
CA LEU A 19 0.30 10.57 3.96
C LEU A 19 -0.76 10.42 5.07
N SER A 20 -0.35 10.18 6.33
CA SER A 20 -1.23 10.10 7.49
C SER A 20 -1.93 11.42 7.86
N LYS A 21 -1.62 12.52 7.15
CA LYS A 21 -2.26 13.85 7.28
C LYS A 21 -2.76 14.39 5.93
N LYS A 22 -3.03 13.49 4.97
CA LYS A 22 -3.61 13.79 3.65
C LYS A 22 -2.75 14.72 2.77
N GLN A 23 -1.43 14.79 3.01
CA GLN A 23 -0.54 15.76 2.34
C GLN A 23 -0.11 15.30 0.94
N LEU A 24 -0.05 13.98 0.71
CA LEU A 24 0.53 13.40 -0.51
C LEU A 24 -0.54 12.68 -1.34
N ASN A 25 -1.19 11.65 -0.75
CA ASN A 25 -2.13 10.73 -1.39
C ASN A 25 -1.58 9.83 -2.52
N TYR A 26 -0.26 9.85 -2.77
CA TYR A 26 0.39 9.16 -3.90
C TYR A 26 1.83 8.65 -3.61
N VAL A 27 2.01 7.87 -2.53
CA VAL A 27 3.32 7.30 -2.17
C VAL A 27 3.54 5.94 -2.83
N GLN A 28 4.76 5.71 -3.33
CA GLN A 28 5.22 4.52 -4.02
C GLN A 28 6.52 4.00 -3.38
N LEU A 29 6.53 2.71 -3.03
CA LEU A 29 7.60 2.03 -2.30
C LEU A 29 8.08 0.78 -3.08
N GLU A 30 9.18 0.21 -2.64
CA GLU A 30 9.65 -1.14 -3.00
C GLU A 30 10.50 -1.76 -1.87
N ILE A 31 10.64 -3.09 -1.84
CA ILE A 31 11.61 -3.77 -0.96
C ILE A 31 13.07 -3.48 -1.39
N ASP A 32 13.99 -3.64 -0.44
CA ASP A 32 15.44 -3.53 -0.59
C ASP A 32 16.08 -4.79 -0.02
N ILE A 33 16.23 -5.83 -0.85
CA ILE A 33 16.75 -7.16 -0.46
C ILE A 33 18.13 -7.07 0.23
N LYS A 34 18.92 -6.04 -0.09
CA LYS A 34 20.20 -5.73 0.56
C LYS A 34 20.10 -5.52 2.09
N ASN A 35 18.92 -5.11 2.57
CA ASN A 35 18.57 -4.88 3.97
C ASN A 35 17.24 -5.56 4.37
N GLU A 36 16.68 -6.41 3.50
CA GLU A 36 15.42 -7.15 3.66
C GLU A 36 14.19 -6.29 4.07
N THR A 37 14.13 -5.02 3.65
CA THR A 37 13.17 -4.03 4.20
C THR A 37 12.61 -3.08 3.15
N ILE A 38 11.50 -2.39 3.42
CA ILE A 38 10.89 -1.43 2.51
C ILE A 38 11.74 -0.16 2.41
N ILE A 39 11.86 0.41 1.21
CA ILE A 39 12.43 1.74 0.90
C ILE A 39 11.45 2.55 0.01
N LEU A 40 11.65 3.87 -0.04
CA LEU A 40 10.94 4.77 -0.96
C LEU A 40 11.32 4.49 -2.43
N ALA A 41 10.41 4.82 -3.34
CA ALA A 41 10.64 4.76 -4.78
C ALA A 41 10.14 6.01 -5.53
N ASN A 42 8.97 6.56 -5.19
CA ASN A 42 8.44 7.79 -5.80
C ASN A 42 7.35 8.47 -4.94
N THR A 43 7.14 9.79 -5.12
CA THR A 43 6.06 10.59 -4.47
C THR A 43 5.52 11.68 -5.40
N GLU A 44 5.66 11.52 -6.72
CA GLU A 44 5.06 12.42 -7.72
C GLU A 44 3.55 12.17 -7.85
N ASN A 45 2.80 13.14 -8.39
CA ASN A 45 1.34 13.12 -8.41
C ASN A 45 0.73 11.87 -9.07
N THR A 46 -0.35 11.35 -8.49
CA THR A 46 -1.17 10.24 -9.04
C THR A 46 -2.61 10.33 -8.52
N GLU A 47 -3.57 9.87 -9.31
CA GLU A 47 -4.99 9.73 -8.96
C GLU A 47 -5.44 8.28 -9.18
N LEU A 48 -6.63 7.89 -8.70
CA LEU A 48 -7.11 6.49 -8.80
C LEU A 48 -7.41 6.03 -10.24
N ARG A 49 -7.47 6.99 -11.18
CA ARG A 49 -7.53 6.78 -12.65
C ARG A 49 -6.15 6.64 -13.32
N ASP A 50 -5.08 7.01 -12.61
CA ASP A 50 -3.69 7.02 -13.09
C ASP A 50 -2.80 6.00 -12.35
N LEU A 51 -3.27 5.51 -11.21
CA LEU A 51 -2.68 4.46 -10.39
C LEU A 51 -2.34 3.19 -11.19
N PRO A 52 -3.18 2.71 -12.12
CA PRO A 52 -2.91 1.52 -12.95
C PRO A 52 -1.65 1.63 -13.82
N LYS A 53 -1.17 2.86 -14.06
CA LYS A 53 0.05 3.16 -14.85
C LYS A 53 1.32 3.18 -13.99
N ARG A 54 1.16 3.18 -12.64
CA ARG A 54 2.24 3.18 -11.65
C ARG A 54 2.56 1.79 -11.13
N ILE A 55 1.53 0.94 -11.01
CA ILE A 55 1.70 -0.47 -10.61
C ILE A 55 2.53 -1.26 -11.65
N PRO A 56 3.56 -2.02 -11.26
CA PRO A 56 4.30 -2.92 -12.17
C PRO A 56 3.53 -4.22 -12.47
N LYS A 57 3.94 -4.90 -13.55
CA LYS A 57 3.38 -6.21 -13.98
C LYS A 57 4.43 -7.32 -14.11
N ASP A 58 5.65 -7.03 -13.66
CA ASP A 58 6.82 -7.94 -13.75
C ASP A 58 7.67 -8.02 -12.46
N SER A 59 7.20 -7.45 -11.35
CA SER A 59 7.79 -7.55 -10.00
C SER A 59 6.75 -7.18 -8.93
N ALA A 60 6.93 -7.57 -7.67
CA ALA A 60 6.16 -7.03 -6.56
C ALA A 60 6.54 -5.55 -6.27
N ARG A 61 5.60 -4.78 -5.69
CA ARG A 61 5.78 -3.41 -5.17
C ARG A 61 4.69 -3.06 -4.13
N TYR A 62 4.94 -2.02 -3.33
CA TYR A 62 4.02 -1.49 -2.31
C TYR A 62 3.60 -0.04 -2.63
N HIS A 63 2.35 0.30 -2.33
CA HIS A 63 1.70 1.53 -2.76
C HIS A 63 0.69 1.99 -1.69
N PHE A 64 0.46 3.30 -1.59
CA PHE A 64 -0.61 3.84 -0.73
C PHE A 64 -1.40 4.95 -1.43
N PHE A 65 -2.70 4.97 -1.15
CA PHE A 65 -3.66 5.97 -1.64
C PHE A 65 -4.46 6.59 -0.47
N LEU A 66 -5.23 7.64 -0.72
CA LEU A 66 -6.24 8.18 0.20
C LEU A 66 -7.65 8.12 -0.43
N TYR A 67 -8.34 7.00 -0.24
CA TYR A 67 -9.70 6.83 -0.75
C TYR A 67 -10.73 7.63 0.07
N LYS A 68 -11.79 8.06 -0.61
CA LYS A 68 -12.84 8.94 -0.10
C LYS A 68 -14.20 8.34 -0.43
N HIS A 69 -15.09 8.26 0.56
CA HIS A 69 -16.40 7.61 0.42
C HIS A 69 -17.49 8.28 1.28
N SER A 70 -18.72 7.74 1.24
CA SER A 70 -19.85 8.20 2.05
C SER A 70 -20.72 7.03 2.53
N HIS A 71 -21.27 7.18 3.75
CA HIS A 71 -22.27 6.28 4.33
C HIS A 71 -23.12 6.98 5.42
N GLU A 72 -24.34 6.48 5.64
CA GLU A 72 -25.32 6.96 6.64
C GLU A 72 -25.55 8.49 6.64
N GLY A 73 -25.40 9.12 5.48
CA GLY A 73 -25.63 10.57 5.28
C GLY A 73 -24.41 11.46 5.58
N ASP A 74 -23.20 10.90 5.59
CA ASP A 74 -21.95 11.64 5.85
C ASP A 74 -20.81 11.18 4.92
N TYR A 75 -19.69 11.92 4.94
CA TYR A 75 -18.57 11.79 4.03
C TYR A 75 -17.27 11.63 4.81
N LEU A 76 -16.49 10.60 4.47
CA LEU A 76 -15.26 10.23 5.18
C LEU A 76 -14.15 9.75 4.24
N GLU A 77 -12.92 9.92 4.67
CA GLU A 77 -11.73 9.58 3.89
C GLU A 77 -10.55 9.16 4.77
N SER A 78 -9.74 8.22 4.30
CA SER A 78 -8.54 7.71 5.00
C SER A 78 -7.56 6.95 4.09
N VAL A 79 -6.41 6.54 4.65
CA VAL A 79 -5.35 5.82 3.93
C VAL A 79 -5.80 4.44 3.45
N VAL A 80 -5.36 4.02 2.27
CA VAL A 80 -5.51 2.65 1.74
C VAL A 80 -4.12 2.05 1.57
N PHE A 81 -3.93 0.83 2.08
CA PHE A 81 -2.76 0.02 1.77
C PHE A 81 -3.05 -0.81 0.51
N ILE A 82 -2.18 -0.71 -0.50
CA ILE A 82 -2.27 -1.46 -1.75
C ILE A 82 -0.94 -2.22 -2.00
N TYR A 83 -1.05 -3.49 -2.39
CA TYR A 83 0.08 -4.38 -2.71
C TYR A 83 -0.07 -4.95 -4.12
N SER A 84 1.05 -5.06 -4.85
CA SER A 84 1.14 -5.75 -6.14
C SER A 84 2.10 -6.92 -6.07
N MET A 85 1.67 -8.07 -6.60
CA MET A 85 2.44 -9.32 -6.66
C MET A 85 1.95 -10.18 -7.84
N PRO A 86 2.71 -10.31 -8.94
CA PRO A 86 2.24 -11.01 -10.14
C PRO A 86 2.20 -12.54 -9.99
N GLY A 87 3.23 -13.12 -9.35
CA GLY A 87 3.38 -14.57 -9.12
C GLY A 87 3.90 -15.37 -10.33
N TYR A 88 3.50 -14.99 -11.55
CA TYR A 88 3.88 -15.65 -12.81
C TYR A 88 5.33 -15.36 -13.29
N THR A 89 6.03 -14.41 -12.67
CA THR A 89 7.35 -13.92 -13.11
C THR A 89 8.32 -13.52 -11.99
N CYS A 90 7.84 -12.92 -10.89
CA CYS A 90 8.69 -12.56 -9.75
C CYS A 90 9.33 -13.78 -9.06
N SER A 91 10.51 -13.60 -8.46
CA SER A 91 11.18 -14.65 -7.69
C SER A 91 10.45 -14.96 -6.39
N ILE A 92 10.51 -16.21 -5.93
CA ILE A 92 9.83 -16.65 -4.69
C ILE A 92 10.33 -15.87 -3.47
N ARG A 93 11.65 -15.62 -3.42
CA ARG A 93 12.32 -14.91 -2.31
C ARG A 93 11.96 -13.43 -2.29
N GLU A 94 11.64 -12.85 -3.45
CA GLU A 94 11.15 -11.48 -3.52
C GLU A 94 9.78 -11.38 -2.83
N ARG A 95 8.79 -12.13 -3.32
CA ARG A 95 7.41 -12.09 -2.77
C ARG A 95 7.31 -12.54 -1.31
N MET A 96 8.20 -13.43 -0.85
CA MET A 96 8.33 -13.76 0.58
C MET A 96 8.88 -12.59 1.41
N LEU A 97 9.85 -11.82 0.91
CA LEU A 97 10.40 -10.66 1.61
C LEU A 97 9.39 -9.51 1.74
N TYR A 98 8.59 -9.23 0.69
CA TYR A 98 7.39 -8.41 0.82
C TYR A 98 6.45 -8.97 1.90
N SER A 99 6.01 -10.22 1.76
CA SER A 99 5.05 -10.86 2.69
C SER A 99 5.52 -10.83 4.16
N SER A 100 6.82 -10.94 4.39
CA SER A 100 7.47 -10.96 5.72
C SER A 100 7.58 -9.58 6.40
N CYS A 101 7.30 -8.48 5.70
CA CYS A 101 7.26 -7.13 6.27
C CYS A 101 5.86 -6.50 6.17
N LYS A 102 4.93 -7.17 5.46
CA LYS A 102 3.53 -6.76 5.29
C LYS A 102 2.76 -6.52 6.59
N SER A 103 3.07 -7.28 7.64
CA SER A 103 2.46 -7.11 8.97
C SER A 103 3.06 -5.93 9.76
N PRO A 104 4.39 -5.83 9.99
CA PRO A 104 4.97 -4.70 10.70
C PRO A 104 4.82 -3.36 9.97
N LEU A 105 4.89 -3.33 8.62
CA LEU A 105 4.65 -2.10 7.85
C LEU A 105 3.24 -1.52 8.08
N LEU A 106 2.25 -2.39 8.36
CA LEU A 106 0.88 -1.96 8.72
C LEU A 106 0.77 -1.52 10.19
N GLU A 107 1.48 -2.16 11.13
CA GLU A 107 1.53 -1.74 12.53
C GLU A 107 2.25 -0.40 12.69
N ILE A 108 3.21 -0.07 11.83
CA ILE A 108 3.84 1.25 11.80
C ILE A 108 2.84 2.34 11.38
N VAL A 109 1.90 2.09 10.47
CA VAL A 109 0.79 3.02 10.21
C VAL A 109 -0.20 3.02 11.37
N GLU A 110 -0.67 1.85 11.80
CA GLU A 110 -1.80 1.73 12.72
C GLU A 110 -1.46 2.08 14.19
N ARG A 111 -0.19 1.93 14.60
CA ARG A 111 0.25 2.07 16.01
C ARG A 111 1.48 2.96 16.25
N GLN A 112 2.29 3.27 15.22
CA GLN A 112 3.43 4.21 15.34
C GLN A 112 3.09 5.60 14.77
N LEU A 113 2.42 5.64 13.62
CA LEU A 113 1.73 6.83 13.08
C LEU A 113 0.31 7.00 13.64
N GLN A 114 -0.22 5.98 14.35
CA GLN A 114 -1.54 5.96 15.01
C GLN A 114 -2.70 6.36 14.06
N MET A 115 -2.63 5.94 12.80
CA MET A 115 -3.52 6.34 11.71
C MET A 115 -4.42 5.19 11.24
N ASP A 116 -5.71 5.47 11.02
CA ASP A 116 -6.67 4.50 10.49
C ASP A 116 -6.39 4.13 9.02
N VAL A 117 -6.98 3.01 8.58
CA VAL A 117 -6.79 2.43 7.25
C VAL A 117 -8.12 1.90 6.69
N ILE A 118 -8.49 2.42 5.53
CA ILE A 118 -9.72 2.09 4.78
C ILE A 118 -9.81 0.59 4.47
N ARG A 119 -8.77 0.03 3.85
CA ARG A 119 -8.62 -1.40 3.46
C ARG A 119 -7.16 -1.76 3.17
N LYS A 120 -6.94 -3.06 2.98
CA LYS A 120 -5.66 -3.75 2.77
C LYS A 120 -5.70 -4.53 1.45
N ILE A 121 -5.96 -3.78 0.38
CA ILE A 121 -6.25 -4.23 -0.99
C ILE A 121 -4.99 -4.86 -1.64
N GLU A 122 -5.19 -5.87 -2.49
CA GLU A 122 -4.12 -6.60 -3.17
C GLU A 122 -4.53 -6.92 -4.63
N ILE A 123 -3.63 -6.66 -5.60
CA ILE A 123 -3.84 -6.88 -7.04
C ILE A 123 -2.66 -7.60 -7.72
N ASP A 124 -2.92 -8.15 -8.91
CA ASP A 124 -1.94 -8.92 -9.69
C ASP A 124 -1.29 -8.09 -10.82
N ASN A 125 -1.95 -7.00 -11.24
CA ASN A 125 -1.61 -6.22 -12.44
C ASN A 125 -1.82 -4.69 -12.29
N GLY A 126 -2.60 -4.26 -11.29
CA GLY A 126 -3.01 -2.87 -11.04
C GLY A 126 -4.06 -2.28 -11.99
N ASP A 127 -4.36 -2.98 -13.10
CA ASP A 127 -5.42 -2.63 -14.05
C ASP A 127 -6.81 -2.61 -13.40
N GLU A 128 -6.99 -3.40 -12.33
CA GLU A 128 -8.22 -3.47 -11.56
C GLU A 128 -8.41 -2.29 -10.60
N LEU A 129 -7.39 -1.45 -10.33
CA LEU A 129 -7.53 -0.30 -9.42
C LEU A 129 -8.36 0.82 -10.09
N THR A 130 -9.50 1.15 -9.49
CA THR A 130 -10.47 2.16 -9.95
C THR A 130 -11.43 2.48 -8.80
N ALA A 131 -12.13 3.62 -8.85
CA ALA A 131 -13.11 4.02 -7.84
C ALA A 131 -14.21 2.97 -7.62
N ASP A 132 -14.50 2.14 -8.63
CA ASP A 132 -15.48 1.05 -8.53
C ASP A 132 -14.93 -0.14 -7.73
N PHE A 133 -13.64 -0.45 -7.93
CA PHE A 133 -12.94 -1.53 -7.21
C PHE A 133 -12.63 -1.14 -5.76
N LEU A 134 -12.18 0.10 -5.54
CA LEU A 134 -11.94 0.64 -4.20
C LEU A 134 -13.24 0.68 -3.37
N TYR A 135 -14.40 0.97 -3.99
CA TYR A 135 -15.68 0.82 -3.30
C TYR A 135 -16.00 -0.65 -2.98
N ASP A 136 -15.90 -1.55 -3.97
CA ASP A 136 -16.25 -2.97 -3.82
C ASP A 136 -15.34 -3.73 -2.83
N GLU A 137 -14.07 -3.32 -2.71
CA GLU A 137 -13.11 -3.84 -1.74
C GLU A 137 -13.43 -3.41 -0.31
N VAL A 138 -13.96 -2.19 -0.12
CA VAL A 138 -14.23 -1.60 1.19
C VAL A 138 -15.66 -1.90 1.67
N HIS A 139 -16.61 -2.02 0.73
CA HIS A 139 -18.02 -2.39 0.95
C HIS A 139 -18.41 -3.70 0.21
N PRO A 140 -17.81 -4.86 0.56
CA PRO A 140 -18.20 -6.16 0.04
C PRO A 140 -19.56 -6.63 0.59
N LYS A 141 -20.04 -7.78 0.10
CA LYS A 141 -21.30 -8.42 0.49
C LYS A 141 -21.11 -9.82 1.10
N GLN A 142 -19.89 -10.12 1.55
CA GLN A 142 -19.43 -11.41 2.12
C GLN A 142 -18.52 -11.19 3.33
N ALA A 1 4.59 -19.45 20.76
CA ALA A 1 4.28 -18.75 19.49
C ALA A 1 5.52 -18.65 18.58
N GLN A 2 5.31 -18.50 17.28
CA GLN A 2 6.35 -18.33 16.25
C GLN A 2 5.96 -17.28 15.19
N GLY A 3 6.95 -16.70 14.50
CA GLY A 3 6.75 -15.70 13.45
C GLY A 3 8.07 -15.07 12.95
N VAL A 4 7.94 -14.17 11.97
CA VAL A 4 9.06 -13.42 11.36
C VAL A 4 8.57 -12.05 10.83
N ALA A 5 9.40 -11.02 10.97
CA ALA A 5 9.08 -9.62 10.65
C ALA A 5 10.34 -8.79 10.33
N PHE A 6 10.15 -7.65 9.65
CA PHE A 6 11.22 -6.72 9.27
C PHE A 6 10.75 -5.24 9.37
N PRO A 7 11.65 -4.29 9.69
CA PRO A 7 11.34 -2.87 9.80
C PRO A 7 11.21 -2.16 8.44
N ILE A 8 10.70 -0.93 8.47
CA ILE A 8 10.69 0.03 7.36
C ILE A 8 12.00 0.84 7.32
N SER A 9 12.39 1.34 6.13
CA SER A 9 13.50 2.28 5.97
C SER A 9 13.06 3.75 6.17
N ARG A 10 14.03 4.64 6.40
CA ARG A 10 13.83 6.06 6.70
C ARG A 10 13.03 6.80 5.62
N ASP A 11 13.42 6.69 4.35
CA ASP A 11 12.76 7.42 3.25
C ASP A 11 11.30 6.98 3.05
N ALA A 12 11.03 5.67 3.17
CA ALA A 12 9.66 5.15 3.07
C ALA A 12 8.79 5.68 4.22
N PHE A 13 9.31 5.68 5.44
CA PHE A 13 8.64 6.23 6.61
C PHE A 13 8.43 7.76 6.50
N GLN A 14 9.39 8.49 5.94
CA GLN A 14 9.34 9.94 5.70
C GLN A 14 8.21 10.38 4.74
N ALA A 15 7.68 9.45 3.95
CA ALA A 15 6.51 9.66 3.11
C ALA A 15 5.21 9.24 3.84
N LEU A 16 5.18 8.06 4.47
CA LEU A 16 4.01 7.56 5.23
C LEU A 16 3.62 8.47 6.40
N GLU A 17 4.58 9.09 7.07
CA GLU A 17 4.33 10.07 8.14
C GLU A 17 3.57 11.32 7.67
N LYS A 18 3.62 11.65 6.37
CA LYS A 18 2.91 12.79 5.75
C LYS A 18 1.62 12.37 5.05
N LEU A 19 1.59 11.18 4.45
CA LEU A 19 0.34 10.53 4.00
C LEU A 19 -0.68 10.39 5.16
N SER A 20 -0.19 10.21 6.39
CA SER A 20 -1.01 10.14 7.61
C SER A 20 -1.74 11.45 7.97
N LYS A 21 -1.50 12.53 7.21
CA LYS A 21 -2.15 13.85 7.35
C LYS A 21 -2.63 14.40 6.00
N LYS A 22 -2.93 13.50 5.04
CA LYS A 22 -3.52 13.81 3.72
C LYS A 22 -2.65 14.71 2.83
N GLN A 23 -1.33 14.77 3.08
CA GLN A 23 -0.44 15.71 2.39
C GLN A 23 -0.05 15.25 0.98
N LEU A 24 -0.06 13.93 0.74
CA LEU A 24 0.51 13.29 -0.46
C LEU A 24 -0.56 12.60 -1.30
N ASN A 25 -1.26 11.62 -0.71
CA ASN A 25 -2.19 10.70 -1.38
C ASN A 25 -1.62 9.87 -2.55
N TYR A 26 -0.29 9.77 -2.71
CA TYR A 26 0.35 9.06 -3.83
C TYR A 26 1.78 8.55 -3.54
N VAL A 27 1.98 7.81 -2.45
CA VAL A 27 3.29 7.22 -2.10
C VAL A 27 3.50 5.88 -2.81
N GLN A 28 4.72 5.67 -3.31
CA GLN A 28 5.17 4.49 -4.04
C GLN A 28 6.47 3.95 -3.43
N LEU A 29 6.53 2.65 -3.13
CA LEU A 29 7.62 1.98 -2.43
C LEU A 29 8.14 0.77 -3.24
N GLU A 30 9.21 0.15 -2.74
CA GLU A 30 9.71 -1.20 -3.10
C GLU A 30 10.53 -1.80 -1.94
N ILE A 31 10.72 -3.11 -1.92
CA ILE A 31 11.70 -3.77 -1.04
C ILE A 31 13.16 -3.46 -1.47
N ASP A 32 14.09 -3.62 -0.54
CA ASP A 32 15.54 -3.52 -0.71
C ASP A 32 16.19 -4.75 -0.08
N ILE A 33 16.31 -5.83 -0.85
CA ILE A 33 16.82 -7.14 -0.39
C ILE A 33 18.22 -7.02 0.26
N LYS A 34 19.02 -6.02 -0.14
CA LYS A 34 20.34 -5.70 0.43
C LYS A 34 20.30 -5.32 1.93
N ASN A 35 19.13 -4.93 2.44
CA ASN A 35 18.84 -4.63 3.84
C ASN A 35 17.54 -5.28 4.35
N GLU A 36 16.90 -6.14 3.54
CA GLU A 36 15.62 -6.82 3.82
C GLU A 36 14.50 -5.88 4.34
N THR A 37 14.32 -4.71 3.70
CA THR A 37 13.44 -3.63 4.21
C THR A 37 12.70 -2.89 3.09
N ILE A 38 11.58 -2.21 3.40
CA ILE A 38 10.87 -1.36 2.43
C ILE A 38 11.57 0.01 2.34
N ILE A 39 11.85 0.46 1.11
CA ILE A 39 12.41 1.77 0.77
C ILE A 39 11.45 2.58 -0.11
N LEU A 40 11.64 3.90 -0.14
CA LEU A 40 10.89 4.80 -1.02
C LEU A 40 11.28 4.59 -2.48
N ALA A 41 10.33 4.84 -3.38
CA ALA A 41 10.53 4.74 -4.83
C ALA A 41 10.01 5.97 -5.60
N ASN A 42 8.83 6.52 -5.23
CA ASN A 42 8.32 7.77 -5.80
C ASN A 42 7.27 8.44 -4.89
N THR A 43 7.04 9.74 -5.09
CA THR A 43 5.98 10.56 -4.48
C THR A 43 5.40 11.58 -5.49
N GLU A 44 5.55 11.34 -6.79
CA GLU A 44 4.88 12.13 -7.85
C GLU A 44 3.38 11.82 -7.93
N ASN A 45 2.60 12.76 -8.45
CA ASN A 45 1.15 12.73 -8.31
C ASN A 45 0.48 11.53 -9.02
N THR A 46 -0.53 10.96 -8.36
CA THR A 46 -1.36 9.85 -8.86
C THR A 46 -2.79 9.98 -8.31
N GLU A 47 -3.79 9.56 -9.09
CA GLU A 47 -5.22 9.54 -8.73
C GLU A 47 -5.80 8.14 -8.95
N LEU A 48 -6.99 7.84 -8.42
CA LEU A 48 -7.59 6.49 -8.50
C LEU A 48 -7.94 6.00 -9.93
N ARG A 49 -7.90 6.91 -10.92
CA ARG A 49 -7.99 6.64 -12.38
C ARG A 49 -6.62 6.36 -13.04
N ASP A 50 -5.54 6.58 -12.29
CA ASP A 50 -4.15 6.70 -12.76
C ASP A 50 -3.18 5.79 -11.98
N LEU A 51 -3.65 5.14 -10.91
CA LEU A 51 -2.95 4.05 -10.21
C LEU A 51 -2.50 2.92 -11.17
N PRO A 52 -3.31 2.46 -12.15
CA PRO A 52 -2.97 1.33 -13.01
C PRO A 52 -1.64 1.47 -13.77
N LYS A 53 -1.17 2.71 -13.98
CA LYS A 53 0.13 3.00 -14.64
C LYS A 53 1.33 2.93 -13.68
N ARG A 54 1.10 3.11 -12.37
CA ARG A 54 2.12 3.00 -11.32
C ARG A 54 2.40 1.55 -10.93
N ILE A 55 1.36 0.70 -10.98
CA ILE A 55 1.47 -0.73 -10.67
C ILE A 55 2.42 -1.44 -11.67
N PRO A 56 3.39 -2.26 -11.19
CA PRO A 56 4.34 -3.00 -12.04
C PRO A 56 3.73 -4.22 -12.75
N LYS A 57 4.52 -4.85 -13.64
CA LYS A 57 4.20 -6.10 -14.35
C LYS A 57 5.34 -7.14 -14.34
N ASP A 58 6.43 -6.84 -13.64
CA ASP A 58 7.72 -7.57 -13.66
C ASP A 58 8.32 -7.80 -12.26
N SER A 59 7.63 -7.38 -11.21
CA SER A 59 7.96 -7.53 -9.77
C SER A 59 6.73 -7.16 -8.91
N ALA A 60 6.74 -7.47 -7.62
CA ALA A 60 5.84 -6.83 -6.65
C ALA A 60 6.31 -5.41 -6.30
N ARG A 61 5.40 -4.56 -5.81
CA ARG A 61 5.66 -3.26 -5.18
C ARG A 61 4.60 -2.97 -4.10
N TYR A 62 4.86 -2.00 -3.22
CA TYR A 62 3.89 -1.47 -2.26
C TYR A 62 3.49 -0.04 -2.62
N HIS A 63 2.22 0.29 -2.38
CA HIS A 63 1.59 1.54 -2.79
C HIS A 63 0.57 1.99 -1.72
N PHE A 64 0.36 3.29 -1.56
CA PHE A 64 -0.68 3.83 -0.69
C PHE A 64 -1.46 4.96 -1.37
N PHE A 65 -2.77 4.99 -1.12
CA PHE A 65 -3.69 6.02 -1.61
C PHE A 65 -4.51 6.60 -0.44
N LEU A 66 -5.26 7.68 -0.70
CA LEU A 66 -6.17 8.32 0.27
C LEU A 66 -7.62 8.33 -0.28
N TYR A 67 -8.24 7.15 -0.33
CA TYR A 67 -9.58 6.98 -0.90
C TYR A 67 -10.67 7.75 -0.14
N LYS A 68 -11.68 8.21 -0.89
CA LYS A 68 -12.81 8.97 -0.39
C LYS A 68 -14.13 8.29 -0.74
N HIS A 69 -15.03 8.18 0.24
CA HIS A 69 -16.33 7.51 0.10
C HIS A 69 -17.40 8.15 0.99
N SER A 70 -18.64 7.65 0.90
CA SER A 70 -19.77 8.14 1.69
C SER A 70 -20.70 7.01 2.15
N HIS A 71 -21.25 7.16 3.35
CA HIS A 71 -22.27 6.29 3.94
C HIS A 71 -23.07 7.02 5.04
N GLU A 72 -24.31 6.56 5.28
CA GLU A 72 -25.25 7.05 6.32
C GLU A 72 -25.42 8.60 6.36
N GLY A 73 -25.30 9.26 5.21
CA GLY A 73 -25.45 10.72 5.07
C GLY A 73 -24.19 11.53 5.42
N ASP A 74 -23.00 10.91 5.33
CA ASP A 74 -21.70 11.51 5.66
C ASP A 74 -20.63 11.16 4.61
N TYR A 75 -19.47 11.79 4.68
CA TYR A 75 -18.40 11.76 3.69
C TYR A 75 -17.06 11.63 4.39
N LEU A 76 -16.35 10.55 4.08
CA LEU A 76 -15.16 10.09 4.79
C LEU A 76 -13.99 9.95 3.83
N GLU A 77 -12.78 10.26 4.32
CA GLU A 77 -11.55 10.27 3.52
C GLU A 77 -10.33 9.90 4.38
N SER A 78 -9.66 8.79 4.03
CA SER A 78 -8.49 8.29 4.78
C SER A 78 -7.64 7.30 3.95
N VAL A 79 -6.54 6.80 4.53
CA VAL A 79 -5.53 5.96 3.88
C VAL A 79 -6.08 4.60 3.45
N VAL A 80 -5.63 4.10 2.29
CA VAL A 80 -5.80 2.72 1.81
C VAL A 80 -4.41 2.13 1.51
N PHE A 81 -4.19 0.90 1.96
CA PHE A 81 -3.01 0.09 1.58
C PHE A 81 -3.31 -0.72 0.30
N ILE A 82 -2.38 -0.65 -0.67
CA ILE A 82 -2.44 -1.41 -1.93
C ILE A 82 -1.14 -2.22 -2.14
N TYR A 83 -1.27 -3.45 -2.63
CA TYR A 83 -0.16 -4.39 -2.92
C TYR A 83 -0.33 -5.05 -4.29
N SER A 84 0.79 -5.32 -4.99
CA SER A 84 0.80 -5.73 -6.40
C SER A 84 1.58 -7.01 -6.76
N MET A 85 1.68 -8.00 -5.86
CA MET A 85 2.32 -9.29 -6.13
C MET A 85 1.83 -9.95 -7.45
N PRO A 86 2.70 -10.15 -8.46
CA PRO A 86 2.29 -10.76 -9.73
C PRO A 86 2.11 -12.28 -9.64
N GLY A 87 3.03 -12.98 -8.95
CA GLY A 87 2.99 -14.44 -8.77
C GLY A 87 3.61 -15.28 -9.92
N TYR A 88 4.07 -14.64 -11.00
CA TYR A 88 4.55 -15.32 -12.23
C TYR A 88 5.99 -14.93 -12.67
N THR A 89 6.62 -13.97 -12.01
CA THR A 89 7.87 -13.31 -12.44
C THR A 89 8.87 -13.00 -11.31
N CYS A 90 8.40 -12.80 -10.07
CA CYS A 90 9.26 -12.55 -8.91
C CYS A 90 10.22 -13.72 -8.60
N SER A 91 11.40 -13.42 -8.03
CA SER A 91 12.27 -14.43 -7.43
C SER A 91 11.65 -15.02 -6.15
N ILE A 92 12.01 -16.26 -5.80
CA ILE A 92 11.47 -16.99 -4.64
C ILE A 92 11.65 -16.21 -3.33
N ARG A 93 12.86 -15.67 -3.12
CA ARG A 93 13.25 -14.96 -1.89
C ARG A 93 12.76 -13.51 -1.87
N GLU A 94 12.50 -12.94 -3.05
CA GLU A 94 11.94 -11.60 -3.22
C GLU A 94 10.47 -11.57 -2.77
N ARG A 95 9.61 -12.45 -3.33
CA ARG A 95 8.17 -12.45 -3.03
C ARG A 95 7.84 -12.74 -1.56
N MET A 96 8.67 -13.54 -0.88
CA MET A 96 8.51 -13.77 0.57
C MET A 96 9.00 -12.60 1.43
N LEU A 97 10.00 -11.82 1.00
CA LEU A 97 10.45 -10.63 1.72
C LEU A 97 9.38 -9.52 1.77
N TYR A 98 8.66 -9.28 0.66
CA TYR A 98 7.46 -8.45 0.69
C TYR A 98 6.44 -9.02 1.69
N SER A 99 5.96 -10.25 1.48
CA SER A 99 4.93 -10.88 2.33
C SER A 99 5.27 -10.88 3.83
N SER A 100 6.55 -11.02 4.17
CA SER A 100 7.10 -11.07 5.53
C SER A 100 7.30 -9.70 6.20
N CYS A 101 7.11 -8.59 5.48
CA CYS A 101 7.10 -7.24 6.06
C CYS A 101 5.71 -6.59 5.95
N LYS A 102 4.77 -7.22 5.22
CA LYS A 102 3.38 -6.79 5.05
C LYS A 102 2.62 -6.55 6.36
N SER A 103 2.86 -7.37 7.38
CA SER A 103 2.25 -7.23 8.72
C SER A 103 2.88 -6.09 9.54
N PRO A 104 4.22 -6.04 9.77
CA PRO A 104 4.83 -4.94 10.52
C PRO A 104 4.72 -3.58 9.82
N LEU A 105 4.80 -3.50 8.49
CA LEU A 105 4.61 -2.24 7.75
C LEU A 105 3.23 -1.62 7.98
N LEU A 106 2.19 -2.44 8.21
CA LEU A 106 0.84 -1.98 8.57
C LEU A 106 0.74 -1.57 10.04
N GLU A 107 1.41 -2.28 10.96
CA GLU A 107 1.49 -1.90 12.38
C GLU A 107 2.28 -0.60 12.59
N ILE A 108 3.25 -0.28 11.73
CA ILE A 108 3.95 1.01 11.78
C ILE A 108 2.99 2.17 11.42
N VAL A 109 2.01 1.98 10.53
CA VAL A 109 0.93 2.97 10.33
C VAL A 109 -0.03 2.96 11.52
N GLU A 110 -0.55 1.79 11.88
CA GLU A 110 -1.64 1.68 12.86
C GLU A 110 -1.22 2.03 14.29
N ARG A 111 0.02 1.74 14.67
CA ARG A 111 0.48 1.72 16.09
C ARG A 111 1.69 2.63 16.39
N GLN A 112 2.47 3.03 15.39
CA GLN A 112 3.65 3.92 15.55
C GLN A 112 3.38 5.32 14.99
N LEU A 113 2.78 5.43 13.80
CA LEU A 113 2.14 6.65 13.29
C LEU A 113 0.74 6.89 13.90
N GLN A 114 0.20 5.90 14.63
CA GLN A 114 -1.10 5.95 15.31
C GLN A 114 -2.25 6.44 14.39
N MET A 115 -2.25 5.95 13.15
CA MET A 115 -3.11 6.42 12.05
C MET A 115 -3.99 5.27 11.53
N ASP A 116 -5.29 5.54 11.33
CA ASP A 116 -6.23 4.56 10.76
C ASP A 116 -5.96 4.28 9.26
N VAL A 117 -6.43 3.13 8.79
CA VAL A 117 -6.39 2.69 7.39
C VAL A 117 -7.75 2.08 7.04
N ILE A 118 -8.36 2.61 5.98
CA ILE A 118 -9.70 2.24 5.48
C ILE A 118 -9.79 0.74 5.19
N ARG A 119 -8.82 0.22 4.44
CA ARG A 119 -8.82 -1.16 3.88
C ARG A 119 -7.42 -1.57 3.39
N LYS A 120 -7.23 -2.89 3.32
CA LYS A 120 -6.08 -3.58 2.75
C LYS A 120 -6.47 -4.25 1.42
N ILE A 121 -6.10 -3.63 0.30
CA ILE A 121 -6.45 -4.08 -1.07
C ILE A 121 -5.22 -4.71 -1.75
N GLU A 122 -5.45 -5.71 -2.59
CA GLU A 122 -4.40 -6.47 -3.29
C GLU A 122 -4.83 -6.78 -4.73
N ILE A 123 -3.97 -6.51 -5.72
CA ILE A 123 -4.27 -6.65 -7.15
C ILE A 123 -3.18 -7.42 -7.92
N ASP A 124 -3.59 -8.04 -9.03
CA ASP A 124 -2.76 -8.88 -9.91
C ASP A 124 -1.84 -8.04 -10.82
N ASN A 125 -2.37 -6.94 -11.38
CA ASN A 125 -1.69 -6.12 -12.39
C ASN A 125 -2.06 -4.60 -12.36
N GLY A 126 -3.02 -4.21 -11.51
CA GLY A 126 -3.40 -2.81 -11.28
C GLY A 126 -4.46 -2.24 -12.23
N ASP A 127 -4.78 -2.90 -13.34
CA ASP A 127 -5.91 -2.52 -14.22
C ASP A 127 -7.25 -2.45 -13.47
N GLU A 128 -7.36 -3.24 -12.40
CA GLU A 128 -8.52 -3.33 -11.53
C GLU A 128 -8.64 -2.12 -10.57
N LEU A 129 -7.64 -1.25 -10.43
CA LEU A 129 -7.71 -0.08 -9.55
C LEU A 129 -8.57 1.03 -10.20
N THR A 130 -9.75 1.26 -9.62
CA THR A 130 -10.76 2.23 -10.05
C THR A 130 -11.70 2.52 -8.89
N ALA A 131 -12.41 3.66 -8.90
CA ALA A 131 -13.38 4.03 -7.86
C ALA A 131 -14.49 2.97 -7.66
N ASP A 132 -14.80 2.19 -8.71
CA ASP A 132 -15.78 1.10 -8.61
C ASP A 132 -15.26 -0.09 -7.79
N PHE A 133 -13.97 -0.41 -7.98
CA PHE A 133 -13.28 -1.49 -7.26
C PHE A 133 -12.93 -1.09 -5.82
N LEU A 134 -12.44 0.14 -5.63
CA LEU A 134 -12.15 0.68 -4.30
C LEU A 134 -13.41 0.73 -3.43
N TYR A 135 -14.57 1.12 -3.97
CA TYR A 135 -15.82 1.03 -3.23
C TYR A 135 -16.19 -0.43 -2.90
N ASP A 136 -16.14 -1.34 -3.89
CA ASP A 136 -16.50 -2.75 -3.71
C ASP A 136 -15.57 -3.49 -2.71
N GLU A 137 -14.31 -3.07 -2.61
CA GLU A 137 -13.36 -3.59 -1.63
C GLU A 137 -13.60 -3.05 -0.21
N VAL A 138 -13.93 -1.75 -0.09
CA VAL A 138 -14.15 -1.12 1.23
C VAL A 138 -15.54 -1.44 1.79
N HIS A 139 -16.53 -1.67 0.91
CA HIS A 139 -17.91 -2.08 1.20
C HIS A 139 -18.23 -3.44 0.54
N PRO A 140 -17.65 -4.55 1.04
CA PRO A 140 -17.92 -5.91 0.55
C PRO A 140 -19.32 -6.41 0.94
N LYS A 141 -19.70 -7.59 0.42
CA LYS A 141 -20.99 -8.26 0.65
C LYS A 141 -20.92 -9.51 1.54
N GLN A 142 -19.81 -9.69 2.25
CA GLN A 142 -19.50 -10.82 3.15
C GLN A 142 -18.62 -10.37 4.32
N ALA A 1 10.17 -18.53 18.67
CA ALA A 1 9.73 -17.11 18.82
C ALA A 1 8.22 -16.97 18.61
N GLN A 2 7.60 -15.95 19.23
CA GLN A 2 6.15 -15.67 19.13
C GLN A 2 5.71 -15.11 17.76
N GLY A 3 6.64 -14.62 16.94
CA GLY A 3 6.39 -14.05 15.61
C GLY A 3 7.67 -13.61 14.87
N VAL A 4 7.49 -12.93 13.73
CA VAL A 4 8.57 -12.37 12.89
C VAL A 4 8.14 -11.05 12.25
N ALA A 5 9.11 -10.14 12.03
CA ALA A 5 8.90 -8.82 11.42
C ALA A 5 10.18 -8.32 10.72
N PHE A 6 10.02 -7.29 9.88
CA PHE A 6 11.09 -6.66 9.10
C PHE A 6 10.93 -5.12 9.10
N PRO A 7 12.03 -4.34 9.11
CA PRO A 7 12.00 -2.89 9.28
C PRO A 7 11.63 -2.14 8.00
N ILE A 8 11.28 -0.86 8.17
CA ILE A 8 11.13 0.13 7.10
C ILE A 8 12.37 1.04 7.04
N SER A 9 12.74 1.48 5.83
CA SER A 9 13.82 2.44 5.62
C SER A 9 13.37 3.88 5.89
N ARG A 10 14.33 4.78 6.13
CA ARG A 10 14.08 6.20 6.44
C ARG A 10 13.23 6.88 5.36
N ASP A 11 13.63 6.77 4.09
CA ASP A 11 12.93 7.45 2.98
C ASP A 11 11.48 6.97 2.82
N ALA A 12 11.23 5.67 2.97
CA ALA A 12 9.89 5.09 2.88
C ALA A 12 8.99 5.60 4.02
N PHE A 13 9.53 5.68 5.24
CA PHE A 13 8.81 6.23 6.39
C PHE A 13 8.60 7.75 6.29
N GLN A 14 9.56 8.49 5.73
CA GLN A 14 9.51 9.94 5.50
C GLN A 14 8.38 10.40 4.57
N ALA A 15 7.85 9.50 3.74
CA ALA A 15 6.65 9.74 2.93
C ALA A 15 5.35 9.38 3.68
N LEU A 16 5.34 8.29 4.45
CA LEU A 16 4.15 7.81 5.18
C LEU A 16 3.79 8.71 6.38
N GLU A 17 4.79 9.34 7.01
CA GLU A 17 4.58 10.37 8.03
C GLU A 17 3.82 11.61 7.52
N LYS A 18 3.80 11.84 6.20
CA LYS A 18 3.06 12.95 5.54
C LYS A 18 1.76 12.48 4.89
N LEU A 19 1.73 11.26 4.34
CA LEU A 19 0.50 10.59 3.91
C LEU A 19 -0.52 10.43 5.06
N SER A 20 -0.03 10.28 6.30
CA SER A 20 -0.87 10.22 7.51
C SER A 20 -1.65 11.52 7.81
N LYS A 21 -1.41 12.59 7.04
CA LYS A 21 -2.10 13.89 7.12
C LYS A 21 -2.59 14.37 5.75
N LYS A 22 -2.82 13.44 4.81
CA LYS A 22 -3.37 13.69 3.46
C LYS A 22 -2.54 14.67 2.61
N GLN A 23 -1.23 14.80 2.87
CA GLN A 23 -0.36 15.77 2.19
C GLN A 23 0.10 15.29 0.80
N LEU A 24 0.16 13.96 0.61
CA LEU A 24 0.75 13.33 -0.58
C LEU A 24 -0.33 12.63 -1.41
N ASN A 25 -0.99 11.63 -0.82
CA ASN A 25 -1.98 10.74 -1.45
C ASN A 25 -1.41 9.69 -2.44
N TYR A 26 -0.10 9.67 -2.69
CA TYR A 26 0.48 9.01 -3.88
C TYR A 26 1.83 8.30 -3.68
N VAL A 27 2.07 7.73 -2.50
CA VAL A 27 3.36 7.13 -2.15
C VAL A 27 3.55 5.75 -2.79
N GLN A 28 4.74 5.50 -3.32
CA GLN A 28 5.15 4.29 -4.02
C GLN A 28 6.46 3.77 -3.42
N LEU A 29 6.47 2.49 -3.06
CA LEU A 29 7.56 1.81 -2.35
C LEU A 29 8.05 0.58 -3.13
N GLU A 30 9.19 0.03 -2.71
CA GLU A 30 9.80 -1.20 -3.21
C GLU A 30 10.70 -1.83 -2.13
N ILE A 31 10.80 -3.17 -2.04
CA ILE A 31 11.75 -3.85 -1.14
C ILE A 31 13.21 -3.68 -1.59
N ASP A 32 14.14 -3.82 -0.65
CA ASP A 32 15.59 -3.78 -0.80
C ASP A 32 16.19 -5.01 -0.13
N ILE A 33 16.24 -6.13 -0.86
CA ILE A 33 16.68 -7.44 -0.37
C ILE A 33 18.09 -7.39 0.24
N LYS A 34 18.94 -6.45 -0.22
CA LYS A 34 20.29 -6.18 0.31
C LYS A 34 20.31 -5.86 1.81
N ASN A 35 19.21 -5.31 2.34
CA ASN A 35 19.00 -4.97 3.75
C ASN A 35 17.66 -5.50 4.29
N GLU A 36 16.94 -6.34 3.53
CA GLU A 36 15.63 -6.91 3.87
C GLU A 36 14.60 -5.88 4.37
N THR A 37 14.47 -4.74 3.68
CA THR A 37 13.67 -3.58 4.14
C THR A 37 12.93 -2.88 3.01
N ILE A 38 11.84 -2.17 3.30
CA ILE A 38 11.09 -1.39 2.31
C ILE A 38 11.78 -0.02 2.14
N ILE A 39 12.06 0.38 0.90
CA ILE A 39 12.61 1.69 0.52
C ILE A 39 11.60 2.50 -0.33
N LEU A 40 11.79 3.81 -0.38
CA LEU A 40 10.99 4.70 -1.24
C LEU A 40 11.34 4.48 -2.72
N ALA A 41 10.37 4.74 -3.59
CA ALA A 41 10.53 4.62 -5.05
C ALA A 41 10.00 5.83 -5.84
N ASN A 42 8.83 6.38 -5.47
CA ASN A 42 8.25 7.58 -6.11
C ASN A 42 7.21 8.29 -5.22
N THR A 43 7.00 9.60 -5.44
CA THR A 43 6.03 10.45 -4.73
C THR A 43 5.51 11.58 -5.65
N GLU A 44 5.30 11.30 -6.95
CA GLU A 44 4.71 12.27 -7.88
C GLU A 44 3.18 12.13 -8.00
N ASN A 45 2.50 13.17 -8.51
CA ASN A 45 1.04 13.23 -8.55
C ASN A 45 0.41 12.02 -9.26
N THR A 46 -0.41 11.29 -8.49
CA THR A 46 -1.13 10.07 -8.90
C THR A 46 -2.55 10.13 -8.31
N GLU A 47 -3.52 9.62 -9.07
CA GLU A 47 -4.94 9.57 -8.75
C GLU A 47 -5.47 8.17 -9.10
N LEU A 48 -6.65 7.76 -8.64
CA LEU A 48 -7.22 6.41 -8.92
C LEU A 48 -7.50 6.10 -10.42
N ARG A 49 -7.32 7.11 -11.29
CA ARG A 49 -7.36 7.04 -12.76
C ARG A 49 -5.97 6.99 -13.44
N ASP A 50 -4.91 7.05 -12.64
CA ASP A 50 -3.49 7.01 -13.05
C ASP A 50 -2.65 6.01 -12.22
N LEU A 51 -3.18 5.57 -11.07
CA LEU A 51 -2.67 4.49 -10.23
C LEU A 51 -2.36 3.20 -11.02
N PRO A 52 -3.23 2.75 -11.96
CA PRO A 52 -3.01 1.56 -12.78
C PRO A 52 -1.73 1.60 -13.63
N LYS A 53 -1.19 2.80 -13.89
CA LYS A 53 0.03 3.03 -14.68
C LYS A 53 1.30 3.01 -13.82
N ARG A 54 1.16 3.13 -12.49
CA ARG A 54 2.26 3.11 -11.51
C ARG A 54 2.56 1.72 -10.98
N ILE A 55 1.53 0.87 -10.92
CA ILE A 55 1.67 -0.55 -10.54
C ILE A 55 2.64 -1.27 -11.52
N PRO A 56 3.64 -2.04 -11.03
CA PRO A 56 4.68 -2.66 -11.87
C PRO A 56 4.19 -3.87 -12.68
N LYS A 57 5.04 -4.33 -13.61
CA LYS A 57 4.85 -5.50 -14.49
C LYS A 57 6.01 -6.52 -14.41
N ASP A 58 6.94 -6.30 -13.50
CA ASP A 58 8.26 -6.97 -13.41
C ASP A 58 8.65 -7.42 -11.97
N SER A 59 7.86 -7.05 -10.95
CA SER A 59 8.11 -7.30 -9.52
C SER A 59 6.82 -7.11 -8.71
N ALA A 60 6.76 -7.60 -7.47
CA ALA A 60 5.87 -7.04 -6.45
C ALA A 60 6.32 -5.61 -6.07
N ARG A 61 5.40 -4.82 -5.52
CA ARG A 61 5.65 -3.49 -4.89
C ARG A 61 4.54 -3.17 -3.87
N TYR A 62 4.76 -2.14 -3.04
CA TYR A 62 3.77 -1.56 -2.11
C TYR A 62 3.41 -0.13 -2.49
N HIS A 63 2.18 0.27 -2.21
CA HIS A 63 1.57 1.53 -2.65
C HIS A 63 0.55 2.00 -1.59
N PHE A 64 0.31 3.30 -1.48
CA PHE A 64 -0.75 3.85 -0.63
C PHE A 64 -1.56 4.93 -1.36
N PHE A 65 -2.88 4.96 -1.09
CA PHE A 65 -3.82 5.91 -1.70
C PHE A 65 -4.81 6.50 -0.67
N LEU A 66 -5.23 7.75 -0.86
CA LEU A 66 -6.31 8.39 -0.10
C LEU A 66 -7.65 8.17 -0.81
N TYR A 67 -8.36 7.09 -0.45
CA TYR A 67 -9.71 6.84 -0.99
C TYR A 67 -10.77 7.68 -0.25
N LYS A 68 -11.84 8.02 -1.00
CA LYS A 68 -12.92 8.92 -0.57
C LYS A 68 -14.28 8.29 -0.90
N HIS A 69 -15.17 8.22 0.09
CA HIS A 69 -16.45 7.50 0.00
C HIS A 69 -17.54 8.10 0.91
N SER A 70 -18.72 7.48 0.95
CA SER A 70 -19.83 7.89 1.83
C SER A 70 -20.66 6.70 2.33
N HIS A 71 -21.13 6.79 3.57
CA HIS A 71 -22.08 5.84 4.17
C HIS A 71 -22.83 6.43 5.36
N GLU A 72 -23.98 5.83 5.71
CA GLU A 72 -24.90 6.23 6.80
C GLU A 72 -25.25 7.73 6.84
N GLY A 73 -25.29 8.37 5.66
CA GLY A 73 -25.63 9.79 5.50
C GLY A 73 -24.47 10.77 5.70
N ASP A 74 -23.21 10.32 5.58
CA ASP A 74 -22.01 11.17 5.72
C ASP A 74 -20.93 10.82 4.70
N TYR A 75 -19.96 11.72 4.55
CA TYR A 75 -18.85 11.63 3.62
C TYR A 75 -17.51 11.57 4.36
N LEU A 76 -16.67 10.62 3.94
CA LEU A 76 -15.49 10.16 4.66
C LEU A 76 -14.31 9.92 3.68
N GLU A 77 -13.09 10.08 4.19
CA GLU A 77 -11.86 9.94 3.41
C GLU A 77 -10.66 9.62 4.30
N SER A 78 -9.91 8.57 3.94
CA SER A 78 -8.71 8.14 4.68
C SER A 78 -7.82 7.17 3.88
N VAL A 79 -6.66 6.81 4.45
CA VAL A 79 -5.60 5.99 3.83
C VAL A 79 -6.04 4.56 3.52
N VAL A 80 -5.62 4.04 2.37
CA VAL A 80 -5.76 2.64 1.93
C VAL A 80 -4.36 2.05 1.71
N PHE A 81 -4.13 0.84 2.22
CA PHE A 81 -2.94 0.04 1.94
C PHE A 81 -3.20 -0.82 0.70
N ILE A 82 -2.34 -0.69 -0.33
CA ILE A 82 -2.44 -1.44 -1.59
C ILE A 82 -1.15 -2.25 -1.81
N TYR A 83 -1.30 -3.52 -2.24
CA TYR A 83 -0.20 -4.43 -2.56
C TYR A 83 -0.35 -4.96 -4.00
N SER A 84 0.77 -5.16 -4.68
CA SER A 84 0.86 -5.82 -5.97
C SER A 84 1.81 -7.02 -5.94
N MET A 85 1.39 -8.13 -6.54
CA MET A 85 2.20 -9.33 -6.76
C MET A 85 1.82 -9.97 -8.12
N PRO A 86 2.72 -9.95 -9.13
CA PRO A 86 2.44 -10.55 -10.43
C PRO A 86 2.53 -12.08 -10.43
N GLY A 87 3.44 -12.65 -9.65
CA GLY A 87 3.69 -14.10 -9.52
C GLY A 87 4.52 -14.71 -10.66
N TYR A 88 4.33 -14.26 -11.91
CA TYR A 88 5.02 -14.79 -13.10
C TYR A 88 6.48 -14.30 -13.26
N THR A 89 6.90 -13.27 -12.51
CA THR A 89 8.19 -12.57 -12.70
C THR A 89 8.92 -12.17 -11.41
N CYS A 90 8.26 -12.13 -10.24
CA CYS A 90 8.95 -11.96 -8.96
C CYS A 90 9.63 -13.26 -8.49
N SER A 91 10.69 -13.15 -7.69
CA SER A 91 11.31 -14.32 -7.03
C SER A 91 10.41 -14.86 -5.92
N ILE A 92 10.55 -16.16 -5.66
CA ILE A 92 9.97 -16.85 -4.50
C ILE A 92 10.40 -16.15 -3.19
N ARG A 93 11.66 -15.73 -3.11
CA ARG A 93 12.27 -15.17 -1.88
C ARG A 93 12.05 -13.67 -1.76
N GLU A 94 11.75 -13.01 -2.87
CA GLU A 94 11.32 -11.61 -2.94
C GLU A 94 9.87 -11.44 -2.47
N ARG A 95 8.93 -12.20 -3.04
CA ARG A 95 7.51 -12.13 -2.64
C ARG A 95 7.27 -12.54 -1.18
N MET A 96 8.10 -13.44 -0.63
CA MET A 96 8.08 -13.77 0.80
C MET A 96 8.58 -12.64 1.71
N LEU A 97 9.54 -11.82 1.26
CA LEU A 97 9.96 -10.61 1.99
C LEU A 97 8.82 -9.59 2.07
N TYR A 98 8.21 -9.25 0.93
CA TYR A 98 6.99 -8.43 0.90
C TYR A 98 5.92 -9.01 1.84
N SER A 99 5.55 -10.28 1.65
CA SER A 99 4.47 -10.94 2.42
C SER A 99 4.76 -11.02 3.93
N SER A 100 6.03 -11.04 4.34
CA SER A 100 6.46 -10.98 5.75
C SER A 100 6.42 -9.56 6.32
N CYS A 101 6.66 -8.53 5.50
CA CYS A 101 6.51 -7.13 5.87
C CYS A 101 5.04 -6.71 6.03
N LYS A 102 4.12 -7.37 5.34
CA LYS A 102 2.68 -7.06 5.28
C LYS A 102 1.95 -6.96 6.62
N SER A 103 2.54 -7.54 7.68
CA SER A 103 2.01 -7.52 9.04
C SER A 103 2.58 -6.34 9.87
N PRO A 104 3.91 -6.16 10.02
CA PRO A 104 4.47 -5.01 10.73
C PRO A 104 4.23 -3.66 10.03
N LEU A 105 4.12 -3.62 8.70
CA LEU A 105 3.78 -2.38 7.97
C LEU A 105 2.44 -1.77 8.43
N LEU A 106 1.47 -2.61 8.76
CA LEU A 106 0.17 -2.18 9.28
C LEU A 106 0.27 -1.69 10.73
N GLU A 107 1.16 -2.26 11.55
CA GLU A 107 1.46 -1.81 12.92
C GLU A 107 2.23 -0.47 12.91
N ILE A 108 3.10 -0.25 11.91
CA ILE A 108 3.79 1.03 11.73
C ILE A 108 2.78 2.14 11.43
N VAL A 109 1.75 1.91 10.60
CA VAL A 109 0.65 2.88 10.42
C VAL A 109 -0.20 3.00 11.69
N GLU A 110 -0.67 1.88 12.25
CA GLU A 110 -1.63 1.90 13.35
C GLU A 110 -1.05 2.46 14.66
N ARG A 111 0.25 2.20 14.94
CA ARG A 111 0.86 2.40 16.28
C ARG A 111 2.08 3.31 16.27
N GLN A 112 2.97 3.22 15.27
CA GLN A 112 4.14 4.11 15.14
C GLN A 112 3.76 5.48 14.52
N LEU A 113 2.74 5.51 13.66
CA LEU A 113 2.14 6.71 13.06
C LEU A 113 0.79 7.10 13.67
N GLN A 114 0.25 6.26 14.57
CA GLN A 114 -1.02 6.47 15.30
C GLN A 114 -2.20 6.83 14.38
N MET A 115 -2.27 6.18 13.20
CA MET A 115 -3.10 6.56 12.06
C MET A 115 -4.05 5.42 11.63
N ASP A 116 -5.25 5.78 11.16
CA ASP A 116 -6.24 4.83 10.62
C ASP A 116 -5.87 4.34 9.21
N VAL A 117 -6.43 3.18 8.83
CA VAL A 117 -6.36 2.63 7.47
C VAL A 117 -7.70 1.97 7.10
N ILE A 118 -8.27 2.40 5.97
CA ILE A 118 -9.59 1.97 5.47
C ILE A 118 -9.61 0.46 5.16
N ARG A 119 -8.65 -0.03 4.35
CA ARG A 119 -8.57 -1.41 3.85
C ARG A 119 -7.15 -1.80 3.45
N LYS A 120 -7.00 -3.10 3.16
CA LYS A 120 -5.76 -3.80 2.80
C LYS A 120 -5.92 -4.52 1.46
N ILE A 121 -6.16 -3.71 0.43
CA ILE A 121 -6.48 -4.11 -0.96
C ILE A 121 -5.25 -4.75 -1.63
N GLU A 122 -5.48 -5.73 -2.51
CA GLU A 122 -4.44 -6.48 -3.20
C GLU A 122 -4.82 -6.74 -4.67
N ILE A 123 -3.89 -6.53 -5.61
CA ILE A 123 -4.10 -6.70 -7.05
C ILE A 123 -2.96 -7.49 -7.74
N ASP A 124 -3.29 -8.05 -8.90
CA ASP A 124 -2.40 -8.84 -9.77
C ASP A 124 -1.63 -7.96 -10.79
N ASN A 125 -2.24 -6.86 -11.21
CA ASN A 125 -1.85 -6.07 -12.40
C ASN A 125 -2.07 -4.55 -12.28
N GLY A 126 -2.86 -4.09 -11.31
CA GLY A 126 -3.23 -2.68 -11.07
C GLY A 126 -4.33 -2.11 -11.98
N ASP A 127 -4.66 -2.78 -13.09
CA ASP A 127 -5.79 -2.42 -13.97
C ASP A 127 -7.13 -2.44 -13.23
N GLU A 128 -7.24 -3.27 -12.19
CA GLU A 128 -8.40 -3.39 -11.32
C GLU A 128 -8.56 -2.20 -10.35
N LEU A 129 -7.53 -1.35 -10.14
CA LEU A 129 -7.65 -0.19 -9.26
C LEU A 129 -8.50 0.91 -9.93
N THR A 130 -9.73 1.06 -9.47
CA THR A 130 -10.74 2.03 -9.95
C THR A 130 -11.72 2.35 -8.83
N ALA A 131 -12.41 3.50 -8.90
CA ALA A 131 -13.36 3.95 -7.89
C ALA A 131 -14.49 2.91 -7.61
N ASP A 132 -14.79 2.05 -8.58
CA ASP A 132 -15.78 0.97 -8.44
C ASP A 132 -15.22 -0.22 -7.62
N PHE A 133 -13.96 -0.57 -7.87
CA PHE A 133 -13.25 -1.64 -7.15
C PHE A 133 -12.88 -1.21 -5.72
N LEU A 134 -12.39 0.01 -5.55
CA LEU A 134 -12.08 0.59 -4.25
C LEU A 134 -13.36 0.70 -3.37
N TYR A 135 -14.53 0.96 -3.96
CA TYR A 135 -15.79 0.87 -3.22
C TYR A 135 -16.12 -0.57 -2.83
N ASP A 136 -16.10 -1.52 -3.79
CA ASP A 136 -16.44 -2.92 -3.56
C ASP A 136 -15.50 -3.64 -2.57
N GLU A 137 -14.24 -3.22 -2.48
CA GLU A 137 -13.25 -3.71 -1.52
C GLU A 137 -13.52 -3.22 -0.09
N VAL A 138 -14.06 -2.01 0.06
CA VAL A 138 -14.30 -1.37 1.37
C VAL A 138 -15.73 -1.63 1.88
N HIS A 139 -16.70 -1.80 0.97
CA HIS A 139 -18.10 -2.18 1.21
C HIS A 139 -18.48 -3.47 0.45
N PRO A 140 -17.88 -4.63 0.78
CA PRO A 140 -18.21 -5.92 0.17
C PRO A 140 -19.60 -6.43 0.57
N LYS A 141 -20.11 -7.42 -0.18
CA LYS A 141 -21.43 -8.06 0.02
C LYS A 141 -21.54 -9.04 1.19
N GLN A 142 -20.41 -9.31 1.85
CA GLN A 142 -20.22 -10.36 2.86
C GLN A 142 -20.94 -10.06 4.19
N ALA A 1 0.42 -13.66 20.71
CA ALA A 1 0.74 -14.05 19.31
C ALA A 1 2.12 -13.51 18.89
N GLN A 2 2.79 -14.22 17.98
CA GLN A 2 4.11 -13.85 17.42
C GLN A 2 4.27 -14.35 15.96
N GLY A 3 5.30 -13.83 15.26
CA GLY A 3 5.61 -14.21 13.88
C GLY A 3 6.82 -13.45 13.30
N VAL A 4 7.18 -13.76 12.04
CA VAL A 4 8.24 -13.09 11.28
C VAL A 4 7.90 -11.62 11.04
N ALA A 5 8.92 -10.76 11.13
CA ALA A 5 8.80 -9.30 10.96
C ALA A 5 10.14 -8.65 10.59
N PHE A 6 10.06 -7.48 9.95
CA PHE A 6 11.20 -6.65 9.52
C PHE A 6 10.86 -5.14 9.63
N PRO A 7 11.86 -4.26 9.83
CA PRO A 7 11.66 -2.82 9.96
C PRO A 7 11.42 -2.12 8.61
N ILE A 8 11.02 -0.86 8.68
CA ILE A 8 10.94 0.08 7.55
C ILE A 8 12.22 0.93 7.45
N SER A 9 12.61 1.34 6.23
CA SER A 9 13.69 2.31 6.01
C SER A 9 13.20 3.76 6.23
N ARG A 10 14.14 4.68 6.45
CA ARG A 10 13.83 6.08 6.77
C ARG A 10 13.06 6.78 5.65
N ASP A 11 13.49 6.70 4.39
CA ASP A 11 12.84 7.40 3.27
C ASP A 11 11.38 6.96 3.07
N ALA A 12 11.10 5.67 3.22
CA ALA A 12 9.74 5.15 3.13
C ALA A 12 8.85 5.73 4.25
N PHE A 13 9.37 5.75 5.49
CA PHE A 13 8.67 6.34 6.64
C PHE A 13 8.52 7.87 6.52
N GLN A 14 9.50 8.57 5.95
CA GLN A 14 9.51 10.02 5.71
C GLN A 14 8.38 10.47 4.75
N ALA A 15 7.87 9.56 3.92
CA ALA A 15 6.72 9.79 3.04
C ALA A 15 5.40 9.34 3.69
N LEU A 16 5.38 8.17 4.34
CA LEU A 16 4.21 7.67 5.08
C LEU A 16 3.77 8.61 6.23
N GLU A 17 4.72 9.23 6.93
CA GLU A 17 4.39 10.22 7.97
C GLU A 17 3.62 11.43 7.42
N LYS A 18 3.90 11.89 6.19
CA LYS A 18 3.18 12.99 5.51
C LYS A 18 1.84 12.54 4.93
N LEU A 19 1.79 11.30 4.43
CA LEU A 19 0.56 10.63 3.98
C LEU A 19 -0.48 10.51 5.12
N SER A 20 -0.04 10.38 6.39
CA SER A 20 -0.94 10.35 7.56
C SER A 20 -1.70 11.66 7.81
N LYS A 21 -1.43 12.71 7.00
CA LYS A 21 -2.11 14.02 7.02
C LYS A 21 -2.60 14.44 5.62
N LYS A 22 -2.77 13.48 4.68
CA LYS A 22 -3.27 13.69 3.32
C LYS A 22 -2.43 14.69 2.48
N GLN A 23 -1.13 14.86 2.79
CA GLN A 23 -0.29 15.87 2.15
C GLN A 23 0.26 15.40 0.79
N LEU A 24 0.47 14.08 0.65
CA LEU A 24 1.01 13.47 -0.57
C LEU A 24 -0.11 12.72 -1.31
N ASN A 25 -0.76 11.76 -0.64
CA ASN A 25 -1.82 10.91 -1.18
C ASN A 25 -1.39 9.91 -2.30
N TYR A 26 -0.10 9.89 -2.67
CA TYR A 26 0.44 9.12 -3.80
C TYR A 26 1.87 8.55 -3.57
N VAL A 27 2.09 7.86 -2.44
CA VAL A 27 3.41 7.29 -2.10
C VAL A 27 3.60 5.91 -2.74
N GLN A 28 4.80 5.67 -3.27
CA GLN A 28 5.22 4.46 -3.96
C GLN A 28 6.52 3.93 -3.34
N LEU A 29 6.51 2.64 -2.97
CA LEU A 29 7.59 1.95 -2.25
C LEU A 29 8.03 0.70 -3.02
N GLU A 30 9.15 0.13 -2.60
CA GLU A 30 9.61 -1.23 -2.95
C GLU A 30 10.46 -1.83 -1.82
N ILE A 31 10.59 -3.15 -1.77
CA ILE A 31 11.57 -3.82 -0.89
C ILE A 31 13.02 -3.57 -1.37
N ASP A 32 13.98 -3.72 -0.45
CA ASP A 32 15.42 -3.65 -0.64
C ASP A 32 16.05 -4.89 -0.04
N ILE A 33 16.12 -5.97 -0.82
CA ILE A 33 16.61 -7.30 -0.38
C ILE A 33 18.01 -7.22 0.23
N LYS A 34 18.82 -6.24 -0.18
CA LYS A 34 20.15 -5.92 0.35
C LYS A 34 20.17 -5.66 1.87
N ASN A 35 19.04 -5.20 2.42
CA ASN A 35 18.81 -4.91 3.84
C ASN A 35 17.47 -5.49 4.36
N GLU A 36 16.77 -6.30 3.56
CA GLU A 36 15.47 -6.94 3.88
C GLU A 36 14.41 -5.96 4.42
N THR A 37 14.25 -4.79 3.80
CA THR A 37 13.40 -3.68 4.32
C THR A 37 12.67 -2.92 3.21
N ILE A 38 11.56 -2.23 3.52
CA ILE A 38 10.86 -1.37 2.56
C ILE A 38 11.59 -0.02 2.44
N ILE A 39 11.84 0.41 1.21
CA ILE A 39 12.43 1.71 0.85
C ILE A 39 11.47 2.54 -0.02
N LEU A 40 11.69 3.86 -0.06
CA LEU A 40 10.97 4.76 -0.97
C LEU A 40 11.38 4.49 -2.41
N ALA A 41 10.45 4.76 -3.33
CA ALA A 41 10.66 4.62 -4.78
C ALA A 41 10.20 5.84 -5.59
N ASN A 42 9.02 6.40 -5.30
CA ASN A 42 8.48 7.58 -5.98
C ASN A 42 7.39 8.29 -5.12
N THR A 43 7.18 9.59 -5.35
CA THR A 43 6.15 10.42 -4.67
C THR A 43 5.56 11.50 -5.59
N GLU A 44 5.62 11.31 -6.91
CA GLU A 44 5.03 12.26 -7.87
C GLU A 44 3.49 12.11 -7.99
N ASN A 45 2.83 13.15 -8.52
CA ASN A 45 1.36 13.23 -8.53
C ASN A 45 0.67 12.05 -9.21
N THR A 46 -0.32 11.46 -8.53
CA THR A 46 -1.12 10.33 -9.03
C THR A 46 -2.56 10.40 -8.49
N GLU A 47 -3.53 10.11 -9.33
CA GLU A 47 -4.96 9.91 -8.99
C GLU A 47 -5.38 8.48 -9.36
N LEU A 48 -6.55 8.01 -8.92
CA LEU A 48 -6.97 6.61 -9.16
C LEU A 48 -7.20 6.24 -10.65
N ARG A 49 -7.23 7.25 -11.53
CA ARG A 49 -7.19 7.14 -13.00
C ARG A 49 -5.78 6.99 -13.60
N ASP A 50 -4.75 7.32 -12.83
CA ASP A 50 -3.32 7.25 -13.20
C ASP A 50 -2.50 6.29 -12.30
N LEU A 51 -3.10 5.73 -11.26
CA LEU A 51 -2.58 4.66 -10.42
C LEU A 51 -2.23 3.36 -11.18
N PRO A 52 -3.05 2.89 -12.16
CA PRO A 52 -2.82 1.62 -12.87
C PRO A 52 -1.48 1.52 -13.59
N LYS A 53 -0.86 2.67 -13.90
CA LYS A 53 0.44 2.77 -14.59
C LYS A 53 1.64 2.97 -13.65
N ARG A 54 1.39 3.26 -12.37
CA ARG A 54 2.39 3.22 -11.29
C ARG A 54 2.68 1.77 -10.86
N ILE A 55 1.63 0.94 -10.84
CA ILE A 55 1.72 -0.49 -10.51
C ILE A 55 2.64 -1.23 -11.51
N PRO A 56 3.61 -2.06 -11.05
CA PRO A 56 4.52 -2.82 -11.91
C PRO A 56 3.83 -4.02 -12.62
N LYS A 57 4.56 -4.65 -13.53
CA LYS A 57 4.16 -5.88 -14.27
C LYS A 57 5.27 -6.94 -14.36
N ASP A 58 6.32 -6.79 -13.55
CA ASP A 58 7.55 -7.63 -13.57
C ASP A 58 8.12 -7.96 -12.17
N SER A 59 7.48 -7.49 -11.09
CA SER A 59 7.86 -7.67 -9.67
C SER A 59 6.69 -7.24 -8.77
N ALA A 60 6.71 -7.58 -7.47
CA ALA A 60 5.84 -6.95 -6.49
C ALA A 60 6.33 -5.51 -6.15
N ARG A 61 5.43 -4.66 -5.64
CA ARG A 61 5.68 -3.34 -5.00
C ARG A 61 4.60 -3.02 -3.97
N TYR A 62 4.84 -2.00 -3.14
CA TYR A 62 3.87 -1.47 -2.16
C TYR A 62 3.47 -0.02 -2.48
N HIS A 63 2.20 0.31 -2.22
CA HIS A 63 1.59 1.58 -2.62
C HIS A 63 0.55 2.03 -1.57
N PHE A 64 0.34 3.35 -1.44
CA PHE A 64 -0.68 3.93 -0.58
C PHE A 64 -1.44 5.04 -1.30
N PHE A 65 -2.78 5.01 -1.21
CA PHE A 65 -3.67 5.97 -1.88
C PHE A 65 -4.76 6.51 -0.93
N LEU A 66 -5.05 7.81 -1.00
CA LEU A 66 -6.17 8.45 -0.28
C LEU A 66 -7.49 8.21 -1.04
N TYR A 67 -8.23 7.17 -0.65
CA TYR A 67 -9.58 6.93 -1.14
C TYR A 67 -10.62 7.71 -0.33
N LYS A 68 -11.80 7.93 -0.92
CA LYS A 68 -12.91 8.66 -0.31
C LYS A 68 -14.28 8.16 -0.79
N HIS A 69 -15.17 7.95 0.17
CA HIS A 69 -16.51 7.35 -0.03
C HIS A 69 -17.49 7.75 1.09
N SER A 70 -18.70 7.19 1.09
CA SER A 70 -19.76 7.46 2.08
C SER A 70 -20.42 6.19 2.60
N HIS A 71 -20.74 6.19 3.89
CA HIS A 71 -21.57 5.17 4.55
C HIS A 71 -22.22 5.68 5.85
N GLU A 72 -23.29 5.01 6.28
CA GLU A 72 -24.12 5.34 7.47
C GLU A 72 -24.58 6.81 7.55
N GLY A 73 -24.78 7.43 6.39
CA GLY A 73 -25.29 8.81 6.25
C GLY A 73 -24.22 9.91 6.35
N ASP A 74 -22.94 9.57 6.15
CA ASP A 74 -21.82 10.53 6.19
C ASP A 74 -20.76 10.23 5.13
N TYR A 75 -19.82 11.15 4.97
CA TYR A 75 -18.77 11.14 3.95
C TYR A 75 -17.39 11.20 4.60
N LEU A 76 -16.48 10.36 4.09
CA LEU A 76 -15.24 9.97 4.72
C LEU A 76 -14.09 9.92 3.70
N GLU A 77 -12.87 10.18 4.16
CA GLU A 77 -11.65 10.17 3.35
C GLU A 77 -10.42 9.81 4.19
N SER A 78 -9.70 8.76 3.79
CA SER A 78 -8.49 8.26 4.48
C SER A 78 -7.70 7.29 3.59
N VAL A 79 -6.51 6.88 4.03
CA VAL A 79 -5.60 6.10 3.19
C VAL A 79 -6.04 4.65 2.98
N VAL A 80 -5.54 4.02 1.93
CA VAL A 80 -5.74 2.60 1.56
C VAL A 80 -4.36 1.97 1.40
N PHE A 81 -4.15 0.80 2.00
CA PHE A 81 -2.99 -0.04 1.72
C PHE A 81 -3.23 -0.85 0.43
N ILE A 82 -2.34 -0.71 -0.55
CA ILE A 82 -2.39 -1.44 -1.83
C ILE A 82 -1.08 -2.24 -2.03
N TYR A 83 -1.21 -3.49 -2.50
CA TYR A 83 -0.10 -4.41 -2.78
C TYR A 83 -0.22 -5.01 -4.18
N SER A 84 0.92 -5.24 -4.86
CA SER A 84 0.97 -5.66 -6.27
C SER A 84 1.76 -6.93 -6.61
N MET A 85 1.86 -7.91 -5.69
CA MET A 85 2.38 -9.25 -6.01
C MET A 85 1.73 -9.85 -7.27
N PRO A 86 2.47 -10.07 -8.37
CA PRO A 86 1.91 -10.61 -9.61
C PRO A 86 1.66 -12.13 -9.55
N GLY A 87 2.58 -12.88 -8.93
CA GLY A 87 2.57 -14.35 -8.87
C GLY A 87 3.15 -15.03 -10.12
N TYR A 88 2.87 -14.49 -11.32
CA TYR A 88 3.35 -15.01 -12.62
C TYR A 88 4.81 -14.66 -12.96
N THR A 89 5.42 -13.69 -12.28
CA THR A 89 6.77 -13.17 -12.62
C THR A 89 7.65 -12.70 -11.44
N CYS A 90 7.14 -12.65 -10.20
CA CYS A 90 7.96 -12.34 -9.02
C CYS A 90 8.80 -13.55 -8.58
N SER A 91 10.00 -13.32 -8.05
CA SER A 91 10.84 -14.39 -7.48
C SER A 91 10.30 -14.87 -6.13
N ILE A 92 10.57 -16.13 -5.78
CA ILE A 92 10.09 -16.75 -4.53
C ILE A 92 10.62 -16.01 -3.29
N ARG A 93 11.91 -15.64 -3.33
CA ARG A 93 12.63 -14.96 -2.24
C ARG A 93 12.24 -13.48 -2.13
N GLU A 94 11.80 -12.88 -3.24
CA GLU A 94 11.26 -11.53 -3.28
C GLU A 94 9.89 -11.48 -2.59
N ARG A 95 8.92 -12.27 -3.09
CA ARG A 95 7.52 -12.20 -2.62
C ARG A 95 7.36 -12.58 -1.15
N MET A 96 8.22 -13.47 -0.61
CA MET A 96 8.23 -13.76 0.84
C MET A 96 8.76 -12.59 1.67
N LEU A 97 9.72 -11.79 1.17
CA LEU A 97 10.27 -10.64 1.87
C LEU A 97 9.27 -9.48 1.97
N TYR A 98 8.52 -9.20 0.89
CA TYR A 98 7.32 -8.37 0.97
C TYR A 98 6.33 -8.94 2.00
N SER A 99 5.89 -10.20 1.81
CA SER A 99 4.86 -10.81 2.66
C SER A 99 5.21 -10.87 4.16
N SER A 100 6.51 -10.92 4.49
CA SER A 100 7.05 -10.96 5.85
C SER A 100 7.20 -9.59 6.52
N CYS A 101 7.02 -8.48 5.79
CA CYS A 101 7.01 -7.13 6.34
C CYS A 101 5.61 -6.49 6.23
N LYS A 102 4.68 -7.12 5.51
CA LYS A 102 3.28 -6.70 5.34
C LYS A 102 2.53 -6.45 6.66
N SER A 103 2.81 -7.24 7.69
CA SER A 103 2.19 -7.09 9.03
C SER A 103 2.81 -5.94 9.84
N PRO A 104 4.15 -5.86 10.06
CA PRO A 104 4.75 -4.73 10.79
C PRO A 104 4.62 -3.40 10.04
N LEU A 105 4.69 -3.36 8.70
CA LEU A 105 4.49 -2.11 7.94
C LEU A 105 3.09 -1.51 8.16
N LEU A 106 2.07 -2.34 8.38
CA LEU A 106 0.72 -1.89 8.74
C LEU A 106 0.63 -1.43 10.21
N GLU A 107 1.33 -2.10 11.13
CA GLU A 107 1.42 -1.70 12.54
C GLU A 107 2.16 -0.37 12.70
N ILE A 108 3.14 -0.06 11.84
CA ILE A 108 3.82 1.23 11.82
C ILE A 108 2.85 2.36 11.42
N VAL A 109 1.88 2.13 10.52
CA VAL A 109 0.80 3.11 10.28
C VAL A 109 -0.17 3.15 11.47
N GLU A 110 -0.66 1.98 11.89
CA GLU A 110 -1.78 1.89 12.84
C GLU A 110 -1.39 2.29 14.28
N ARG A 111 -0.14 2.05 14.69
CA ARG A 111 0.32 2.20 16.10
C ARG A 111 1.53 3.13 16.30
N GLN A 112 2.36 3.39 15.27
CA GLN A 112 3.52 4.31 15.38
C GLN A 112 3.22 5.69 14.77
N LEU A 113 2.55 5.73 13.60
CA LEU A 113 1.89 6.95 13.08
C LEU A 113 0.50 7.20 13.71
N GLN A 114 -0.04 6.22 14.45
CA GLN A 114 -1.35 6.25 15.11
C GLN A 114 -2.49 6.69 14.16
N MET A 115 -2.46 6.16 12.93
CA MET A 115 -3.28 6.57 11.80
C MET A 115 -4.12 5.40 11.28
N ASP A 116 -5.40 5.64 10.99
CA ASP A 116 -6.29 4.65 10.39
C ASP A 116 -6.01 4.41 8.89
N VAL A 117 -6.50 3.28 8.37
CA VAL A 117 -6.42 2.87 6.97
C VAL A 117 -7.77 2.25 6.58
N ILE A 118 -8.37 2.76 5.50
CA ILE A 118 -9.71 2.40 5.01
C ILE A 118 -9.83 0.90 4.74
N ARG A 119 -8.87 0.34 4.00
CA ARG A 119 -8.88 -1.06 3.56
C ARG A 119 -7.48 -1.54 3.16
N LYS A 120 -7.32 -2.87 3.14
CA LYS A 120 -6.14 -3.61 2.67
C LYS A 120 -6.50 -4.33 1.35
N ILE A 121 -5.99 -3.83 0.23
CA ILE A 121 -6.35 -4.24 -1.14
C ILE A 121 -5.12 -4.81 -1.87
N GLU A 122 -5.34 -5.82 -2.71
CA GLU A 122 -4.28 -6.57 -3.38
C GLU A 122 -4.66 -6.88 -4.84
N ILE A 123 -3.79 -6.56 -5.81
CA ILE A 123 -4.02 -6.73 -7.25
C ILE A 123 -2.83 -7.41 -7.95
N ASP A 124 -3.06 -7.93 -9.16
CA ASP A 124 -2.07 -8.70 -9.94
C ASP A 124 -1.50 -7.93 -11.15
N ASN A 125 -2.12 -6.78 -11.49
CA ASN A 125 -1.81 -5.98 -12.69
C ASN A 125 -2.01 -4.45 -12.50
N GLY A 126 -2.76 -4.03 -11.47
CA GLY A 126 -3.16 -2.65 -11.20
C GLY A 126 -4.23 -2.05 -12.12
N ASP A 127 -4.56 -2.72 -13.23
CA ASP A 127 -5.63 -2.33 -14.15
C ASP A 127 -7.01 -2.31 -13.46
N GLU A 128 -7.17 -3.14 -12.42
CA GLU A 128 -8.37 -3.21 -11.60
C GLU A 128 -8.48 -2.06 -10.59
N LEU A 129 -7.46 -1.22 -10.37
CA LEU A 129 -7.58 -0.08 -9.46
C LEU A 129 -8.42 1.04 -10.10
N THR A 130 -9.64 1.21 -9.58
CA THR A 130 -10.65 2.18 -10.01
C THR A 130 -11.62 2.46 -8.87
N ALA A 131 -12.31 3.59 -8.89
CA ALA A 131 -13.28 3.98 -7.84
C ALA A 131 -14.40 2.95 -7.63
N ASP A 132 -14.70 2.13 -8.65
CA ASP A 132 -15.68 1.05 -8.55
C ASP A 132 -15.13 -0.15 -7.76
N PHE A 133 -13.87 -0.50 -8.01
CA PHE A 133 -13.16 -1.60 -7.34
C PHE A 133 -12.79 -1.24 -5.90
N LEU A 134 -12.29 -0.02 -5.66
CA LEU A 134 -11.95 0.45 -4.33
C LEU A 134 -13.18 0.47 -3.42
N TYR A 135 -14.36 0.86 -3.93
CA TYR A 135 -15.63 0.73 -3.20
C TYR A 135 -16.00 -0.74 -2.95
N ASP A 136 -15.98 -1.58 -3.99
CA ASP A 136 -16.31 -3.00 -3.89
C ASP A 136 -15.39 -3.80 -2.93
N GLU A 137 -14.15 -3.32 -2.73
CA GLU A 137 -13.19 -3.91 -1.79
C GLU A 137 -13.45 -3.47 -0.34
N VAL A 138 -13.82 -2.21 -0.08
CA VAL A 138 -14.11 -1.73 1.29
C VAL A 138 -15.55 -2.08 1.74
N HIS A 139 -16.50 -2.09 0.81
CA HIS A 139 -17.91 -2.51 0.98
C HIS A 139 -18.25 -3.70 0.06
N PRO A 140 -17.73 -4.92 0.35
CA PRO A 140 -18.04 -6.13 -0.41
C PRO A 140 -19.46 -6.66 -0.15
N LYS A 141 -19.87 -7.66 -0.95
CA LYS A 141 -21.17 -8.37 -0.84
C LYS A 141 -21.20 -9.45 0.26
N GLN A 142 -20.19 -9.48 1.13
CA GLN A 142 -19.99 -10.41 2.25
C GLN A 142 -21.19 -10.43 3.23
N ALA A 1 3.45 -8.42 15.89
CA ALA A 1 3.54 -9.24 14.65
C ALA A 1 3.04 -10.67 14.88
N GLN A 2 2.49 -11.31 13.82
CA GLN A 2 1.86 -12.64 13.90
C GLN A 2 2.85 -13.82 13.88
N GLY A 3 4.13 -13.59 13.55
CA GLY A 3 5.15 -14.65 13.50
C GLY A 3 6.51 -14.23 12.92
N VAL A 4 6.49 -13.30 11.96
CA VAL A 4 7.68 -12.72 11.30
C VAL A 4 7.49 -11.22 11.03
N ALA A 5 8.59 -10.46 11.06
CA ALA A 5 8.61 -9.02 10.75
C ALA A 5 9.99 -8.54 10.27
N PHE A 6 10.00 -7.37 9.63
CA PHE A 6 11.18 -6.71 9.03
C PHE A 6 11.06 -5.18 9.17
N PRO A 7 12.19 -4.42 9.14
CA PRO A 7 12.21 -2.97 9.33
C PRO A 7 11.70 -2.18 8.10
N ILE A 8 11.67 -0.84 8.27
CA ILE A 8 11.43 0.15 7.22
C ILE A 8 12.59 1.16 7.16
N SER A 9 12.94 1.61 5.96
CA SER A 9 13.94 2.65 5.75
C SER A 9 13.39 4.05 6.05
N ARG A 10 14.29 5.00 6.30
CA ARG A 10 13.96 6.40 6.63
C ARG A 10 13.11 7.04 5.54
N ASP A 11 13.50 6.93 4.27
CA ASP A 11 12.79 7.60 3.16
C ASP A 11 11.36 7.07 2.98
N ALA A 12 11.16 5.75 3.11
CA ALA A 12 9.82 5.15 3.01
C ALA A 12 8.91 5.65 4.15
N PHE A 13 9.43 5.70 5.38
CA PHE A 13 8.68 6.20 6.53
C PHE A 13 8.45 7.72 6.47
N GLN A 14 9.39 8.50 5.92
CA GLN A 14 9.32 9.95 5.73
C GLN A 14 8.20 10.39 4.78
N ALA A 15 7.75 9.49 3.91
CA ALA A 15 6.57 9.69 3.06
C ALA A 15 5.27 9.29 3.77
N LEU A 16 5.21 8.11 4.41
CA LEU A 16 4.04 7.62 5.16
C LEU A 16 3.63 8.52 6.33
N GLU A 17 4.59 9.12 7.03
CA GLU A 17 4.31 10.07 8.11
C GLU A 17 3.61 11.36 7.65
N LYS A 18 3.69 11.71 6.35
CA LYS A 18 3.02 12.89 5.73
C LYS A 18 1.75 12.49 4.99
N LEU A 19 1.69 11.29 4.41
CA LEU A 19 0.46 10.65 3.93
C LEU A 19 -0.60 10.54 5.04
N SER A 20 -0.16 10.37 6.30
CA SER A 20 -1.03 10.31 7.49
C SER A 20 -1.70 11.65 7.83
N LYS A 21 -1.42 12.72 7.07
CA LYS A 21 -2.04 14.06 7.19
C LYS A 21 -2.51 14.58 5.82
N LYS A 22 -2.81 13.68 4.89
CA LYS A 22 -3.29 13.95 3.52
C LYS A 22 -2.37 14.88 2.68
N GLN A 23 -1.06 14.93 2.99
CA GLN A 23 -0.14 15.88 2.33
C GLN A 23 0.27 15.41 0.93
N LEU A 24 0.25 14.09 0.69
CA LEU A 24 0.76 13.45 -0.52
C LEU A 24 -0.37 12.73 -1.27
N ASN A 25 -0.99 11.74 -0.62
CA ASN A 25 -1.99 10.81 -1.18
C ASN A 25 -1.50 9.87 -2.32
N TYR A 26 -0.20 9.87 -2.65
CA TYR A 26 0.37 9.14 -3.80
C TYR A 26 1.80 8.61 -3.57
N VAL A 27 2.02 7.83 -2.50
CA VAL A 27 3.34 7.25 -2.16
C VAL A 27 3.54 5.88 -2.83
N GLN A 28 4.76 5.65 -3.32
CA GLN A 28 5.20 4.45 -4.05
C GLN A 28 6.53 3.95 -3.45
N LEU A 29 6.60 2.65 -3.14
CA LEU A 29 7.69 2.01 -2.41
C LEU A 29 8.26 0.81 -3.18
N GLU A 30 9.38 0.25 -2.69
CA GLU A 30 9.91 -1.06 -3.07
C GLU A 30 10.79 -1.66 -1.95
N ILE A 31 10.97 -2.97 -1.93
CA ILE A 31 11.96 -3.64 -1.07
C ILE A 31 13.41 -3.37 -1.54
N ASP A 32 14.36 -3.49 -0.60
CA ASP A 32 15.81 -3.42 -0.79
C ASP A 32 16.44 -4.66 -0.15
N ILE A 33 16.47 -5.78 -0.89
CA ILE A 33 16.95 -7.09 -0.42
C ILE A 33 18.37 -7.02 0.17
N LYS A 34 19.19 -6.06 -0.27
CA LYS A 34 20.54 -5.78 0.25
C LYS A 34 20.56 -5.47 1.76
N ASN A 35 19.45 -4.96 2.29
CA ASN A 35 19.24 -4.63 3.71
C ASN A 35 17.90 -5.19 4.26
N GLU A 36 17.20 -6.03 3.49
CA GLU A 36 15.90 -6.64 3.81
C GLU A 36 14.86 -5.64 4.37
N THR A 37 14.70 -4.48 3.72
CA THR A 37 13.88 -3.35 4.21
C THR A 37 13.10 -2.67 3.08
N ILE A 38 12.00 -1.99 3.39
CA ILE A 38 11.26 -1.19 2.39
C ILE A 38 11.90 0.19 2.27
N ILE A 39 12.18 0.62 1.03
CA ILE A 39 12.68 1.95 0.67
C ILE A 39 11.66 2.72 -0.18
N LEU A 40 11.81 4.05 -0.21
CA LEU A 40 11.00 4.91 -1.08
C LEU A 40 11.37 4.70 -2.56
N ALA A 41 10.40 4.91 -3.44
CA ALA A 41 10.58 4.77 -4.89
C ALA A 41 10.06 5.98 -5.70
N ASN A 42 8.88 6.51 -5.36
CA ASN A 42 8.33 7.71 -6.00
C ASN A 42 7.26 8.41 -5.10
N THR A 43 7.05 9.71 -5.31
CA THR A 43 6.01 10.52 -4.64
C THR A 43 5.40 11.58 -5.57
N GLU A 44 5.47 11.37 -6.89
CA GLU A 44 4.84 12.25 -7.89
C GLU A 44 3.32 12.03 -7.98
N ASN A 45 2.59 13.05 -8.45
CA ASN A 45 1.13 13.08 -8.42
C ASN A 45 0.46 11.85 -9.07
N THR A 46 -0.53 11.27 -8.39
CA THR A 46 -1.32 10.12 -8.86
C THR A 46 -2.76 10.22 -8.32
N GLU A 47 -3.74 9.81 -9.14
CA GLU A 47 -5.16 9.71 -8.77
C GLU A 47 -5.65 8.26 -8.90
N LEU A 48 -6.83 7.93 -8.38
CA LEU A 48 -7.37 6.55 -8.39
C LEU A 48 -7.66 5.97 -9.79
N ARG A 49 -7.73 6.86 -10.79
CA ARG A 49 -7.81 6.58 -12.24
C ARG A 49 -6.44 6.41 -12.92
N ASP A 50 -5.36 6.73 -12.21
CA ASP A 50 -3.97 6.80 -12.69
C ASP A 50 -3.04 5.82 -11.96
N LEU A 51 -3.52 5.18 -10.88
CA LEU A 51 -2.84 4.10 -10.16
C LEU A 51 -2.35 2.97 -11.08
N PRO A 52 -3.14 2.49 -12.07
CA PRO A 52 -2.77 1.36 -12.93
C PRO A 52 -1.47 1.57 -13.74
N LYS A 53 -1.03 2.83 -13.88
CA LYS A 53 0.22 3.21 -14.57
C LYS A 53 1.42 3.39 -13.62
N ARG A 54 1.19 3.38 -12.30
CA ARG A 54 2.25 3.30 -11.27
C ARG A 54 2.58 1.86 -10.90
N ILE A 55 1.56 0.99 -10.84
CA ILE A 55 1.74 -0.44 -10.49
C ILE A 55 2.54 -1.19 -11.60
N PRO A 56 3.56 -2.01 -11.26
CA PRO A 56 4.24 -2.90 -12.19
C PRO A 56 3.44 -4.18 -12.49
N LYS A 57 3.93 -5.00 -13.44
CA LYS A 57 3.32 -6.28 -13.84
C LYS A 57 4.30 -7.47 -13.85
N ASP A 58 5.50 -7.29 -13.28
CA ASP A 58 6.61 -8.25 -13.35
C ASP A 58 7.44 -8.37 -12.04
N SER A 59 6.98 -7.78 -10.94
CA SER A 59 7.63 -7.84 -9.60
C SER A 59 6.62 -7.50 -8.50
N ALA A 60 6.83 -7.94 -7.26
CA ALA A 60 6.08 -7.42 -6.12
C ALA A 60 6.42 -5.93 -5.86
N ARG A 61 5.47 -5.18 -5.29
CA ARG A 61 5.58 -3.73 -5.07
C ARG A 61 4.55 -3.23 -4.03
N TYR A 62 4.86 -2.13 -3.32
CA TYR A 62 3.98 -1.51 -2.31
C TYR A 62 3.60 -0.08 -2.65
N HIS A 63 2.37 0.32 -2.30
CA HIS A 63 1.74 1.58 -2.71
C HIS A 63 0.75 2.04 -1.62
N PHE A 64 0.50 3.34 -1.50
CA PHE A 64 -0.54 3.88 -0.63
C PHE A 64 -1.34 5.01 -1.29
N PHE A 65 -2.65 5.05 -1.00
CA PHE A 65 -3.60 6.04 -1.51
C PHE A 65 -4.45 6.63 -0.36
N LEU A 66 -5.19 7.72 -0.59
CA LEU A 66 -6.22 8.25 0.31
C LEU A 66 -7.62 8.10 -0.33
N TYR A 67 -8.24 6.93 -0.17
CA TYR A 67 -9.62 6.74 -0.64
C TYR A 67 -10.63 7.52 0.21
N LYS A 68 -11.67 8.03 -0.46
CA LYS A 68 -12.64 8.97 0.10
C LYS A 68 -14.02 8.73 -0.51
N HIS A 69 -14.99 8.50 0.37
CA HIS A 69 -16.31 7.93 0.05
C HIS A 69 -17.41 8.46 0.99
N SER A 70 -18.63 7.93 0.86
CA SER A 70 -19.77 8.31 1.70
C SER A 70 -20.70 7.13 1.99
N HIS A 71 -21.25 7.10 3.20
CA HIS A 71 -22.31 6.16 3.63
C HIS A 71 -23.09 6.68 4.85
N GLU A 72 -24.30 6.14 5.05
CA GLU A 72 -25.25 6.49 6.13
C GLU A 72 -25.50 8.01 6.33
N GLY A 73 -25.40 8.78 5.24
CA GLY A 73 -25.65 10.22 5.21
C GLY A 73 -24.44 11.10 5.55
N ASP A 74 -23.21 10.57 5.47
CA ASP A 74 -21.97 11.30 5.77
C ASP A 74 -20.82 10.93 4.82
N TYR A 75 -19.77 11.74 4.84
CA TYR A 75 -18.60 11.66 3.99
C TYR A 75 -17.34 11.43 4.83
N LEU A 76 -16.53 10.46 4.38
CA LEU A 76 -15.44 9.85 5.14
C LEU A 76 -14.22 9.61 4.23
N GLU A 77 -13.03 9.67 4.81
CA GLU A 77 -11.76 9.53 4.08
C GLU A 77 -10.62 9.05 5.00
N SER A 78 -9.77 8.16 4.49
CA SER A 78 -8.58 7.64 5.19
C SER A 78 -7.58 6.94 4.25
N VAL A 79 -6.42 6.53 4.77
CA VAL A 79 -5.35 5.85 4.02
C VAL A 79 -5.81 4.46 3.52
N VAL A 80 -5.28 4.00 2.39
CA VAL A 80 -5.43 2.64 1.86
C VAL A 80 -4.05 2.01 1.75
N PHE A 81 -3.90 0.78 2.26
CA PHE A 81 -2.75 -0.05 1.97
C PHE A 81 -3.03 -0.85 0.70
N ILE A 82 -2.18 -0.68 -0.34
CA ILE A 82 -2.28 -1.40 -1.61
C ILE A 82 -0.99 -2.21 -1.84
N TYR A 83 -1.13 -3.49 -2.20
CA TYR A 83 -0.03 -4.40 -2.53
C TYR A 83 -0.19 -4.94 -3.95
N SER A 84 0.93 -5.09 -4.66
CA SER A 84 1.02 -5.76 -5.95
C SER A 84 1.96 -6.96 -5.89
N MET A 85 1.52 -8.08 -6.47
CA MET A 85 2.30 -9.31 -6.66
C MET A 85 1.76 -10.12 -7.84
N PRO A 86 2.53 -10.33 -8.94
CA PRO A 86 2.05 -11.06 -10.10
C PRO A 86 1.91 -12.57 -9.84
N GLY A 87 2.86 -13.16 -9.11
CA GLY A 87 2.94 -14.60 -8.82
C GLY A 87 3.48 -15.45 -9.97
N TYR A 88 3.13 -15.12 -11.21
CA TYR A 88 3.55 -15.83 -12.42
C TYR A 88 5.02 -15.60 -12.85
N THR A 89 5.69 -14.56 -12.31
CA THR A 89 7.08 -14.22 -12.71
C THR A 89 7.99 -13.64 -11.61
N CYS A 90 7.46 -13.09 -10.51
CA CYS A 90 8.31 -12.57 -9.41
C CYS A 90 9.14 -13.69 -8.74
N SER A 91 10.34 -13.34 -8.25
CA SER A 91 11.26 -14.30 -7.62
C SER A 91 10.79 -14.68 -6.22
N ILE A 92 11.03 -15.93 -5.82
CA ILE A 92 10.65 -16.47 -4.49
C ILE A 92 11.22 -15.60 -3.36
N ARG A 93 12.49 -15.20 -3.50
CA ARG A 93 13.26 -14.48 -2.48
C ARG A 93 12.89 -13.00 -2.43
N GLU A 94 12.32 -12.46 -3.52
CA GLU A 94 11.69 -11.15 -3.51
C GLU A 94 10.33 -11.22 -2.80
N ARG A 95 9.41 -12.06 -3.29
CA ARG A 95 8.01 -12.06 -2.83
C ARG A 95 7.82 -12.51 -1.38
N MET A 96 8.71 -13.33 -0.84
CA MET A 96 8.66 -13.71 0.58
C MET A 96 9.05 -12.55 1.50
N LEU A 97 9.95 -11.65 1.07
CA LEU A 97 10.34 -10.46 1.83
C LEU A 97 9.19 -9.44 1.86
N TYR A 98 8.58 -9.12 0.72
CA TYR A 98 7.34 -8.33 0.69
C TYR A 98 6.27 -8.97 1.58
N SER A 99 5.98 -10.27 1.40
CA SER A 99 4.91 -10.97 2.15
C SER A 99 5.18 -11.05 3.66
N SER A 100 6.44 -11.00 4.09
CA SER A 100 6.83 -10.93 5.51
C SER A 100 6.74 -9.51 6.09
N CYS A 101 6.91 -8.47 5.25
CA CYS A 101 6.69 -7.07 5.63
C CYS A 101 5.21 -6.71 5.75
N LYS A 102 4.32 -7.43 5.05
CA LYS A 102 2.87 -7.20 4.97
C LYS A 102 2.12 -7.13 6.31
N SER A 103 2.75 -7.63 7.37
CA SER A 103 2.23 -7.65 8.75
C SER A 103 2.71 -6.43 9.56
N PRO A 104 4.03 -6.17 9.73
CA PRO A 104 4.51 -4.98 10.44
C PRO A 104 4.20 -3.66 9.73
N LEU A 105 4.10 -3.63 8.38
CA LEU A 105 3.69 -2.43 7.65
C LEU A 105 2.33 -1.88 8.09
N LEU A 106 1.41 -2.77 8.47
CA LEU A 106 0.09 -2.40 9.00
C LEU A 106 0.19 -1.86 10.43
N GLU A 107 1.07 -2.42 11.26
CA GLU A 107 1.33 -1.97 12.62
C GLU A 107 2.06 -0.60 12.64
N ILE A 108 2.90 -0.33 11.64
CA ILE A 108 3.55 0.99 11.50
C ILE A 108 2.50 2.08 11.23
N VAL A 109 1.57 1.90 10.28
CA VAL A 109 0.53 2.93 10.05
C VAL A 109 -0.51 2.97 11.18
N GLU A 110 -0.96 1.82 11.69
CA GLU A 110 -1.99 1.78 12.75
C GLU A 110 -1.49 2.19 14.13
N ARG A 111 -0.20 1.94 14.48
CA ARG A 111 0.33 2.12 15.85
C ARG A 111 1.56 3.03 15.95
N GLN A 112 2.51 2.97 15.01
CA GLN A 112 3.69 3.86 15.00
C GLN A 112 3.34 5.27 14.46
N LEU A 113 2.33 5.37 13.59
CA LEU A 113 1.75 6.62 13.05
C LEU A 113 0.34 6.91 13.59
N GLN A 114 -0.25 5.99 14.37
CA GLN A 114 -1.57 6.11 15.02
C GLN A 114 -2.69 6.56 14.05
N MET A 115 -2.66 6.08 12.81
CA MET A 115 -3.48 6.56 11.69
C MET A 115 -4.49 5.51 11.23
N ASP A 116 -5.72 5.97 10.95
CA ASP A 116 -6.82 5.14 10.42
C ASP A 116 -6.52 4.64 8.99
N VAL A 117 -7.04 3.45 8.67
CA VAL A 117 -6.86 2.78 7.36
C VAL A 117 -8.18 2.19 6.87
N ILE A 118 -8.54 2.53 5.63
CA ILE A 118 -9.76 2.13 4.92
C ILE A 118 -9.81 0.61 4.71
N ARG A 119 -8.79 0.05 4.06
CA ARG A 119 -8.66 -1.38 3.69
C ARG A 119 -7.22 -1.79 3.37
N LYS A 120 -7.04 -3.10 3.19
CA LYS A 120 -5.79 -3.79 2.85
C LYS A 120 -5.92 -4.50 1.49
N ILE A 121 -6.10 -3.67 0.46
CA ILE A 121 -6.41 -4.05 -0.93
C ILE A 121 -5.18 -4.70 -1.60
N GLU A 122 -5.41 -5.68 -2.48
CA GLU A 122 -4.36 -6.46 -3.15
C GLU A 122 -4.74 -6.76 -4.61
N ILE A 123 -3.79 -6.53 -5.54
CA ILE A 123 -3.93 -6.73 -7.00
C ILE A 123 -2.69 -7.43 -7.58
N ASP A 124 -2.74 -7.83 -8.86
CA ASP A 124 -1.65 -8.59 -9.51
C ASP A 124 -0.85 -7.78 -10.55
N ASN A 125 -1.50 -6.80 -11.18
CA ASN A 125 -0.91 -5.91 -12.21
C ASN A 125 -1.47 -4.46 -12.16
N GLY A 126 -2.43 -4.19 -11.28
CA GLY A 126 -2.96 -2.84 -11.00
C GLY A 126 -4.02 -2.34 -11.97
N ASP A 127 -4.32 -3.07 -13.05
CA ASP A 127 -5.38 -2.73 -14.02
C ASP A 127 -6.77 -2.60 -13.36
N GLU A 128 -6.95 -3.28 -12.22
CA GLU A 128 -8.19 -3.28 -11.45
C GLU A 128 -8.33 -2.06 -10.52
N LEU A 129 -7.30 -1.21 -10.32
CA LEU A 129 -7.41 -0.05 -9.44
C LEU A 129 -8.24 1.07 -10.11
N THR A 130 -9.43 1.31 -9.56
CA THR A 130 -10.43 2.29 -10.02
C THR A 130 -11.40 2.59 -8.87
N ALA A 131 -12.09 3.73 -8.92
CA ALA A 131 -13.06 4.14 -7.91
C ALA A 131 -14.18 3.10 -7.68
N ASP A 132 -14.48 2.27 -8.68
CA ASP A 132 -15.48 1.19 -8.57
C ASP A 132 -14.93 0.00 -7.78
N PHE A 133 -13.65 -0.34 -7.98
CA PHE A 133 -12.96 -1.41 -7.26
C PHE A 133 -12.64 -1.02 -5.83
N LEU A 134 -12.15 0.21 -5.61
CA LEU A 134 -11.91 0.75 -4.27
C LEU A 134 -13.22 0.84 -3.45
N TYR A 135 -14.37 1.10 -4.09
CA TYR A 135 -15.67 0.97 -3.40
C TYR A 135 -15.99 -0.49 -3.06
N ASP A 136 -15.94 -1.40 -4.04
CA ASP A 136 -16.30 -2.82 -3.85
C ASP A 136 -15.38 -3.58 -2.86
N GLU A 137 -14.12 -3.17 -2.74
CA GLU A 137 -13.16 -3.69 -1.76
C GLU A 137 -13.48 -3.25 -0.31
N VAL A 138 -14.10 -2.07 -0.17
CA VAL A 138 -14.36 -1.43 1.13
C VAL A 138 -15.81 -1.66 1.60
N HIS A 139 -16.74 -1.84 0.65
CA HIS A 139 -18.13 -2.26 0.85
C HIS A 139 -18.43 -3.62 0.16
N PRO A 140 -17.78 -4.73 0.60
CA PRO A 140 -18.00 -6.08 0.06
C PRO A 140 -19.39 -6.63 0.41
N LYS A 141 -19.76 -7.74 -0.26
CA LYS A 141 -21.07 -8.42 -0.13
C LYS A 141 -21.20 -9.36 1.09
N GLN A 142 -20.28 -9.25 2.06
CA GLN A 142 -20.18 -10.06 3.28
C GLN A 142 -19.69 -9.23 4.47
#